data_3FCJ
#
_entry.id   3FCJ
#
_cell.length_a   108.763
_cell.length_b   108.763
_cell.length_c   340.897
_cell.angle_alpha   90.00
_cell.angle_beta   90.00
_cell.angle_gamma   120.00
#
_symmetry.space_group_name_H-M   'P 32 2 1'
#
loop_
_entity.id
_entity.type
_entity.pdbx_description
1 polymer 'Nitroalkane oxidase'
2 non-polymer 'FLAVIN-ADENINE DINUCLEOTIDE'
3 non-polymer nitroethane
4 non-polymer GLYCEROL
5 water water
#
_entity_poly.entity_id   1
_entity_poly.type   'polypeptide(L)'
_entity_poly.pdbx_seq_one_letter_code
;VDFKLSPSQLEARRHAQAFANTVLTKASAEYSTQKDQLSRFQATRPFYREAVRHGLIKAQVPIPLGGTMESLVHESIILE
ELFAVEPATSITIVATALGLMPVILCDSPSLQEKFLKPFISGEGEPLASLMHSEPNGTANWLQKGGPGLQTTARKVGNEW
VISGEKLWPSNSGGWDYKGADLACVVCRVSDDPSKPQDPNVDPATQIAVLLVTRETIANNKKDAYQILGEPELAGHITTS
GPHTRFTEFHVPHENLLCTPGLKAQGLVETAFAMSAALVGAMAIGTARAAFEEALVFAKSDTRGGSKHIIEHQSVADKLI
DCKIRLETSRLLVWKAVTTLEDEALEWKVKLEMAMQTKIYTTDVAVECVIDAMKAVGMKSYAKDMSFPRLLNEVMCYPLF
NGGNIGLRRRQMQRVMALEDYEPWAATYGSSKVDKSRL
;
_entity_poly.pdbx_strand_id   A,B,C,D
#
loop_
_chem_comp.id
_chem_comp.type
_chem_comp.name
_chem_comp.formula
FAD non-polymer 'FLAVIN-ADENINE DINUCLEOTIDE' 'C27 H33 N9 O15 P2'
GOL non-polymer GLYCEROL 'C3 H8 O3'
NIE non-polymer nitroethane 'C2 H5 N O2'
#
# COMPACT_ATOMS: atom_id res chain seq x y z
N VAL A 1 -20.61 -3.02 -25.79
CA VAL A 1 -20.20 -3.83 -24.61
C VAL A 1 -21.38 -4.04 -23.61
N ASP A 2 -21.33 -5.16 -22.89
CA ASP A 2 -22.50 -5.66 -22.18
C ASP A 2 -22.12 -6.38 -20.90
N PHE A 3 -22.86 -6.08 -19.83
CA PHE A 3 -22.61 -6.73 -18.55
C PHE A 3 -23.81 -7.52 -18.00
N LYS A 4 -24.94 -7.47 -18.72
CA LYS A 4 -26.15 -8.23 -18.36
C LYS A 4 -25.93 -9.74 -18.37
N LEU A 5 -26.61 -10.42 -17.45
CA LEU A 5 -26.47 -11.89 -17.33
C LEU A 5 -27.68 -12.57 -17.94
N SER A 6 -27.44 -13.70 -18.61
CA SER A 6 -28.52 -14.42 -19.23
C SER A 6 -29.25 -15.28 -18.19
N PRO A 7 -30.53 -15.62 -18.45
CA PRO A 7 -31.28 -16.57 -17.64
C PRO A 7 -30.47 -17.77 -17.13
N SER A 8 -29.64 -18.37 -17.98
CA SER A 8 -28.90 -19.59 -17.60
C SER A 8 -27.65 -19.30 -16.75
N GLN A 9 -27.06 -18.11 -16.93
CA GLN A 9 -26.05 -17.61 -16.00
C GLN A 9 -26.67 -17.26 -14.66
N LEU A 10 -27.84 -16.63 -14.70
CA LEU A 10 -28.59 -16.39 -13.47
C LEU A 10 -29.00 -17.73 -12.78
N GLU A 11 -29.46 -18.70 -13.57
CA GLU A 11 -29.74 -20.06 -13.07
C GLU A 11 -28.49 -20.79 -12.58
N ALA A 12 -27.36 -20.60 -13.24
CA ALA A 12 -26.15 -21.32 -12.84
C ALA A 12 -25.72 -20.90 -11.42
N ARG A 13 -26.00 -19.64 -11.11
CA ARG A 13 -25.69 -19.07 -9.81
C ARG A 13 -26.69 -19.56 -8.77
N ARG A 14 -27.98 -19.49 -9.10
CA ARG A 14 -29.02 -19.99 -8.21
C ARG A 14 -28.73 -21.45 -7.88
N HIS A 15 -28.42 -22.26 -8.90
CA HIS A 15 -28.09 -23.66 -8.69
C HIS A 15 -26.85 -23.84 -7.81
N ALA A 16 -25.79 -23.08 -8.07
CA ALA A 16 -24.58 -23.18 -7.24
C ALA A 16 -24.81 -22.68 -5.80
N GLN A 17 -25.59 -21.60 -5.64
CA GLN A 17 -25.99 -21.11 -4.31
C GLN A 17 -26.74 -22.17 -3.50
N ALA A 18 -27.88 -22.66 -4.06
CA ALA A 18 -28.63 -23.82 -3.54
C ALA A 18 -27.72 -24.97 -3.13
N PHE A 19 -26.85 -25.42 -4.03
CA PHE A 19 -25.97 -26.51 -3.69
C PHE A 19 -25.08 -26.20 -2.47
N ALA A 20 -24.55 -24.98 -2.42
CA ALA A 20 -23.66 -24.59 -1.35
C ALA A 20 -24.36 -24.60 0.01
N ASN A 21 -25.54 -24.00 0.07
CA ASN A 21 -26.29 -23.87 1.33
C ASN A 21 -26.93 -25.16 1.85
N THR A 22 -27.54 -25.94 0.95
CA THR A 22 -28.13 -27.24 1.28
C THR A 22 -27.09 -28.32 1.56
N VAL A 23 -25.99 -28.35 0.79
CA VAL A 23 -25.06 -29.51 0.85
C VAL A 23 -23.69 -29.27 1.50
N LEU A 24 -23.07 -28.14 1.19
CA LEU A 24 -21.67 -27.86 1.58
C LEU A 24 -21.56 -27.37 3.00
N THR A 25 -22.59 -26.66 3.46
CA THR A 25 -22.71 -26.26 4.87
C THR A 25 -22.66 -27.46 5.84
N LYS A 26 -23.08 -28.64 5.38
CA LYS A 26 -23.13 -29.84 6.23
C LYS A 26 -21.78 -30.52 6.37
N ALA A 27 -20.77 -30.02 5.65
CA ALA A 27 -19.48 -30.72 5.51
C ALA A 27 -18.58 -30.53 6.70
N SER A 28 -18.61 -29.34 7.26
CA SER A 28 -17.78 -29.03 8.42
C SER A 28 -17.95 -30.03 9.57
N ALA A 29 -19.20 -30.38 9.86
CA ALA A 29 -19.54 -31.34 10.93
C ALA A 29 -18.80 -32.68 10.74
N GLU A 30 -18.60 -33.07 9.48
CA GLU A 30 -17.93 -34.33 9.13
C GLU A 30 -16.41 -34.26 9.13
N TYR A 31 -15.83 -33.18 8.60
CA TYR A 31 -14.36 -33.11 8.54
C TYR A 31 -13.71 -32.52 9.77
N SER A 32 -14.41 -31.63 10.48
CA SER A 32 -13.85 -30.96 11.68
C SER A 32 -13.33 -31.88 12.78
N THR A 33 -13.79 -33.15 12.76
CA THR A 33 -13.43 -34.13 13.77
C THR A 33 -12.23 -35.01 13.35
N GLN A 34 -11.81 -34.93 12.10
CA GLN A 34 -10.77 -35.83 11.65
C GLN A 34 -9.39 -35.39 12.07
N LYS A 35 -8.49 -36.34 12.19
CA LYS A 35 -7.19 -36.11 12.80
C LYS A 35 -6.13 -35.46 11.90
N ASP A 36 -6.28 -35.60 10.58
CA ASP A 36 -5.26 -35.14 9.63
C ASP A 36 -5.81 -34.72 8.28
N GLN A 37 -4.94 -34.22 7.38
CA GLN A 37 -5.37 -33.76 6.05
C GLN A 37 -6.08 -34.88 5.30
N LEU A 38 -5.47 -36.07 5.25
CA LEU A 38 -6.06 -37.16 4.47
C LEU A 38 -7.45 -37.55 4.97
N SER A 39 -7.61 -37.70 6.29
CA SER A 39 -8.90 -38.06 6.88
C SER A 39 -9.97 -37.04 6.58
N ARG A 40 -9.60 -35.77 6.75
CA ARG A 40 -10.44 -34.63 6.38
C ARG A 40 -10.77 -34.60 4.86
N PHE A 41 -9.79 -34.94 4.02
CA PHE A 41 -10.09 -35.19 2.59
C PHE A 41 -11.10 -36.37 2.43
N GLN A 42 -10.79 -37.52 3.04
CA GLN A 42 -11.69 -38.69 3.00
C GLN A 42 -13.13 -38.41 3.50
N ALA A 43 -13.27 -37.65 4.60
CA ALA A 43 -14.60 -37.22 5.13
C ALA A 43 -15.39 -36.31 4.21
N THR A 44 -14.75 -35.91 3.10
CA THR A 44 -15.28 -34.95 2.13
C THR A 44 -15.99 -35.67 0.96
N ARG A 45 -15.60 -36.92 0.78
CA ARG A 45 -16.11 -37.76 -0.32
C ARG A 45 -17.61 -37.77 -0.61
N PRO A 46 -18.48 -37.87 0.42
CA PRO A 46 -19.93 -37.78 0.22
C PRO A 46 -20.42 -36.45 -0.32
N PHE A 47 -19.65 -35.39 -0.10
CA PHE A 47 -20.03 -34.09 -0.63
C PHE A 47 -19.63 -33.96 -2.12
N TYR A 48 -18.45 -34.47 -2.46
CA TYR A 48 -18.08 -34.62 -3.86
C TYR A 48 -19.07 -35.52 -4.61
N ARG A 49 -19.49 -36.62 -3.97
CA ARG A 49 -20.59 -37.46 -4.49
C ARG A 49 -21.82 -36.62 -4.81
N GLU A 50 -22.25 -35.75 -3.90
CA GLU A 50 -23.41 -34.90 -4.19
C GLU A 50 -23.18 -33.89 -5.33
N ALA A 51 -21.93 -33.44 -5.45
CA ALA A 51 -21.56 -32.46 -6.45
C ALA A 51 -21.64 -33.12 -7.83
N VAL A 52 -21.13 -34.34 -7.95
CA VAL A 52 -21.29 -35.12 -9.18
C VAL A 52 -22.76 -35.30 -9.47
N ARG A 53 -23.55 -35.65 -8.45
CA ARG A 53 -24.99 -35.88 -8.63
C ARG A 53 -25.71 -34.60 -9.13
N HIS A 54 -25.22 -33.44 -8.70
CA HIS A 54 -25.79 -32.16 -9.14
C HIS A 54 -25.24 -31.69 -10.48
N GLY A 55 -24.33 -32.48 -11.06
CA GLY A 55 -23.82 -32.19 -12.40
C GLY A 55 -22.61 -31.29 -12.46
N LEU A 56 -22.09 -30.93 -11.29
CA LEU A 56 -20.99 -29.99 -11.15
C LEU A 56 -19.65 -30.46 -11.75
N ILE A 57 -19.44 -31.77 -11.78
CA ILE A 57 -18.22 -32.32 -12.41
C ILE A 57 -18.39 -32.34 -13.94
N LYS A 58 -19.62 -32.60 -14.38
CA LYS A 58 -19.94 -32.69 -15.79
C LYS A 58 -19.78 -31.29 -16.41
N ALA A 59 -20.08 -30.27 -15.60
CA ALA A 59 -20.01 -28.86 -15.99
C ALA A 59 -18.59 -28.29 -16.04
N GLN A 60 -17.59 -29.14 -15.77
CA GLN A 60 -16.18 -28.79 -15.92
C GLN A 60 -15.62 -29.19 -17.31
N VAL A 61 -16.52 -29.73 -18.15
CA VAL A 61 -16.18 -30.26 -19.48
C VAL A 61 -17.03 -29.55 -20.52
N PRO A 62 -16.40 -29.04 -21.59
CA PRO A 62 -17.13 -28.37 -22.68
C PRO A 62 -18.26 -29.22 -23.32
N ILE A 63 -19.32 -28.54 -23.77
CA ILE A 63 -20.46 -29.19 -24.43
C ILE A 63 -20.06 -30.11 -25.61
N PRO A 64 -19.24 -29.62 -26.59
CA PRO A 64 -18.75 -30.48 -27.70
C PRO A 64 -18.03 -31.78 -27.27
N LEU A 65 -17.60 -31.85 -26.02
CA LEU A 65 -16.84 -33.00 -25.50
C LEU A 65 -17.74 -33.88 -24.63
N GLY A 66 -19.03 -33.57 -24.60
CA GLY A 66 -20.01 -34.34 -23.83
C GLY A 66 -20.37 -33.80 -22.45
N GLY A 67 -19.74 -32.70 -22.04
CA GLY A 67 -20.03 -32.10 -20.73
C GLY A 67 -21.18 -31.11 -20.83
N THR A 68 -21.30 -30.29 -19.80
CA THR A 68 -22.39 -29.32 -19.74
C THR A 68 -21.89 -27.88 -19.52
N MET A 69 -20.57 -27.68 -19.52
CA MET A 69 -20.02 -26.34 -19.33
C MET A 69 -20.57 -25.38 -20.37
N GLU A 70 -21.33 -24.38 -19.93
CA GLU A 70 -21.95 -23.44 -20.85
C GLU A 70 -20.98 -22.33 -21.33
N SER A 71 -20.17 -21.81 -20.41
CA SER A 71 -19.09 -20.88 -20.76
C SER A 71 -18.14 -20.71 -19.57
N LEU A 72 -17.08 -19.95 -19.77
CA LEU A 72 -16.09 -19.71 -18.72
C LEU A 72 -16.63 -18.67 -17.72
N VAL A 73 -17.59 -17.87 -18.14
CA VAL A 73 -18.26 -16.94 -17.22
C VAL A 73 -19.24 -17.67 -16.30
N HIS A 74 -20.06 -18.59 -16.87
CA HIS A 74 -20.88 -19.47 -16.05
C HIS A 74 -19.99 -20.11 -14.99
N GLU A 75 -18.82 -20.58 -15.42
CA GLU A 75 -17.91 -21.27 -14.54
C GLU A 75 -17.49 -20.36 -13.39
N SER A 76 -17.18 -19.10 -13.73
CA SER A 76 -16.73 -18.10 -12.78
C SER A 76 -17.77 -17.81 -11.72
N ILE A 77 -19.01 -17.65 -12.17
CA ILE A 77 -20.15 -17.45 -11.30
C ILE A 77 -20.31 -18.62 -10.31
N ILE A 78 -20.20 -19.85 -10.80
CA ILE A 78 -20.31 -21.04 -9.96
C ILE A 78 -19.21 -21.07 -8.90
N LEU A 79 -17.94 -20.93 -9.33
CA LEU A 79 -16.83 -20.96 -8.37
C LEU A 79 -16.94 -19.91 -7.27
N GLU A 80 -17.47 -18.73 -7.60
CA GLU A 80 -17.53 -17.65 -6.63
C GLU A 80 -18.58 -17.97 -5.55
N GLU A 81 -19.76 -18.43 -6.00
CA GLU A 81 -20.82 -18.89 -5.11
C GLU A 81 -20.37 -20.02 -4.18
N LEU A 82 -19.60 -20.95 -4.71
CA LEU A 82 -19.15 -22.11 -3.94
C LEU A 82 -18.16 -21.72 -2.88
N PHE A 83 -17.15 -20.92 -3.30
CA PHE A 83 -16.09 -20.49 -2.43
C PHE A 83 -16.54 -19.43 -1.41
N ALA A 84 -17.61 -18.70 -1.74
CA ALA A 84 -18.31 -17.85 -0.76
C ALA A 84 -18.85 -18.61 0.48
N VAL A 85 -19.08 -19.92 0.37
CA VAL A 85 -19.66 -20.72 1.46
C VAL A 85 -18.65 -21.72 2.07
N GLU A 86 -18.03 -22.55 1.24
CA GLU A 86 -17.20 -23.67 1.72
C GLU A 86 -16.25 -24.17 0.63
N PRO A 87 -14.97 -23.82 0.73
CA PRO A 87 -13.99 -24.30 -0.23
C PRO A 87 -13.80 -25.81 -0.20
N ALA A 88 -14.17 -26.45 0.90
CA ALA A 88 -14.10 -27.91 0.99
C ALA A 88 -14.97 -28.50 -0.08
N THR A 89 -14.45 -29.53 -0.75
CA THR A 89 -15.11 -30.13 -1.92
C THR A 89 -15.06 -29.22 -3.16
N SER A 90 -15.46 -27.96 -3.03
CA SER A 90 -15.31 -26.94 -4.08
C SER A 90 -13.90 -26.96 -4.70
N ILE A 91 -12.89 -27.11 -3.85
CA ILE A 91 -11.51 -27.21 -4.28
C ILE A 91 -11.18 -28.56 -4.97
N THR A 92 -12.04 -29.56 -4.80
CA THR A 92 -11.80 -30.88 -5.40
C THR A 92 -12.30 -30.86 -6.83
N ILE A 93 -13.49 -30.26 -7.03
CA ILE A 93 -14.06 -29.94 -8.33
C ILE A 93 -13.13 -29.18 -9.28
N VAL A 94 -12.70 -27.97 -8.85
CA VAL A 94 -11.68 -27.19 -9.56
C VAL A 94 -10.32 -27.90 -9.72
N ALA A 95 -9.85 -28.65 -8.73
CA ALA A 95 -8.61 -29.42 -8.95
C ALA A 95 -8.79 -30.49 -10.08
N THR A 96 -10.01 -31.03 -10.14
CA THR A 96 -10.45 -32.05 -11.12
C THR A 96 -10.51 -31.42 -12.49
N ALA A 97 -11.08 -30.22 -12.58
CA ALA A 97 -11.08 -29.46 -13.83
C ALA A 97 -9.67 -29.23 -14.38
N LEU A 98 -8.72 -28.86 -13.53
CA LEU A 98 -7.36 -28.64 -14.02
C LEU A 98 -6.83 -29.90 -14.68
N GLY A 99 -7.20 -31.04 -14.08
CA GLY A 99 -6.60 -32.35 -14.35
C GLY A 99 -7.12 -32.85 -15.66
N LEU A 100 -8.37 -32.49 -15.95
CA LEU A 100 -9.05 -32.80 -17.18
C LEU A 100 -8.57 -31.94 -18.33
N MET A 101 -7.99 -30.78 -17.98
CA MET A 101 -7.69 -29.69 -18.90
C MET A 101 -6.76 -30.03 -20.08
N PRO A 102 -5.59 -30.66 -19.80
CA PRO A 102 -4.69 -31.04 -20.90
C PRO A 102 -5.36 -31.98 -21.90
N VAL A 103 -6.37 -32.71 -21.43
CA VAL A 103 -7.13 -33.63 -22.29
C VAL A 103 -8.22 -32.87 -23.06
N ILE A 104 -8.95 -32.01 -22.37
CA ILE A 104 -9.89 -31.10 -23.01
C ILE A 104 -9.22 -30.29 -24.16
N LEU A 105 -7.94 -30.00 -23.99
CA LEU A 105 -7.22 -29.05 -24.82
C LEU A 105 -6.45 -29.71 -25.97
N CYS A 106 -6.22 -31.02 -25.89
CA CYS A 106 -5.54 -31.72 -26.97
C CYS A 106 -6.45 -31.84 -28.22
N ASP A 107 -5.87 -32.18 -29.36
CA ASP A 107 -6.68 -32.24 -30.58
C ASP A 107 -6.91 -33.70 -31.00
N SER A 108 -7.06 -34.57 -30.00
CA SER A 108 -7.16 -36.00 -30.25
C SER A 108 -8.52 -36.55 -29.73
N PRO A 109 -9.53 -36.65 -30.62
CA PRO A 109 -10.89 -37.02 -30.21
C PRO A 109 -10.98 -38.37 -29.49
N SER A 110 -10.21 -39.37 -29.95
CA SER A 110 -10.26 -40.70 -29.37
C SER A 110 -9.69 -40.74 -27.96
N LEU A 111 -8.57 -40.07 -27.74
CA LEU A 111 -8.01 -39.93 -26.38
C LEU A 111 -9.00 -39.22 -25.43
N GLN A 112 -9.65 -38.15 -25.89
CA GLN A 112 -10.60 -37.42 -25.05
C GLN A 112 -11.77 -38.32 -24.65
N GLU A 113 -12.36 -38.95 -25.66
CA GLU A 113 -13.53 -39.81 -25.53
C GLU A 113 -13.36 -40.90 -24.47
N LYS A 114 -12.20 -41.52 -24.47
CA LYS A 114 -11.85 -42.55 -23.52
C LYS A 114 -11.68 -41.95 -22.10
N PHE A 115 -10.81 -40.95 -21.97
CA PHE A 115 -10.36 -40.47 -20.67
C PHE A 115 -11.33 -39.57 -19.88
N LEU A 116 -12.15 -38.84 -20.61
CA LEU A 116 -13.16 -37.98 -19.99
C LEU A 116 -14.45 -38.71 -19.64
N LYS A 117 -14.52 -40.00 -19.96
CA LYS A 117 -15.78 -40.74 -19.90
C LYS A 117 -16.37 -40.84 -18.47
N PRO A 118 -15.55 -41.22 -17.47
CA PRO A 118 -15.99 -41.24 -16.07
C PRO A 118 -16.48 -39.89 -15.56
N PHE A 119 -15.98 -38.80 -16.12
CA PHE A 119 -16.20 -37.45 -15.61
C PHE A 119 -17.44 -36.82 -16.17
N ILE A 120 -17.90 -37.30 -17.31
CA ILE A 120 -19.17 -36.80 -17.87
C ILE A 120 -20.36 -37.75 -17.58
N SER A 121 -20.08 -38.88 -16.92
CA SER A 121 -21.10 -39.94 -16.71
C SER A 121 -22.24 -39.59 -15.72
N GLY A 122 -22.05 -38.56 -14.89
CA GLY A 122 -23.07 -38.16 -13.91
C GLY A 122 -23.06 -39.04 -12.66
N GLU A 123 -22.01 -39.82 -12.48
CA GLU A 123 -21.94 -40.72 -11.34
C GLU A 123 -20.54 -41.07 -10.85
N GLY A 124 -20.48 -41.75 -9.71
CA GLY A 124 -19.22 -42.07 -9.04
C GLY A 124 -18.69 -40.85 -8.30
N GLU A 125 -17.41 -40.90 -7.95
CA GLU A 125 -16.68 -39.72 -7.47
C GLU A 125 -15.31 -39.67 -8.19
N PRO A 126 -15.31 -39.55 -9.54
CA PRO A 126 -13.99 -39.59 -10.19
C PRO A 126 -13.14 -38.30 -9.96
N LEU A 127 -11.84 -38.49 -9.78
CA LEU A 127 -10.93 -37.42 -9.43
C LEU A 127 -9.86 -37.32 -10.50
N ALA A 128 -9.61 -36.09 -11.00
CA ALA A 128 -8.49 -35.83 -11.92
C ALA A 128 -7.47 -34.93 -11.25
N SER A 129 -6.22 -35.04 -11.67
CA SER A 129 -5.16 -34.24 -11.10
C SER A 129 -4.10 -33.90 -12.17
N LEU A 130 -3.78 -32.62 -12.30
CA LEU A 130 -2.60 -32.23 -13.04
C LEU A 130 -1.35 -32.23 -12.15
N MET A 131 -0.50 -33.24 -12.36
CA MET A 131 0.71 -33.42 -11.56
C MET A 131 1.91 -32.69 -12.12
N HIS A 132 2.06 -31.44 -11.71
CA HIS A 132 3.15 -30.61 -12.20
C HIS A 132 4.19 -30.30 -11.13
N SER A 133 3.74 -29.81 -9.97
CA SER A 133 4.62 -29.35 -8.87
C SER A 133 5.55 -30.42 -8.27
N GLU A 134 6.69 -29.98 -7.76
CA GLU A 134 7.78 -30.86 -7.29
C GLU A 134 8.40 -30.35 -5.96
N PRO A 135 8.92 -31.27 -5.13
CA PRO A 135 9.56 -30.86 -3.86
C PRO A 135 10.60 -29.77 -4.02
N ASN A 136 11.37 -29.84 -5.10
CA ASN A 136 12.43 -28.87 -5.37
C ASN A 136 11.97 -27.51 -5.97
N GLY A 137 10.69 -27.37 -6.31
CA GLY A 137 10.17 -26.13 -6.85
C GLY A 137 10.04 -26.21 -8.36
N THR A 138 9.18 -25.38 -8.95
CA THR A 138 8.96 -25.37 -10.42
C THR A 138 8.98 -23.96 -11.08
N ALA A 139 9.21 -22.91 -10.29
CA ALA A 139 9.25 -21.56 -10.83
C ALA A 139 10.21 -21.51 -12.05
N ASN A 140 11.29 -22.28 -11.94
CA ASN A 140 12.34 -22.31 -12.93
C ASN A 140 12.39 -23.55 -13.81
N TRP A 141 11.26 -24.22 -14.00
CA TRP A 141 11.28 -25.49 -14.73
C TRP A 141 11.71 -25.36 -16.19
N LEU A 142 11.35 -24.23 -16.82
CA LEU A 142 11.69 -23.96 -18.22
C LEU A 142 12.97 -23.14 -18.37
N GLN A 143 13.67 -22.88 -17.26
CA GLN A 143 14.96 -22.19 -17.32
C GLN A 143 16.07 -22.99 -18.05
N LYS A 144 16.45 -22.50 -19.23
CA LYS A 144 17.59 -23.07 -19.99
C LYS A 144 18.88 -22.99 -19.19
N GLY A 145 19.54 -24.15 -19.03
CA GLY A 145 20.75 -24.24 -18.23
C GLY A 145 20.54 -24.67 -16.78
N GLY A 146 19.27 -24.80 -16.37
CA GLY A 146 18.93 -25.18 -14.98
C GLY A 146 18.64 -26.67 -14.87
N PRO A 147 18.47 -27.21 -13.65
CA PRO A 147 18.11 -28.61 -13.43
C PRO A 147 16.96 -29.12 -14.25
N GLY A 148 15.91 -28.30 -14.43
CA GLY A 148 14.64 -28.76 -15.05
C GLY A 148 13.78 -29.60 -14.10
N LEU A 149 12.64 -30.09 -14.59
CA LEU A 149 11.82 -31.00 -13.78
C LEU A 149 12.62 -32.24 -13.34
N GLN A 150 12.46 -32.63 -12.08
CA GLN A 150 13.14 -33.80 -11.53
C GLN A 150 12.35 -35.11 -11.70
N THR A 151 11.09 -35.00 -12.10
CA THR A 151 10.34 -36.15 -12.64
C THR A 151 10.63 -36.29 -14.15
N THR A 152 11.39 -37.31 -14.50
CA THR A 152 11.81 -37.56 -15.88
C THR A 152 11.08 -38.77 -16.45
N ALA A 153 11.03 -38.86 -17.78
CA ALA A 153 10.49 -40.01 -18.51
C ALA A 153 11.49 -40.40 -19.60
N ARG A 154 11.62 -41.71 -19.82
CA ARG A 154 12.43 -42.21 -20.94
C ARG A 154 11.61 -43.26 -21.62
N LYS A 155 11.81 -43.44 -22.92
CA LYS A 155 11.13 -44.52 -23.62
C LYS A 155 11.94 -45.81 -23.60
N VAL A 156 11.29 -46.85 -23.09
CA VAL A 156 11.87 -48.20 -23.02
C VAL A 156 10.97 -49.14 -23.83
N GLY A 157 11.48 -49.56 -24.98
CA GLY A 157 10.70 -50.38 -25.89
C GLY A 157 9.46 -49.62 -26.32
N ASN A 158 8.30 -50.13 -25.95
CA ASN A 158 7.00 -49.51 -26.27
C ASN A 158 6.28 -48.94 -25.01
N GLU A 159 7.07 -48.60 -24.00
CA GLU A 159 6.55 -47.97 -22.81
C GLU A 159 7.41 -46.79 -22.42
N TRP A 160 6.82 -45.87 -21.66
CA TRP A 160 7.56 -44.82 -20.99
C TRP A 160 7.81 -45.22 -19.54
N VAL A 161 8.96 -44.84 -19.01
CA VAL A 161 9.30 -45.11 -17.61
C VAL A 161 9.64 -43.82 -16.85
N ILE A 162 8.70 -43.44 -15.99
CA ILE A 162 8.77 -42.30 -15.08
C ILE A 162 9.63 -42.56 -13.83
N SER A 163 10.49 -41.60 -13.50
CA SER A 163 11.29 -41.57 -12.26
C SER A 163 11.28 -40.15 -11.66
N GLY A 164 11.00 -40.04 -10.38
CA GLY A 164 11.11 -38.76 -9.68
C GLY A 164 9.89 -38.52 -8.85
N GLU A 165 9.76 -37.31 -8.32
CA GLU A 165 8.70 -37.02 -7.35
C GLU A 165 7.86 -35.78 -7.69
N LYS A 166 6.58 -35.83 -7.29
CA LYS A 166 5.67 -34.67 -7.30
C LYS A 166 5.29 -34.28 -5.86
N LEU A 167 4.96 -33.01 -5.63
CA LEU A 167 4.43 -32.50 -4.36
C LEU A 167 3.37 -31.45 -4.67
N TRP A 168 2.25 -31.48 -3.94
CA TRP A 168 1.12 -30.52 -4.02
C TRP A 168 0.01 -30.81 -5.04
N PRO A 169 0.22 -31.70 -6.05
CA PRO A 169 -0.90 -31.86 -7.00
C PRO A 169 -2.19 -32.30 -6.32
N SER A 170 -3.18 -31.42 -6.28
CA SER A 170 -4.43 -31.73 -5.65
C SER A 170 -5.06 -32.96 -6.29
N ASN A 171 -5.62 -33.86 -5.46
CA ASN A 171 -6.30 -35.09 -5.88
C ASN A 171 -5.40 -36.20 -6.41
N SER A 172 -4.08 -36.05 -6.37
CA SER A 172 -3.24 -36.98 -7.15
C SER A 172 -3.22 -38.43 -6.64
N GLY A 173 -3.29 -38.60 -5.32
CA GLY A 173 -3.27 -39.91 -4.69
C GLY A 173 -4.63 -40.58 -4.77
N GLY A 174 -5.65 -39.83 -5.19
CA GLY A 174 -7.02 -40.35 -5.16
C GLY A 174 -7.55 -40.38 -3.73
N TRP A 175 -8.78 -40.87 -3.54
CA TRP A 175 -9.36 -41.04 -2.20
C TRP A 175 -8.60 -42.01 -1.26
N ASP A 176 -7.87 -42.98 -1.83
CA ASP A 176 -7.29 -44.10 -1.07
C ASP A 176 -5.78 -44.32 -1.26
N TYR A 177 -5.14 -43.38 -1.96
CA TYR A 177 -3.72 -43.43 -2.30
C TYR A 177 -3.37 -44.51 -3.32
N LYS A 178 -4.40 -45.04 -3.99
CA LYS A 178 -4.23 -45.90 -5.16
C LYS A 178 -4.42 -45.13 -6.48
N GLY A 179 -4.55 -43.81 -6.40
CA GLY A 179 -4.44 -42.92 -7.57
C GLY A 179 -5.72 -42.18 -7.92
N ALA A 180 -5.56 -41.03 -8.57
CA ALA A 180 -6.68 -40.31 -9.13
C ALA A 180 -7.15 -41.14 -10.30
N ASP A 181 -8.43 -41.05 -10.65
CA ASP A 181 -8.94 -41.74 -11.83
C ASP A 181 -8.20 -41.35 -13.11
N LEU A 182 -7.89 -40.06 -13.25
CA LEU A 182 -7.01 -39.54 -14.29
C LEU A 182 -5.98 -38.59 -13.69
N ALA A 183 -4.70 -38.92 -13.85
CA ALA A 183 -3.64 -37.97 -13.56
C ALA A 183 -2.78 -37.66 -14.81
N CYS A 184 -2.51 -36.37 -15.03
CA CYS A 184 -1.62 -35.92 -16.12
C CYS A 184 -0.30 -35.54 -15.50
N VAL A 185 0.70 -36.38 -15.75
CA VAL A 185 2.02 -36.26 -15.12
C VAL A 185 2.99 -35.56 -16.09
N VAL A 186 3.41 -34.36 -15.73
CA VAL A 186 4.34 -33.60 -16.54
C VAL A 186 5.76 -34.03 -16.25
N CYS A 187 6.48 -34.45 -17.28
CA CYS A 187 7.82 -35.00 -17.13
C CYS A 187 8.80 -34.29 -18.06
N ARG A 188 10.06 -34.27 -17.65
CA ARG A 188 11.15 -33.91 -18.51
C ARG A 188 11.78 -35.18 -19.11
N VAL A 189 11.82 -35.25 -20.44
CA VAL A 189 12.41 -36.41 -21.13
C VAL A 189 13.94 -36.46 -20.90
N SER A 190 14.39 -37.55 -20.30
CA SER A 190 15.81 -37.80 -20.08
C SER A 190 16.08 -39.30 -20.21
N ASP A 191 17.06 -39.65 -21.05
CA ASP A 191 17.42 -41.05 -21.25
C ASP A 191 18.20 -41.64 -20.10
N ASP A 192 19.16 -40.90 -19.54
CA ASP A 192 19.77 -41.30 -18.28
C ASP A 192 19.41 -40.28 -17.19
N PRO A 193 18.39 -40.60 -16.36
CA PRO A 193 17.94 -39.75 -15.25
C PRO A 193 19.05 -39.21 -14.33
N SER A 194 20.20 -39.88 -14.28
CA SER A 194 21.27 -39.44 -13.38
C SER A 194 22.21 -38.45 -14.08
N LYS A 195 21.83 -38.03 -15.29
CA LYS A 195 22.52 -36.99 -16.02
C LYS A 195 21.71 -35.69 -15.92
N PRO A 196 22.40 -34.58 -15.65
CA PRO A 196 21.78 -33.25 -15.68
C PRO A 196 21.19 -32.89 -17.06
N GLN A 197 20.06 -32.19 -17.06
CA GLN A 197 19.52 -31.63 -18.30
C GLN A 197 20.64 -30.95 -19.09
N ASP A 198 20.65 -31.21 -20.40
CA ASP A 198 21.63 -30.67 -21.34
C ASP A 198 21.49 -29.16 -21.32
N PRO A 199 22.53 -28.42 -20.90
CA PRO A 199 22.46 -26.93 -20.81
C PRO A 199 22.32 -26.23 -22.18
N ASN A 200 22.20 -27.02 -23.24
CA ASN A 200 22.18 -26.51 -24.59
C ASN A 200 20.90 -26.81 -25.31
N VAL A 201 20.02 -27.55 -24.64
CA VAL A 201 18.71 -27.81 -25.18
C VAL A 201 17.68 -26.98 -24.43
N ASP A 202 16.75 -26.45 -25.20
CA ASP A 202 15.69 -25.63 -24.68
C ASP A 202 14.74 -26.56 -23.93
N PRO A 203 14.53 -26.28 -22.60
CA PRO A 203 13.75 -27.17 -21.73
C PRO A 203 12.35 -27.44 -22.23
N ALA A 204 11.72 -26.47 -22.88
CA ALA A 204 10.36 -26.67 -23.39
C ALA A 204 10.28 -27.80 -24.41
N THR A 205 11.33 -27.98 -25.20
CA THR A 205 11.36 -29.05 -26.22
C THR A 205 11.35 -30.48 -25.62
N GLN A 206 11.64 -30.60 -24.32
CA GLN A 206 11.80 -31.91 -23.64
C GLN A 206 10.64 -32.32 -22.75
N ILE A 207 9.48 -31.71 -22.94
CA ILE A 207 8.40 -31.86 -21.98
C ILE A 207 7.43 -32.90 -22.46
N ALA A 208 7.14 -33.88 -21.61
CA ALA A 208 6.14 -34.88 -21.91
C ALA A 208 5.00 -34.90 -20.89
N VAL A 209 3.81 -35.19 -21.36
CA VAL A 209 2.69 -35.42 -20.47
C VAL A 209 2.20 -36.85 -20.66
N LEU A 210 2.23 -37.61 -19.57
CA LEU A 210 1.84 -38.99 -19.55
C LEU A 210 0.62 -39.12 -18.66
N LEU A 211 -0.43 -39.70 -19.22
CA LEU A 211 -1.65 -40.01 -18.50
C LEU A 211 -1.44 -41.25 -17.66
N VAL A 212 -1.93 -41.22 -16.43
CA VAL A 212 -1.71 -42.29 -15.44
C VAL A 212 -3.03 -42.49 -14.69
N THR A 213 -3.56 -43.72 -14.76
CA THR A 213 -4.87 -44.03 -14.15
C THR A 213 -4.68 -44.97 -12.96
N ARG A 214 -5.79 -45.36 -12.34
CA ARG A 214 -5.73 -46.34 -11.25
C ARG A 214 -5.25 -47.70 -11.76
N GLU A 215 -5.65 -48.01 -13.00
CA GLU A 215 -5.22 -49.19 -13.71
C GLU A 215 -3.71 -49.21 -13.95
N THR A 216 -3.16 -48.11 -14.47
CA THR A 216 -1.70 -47.98 -14.70
C THR A 216 -0.90 -48.35 -13.46
N ILE A 217 -1.37 -47.85 -12.31
CA ILE A 217 -0.76 -48.07 -11.00
C ILE A 217 -0.89 -49.54 -10.54
N ALA A 218 -2.09 -50.11 -10.67
CA ALA A 218 -2.30 -51.55 -10.45
C ALA A 218 -1.26 -52.35 -11.25
N ASN A 219 -1.11 -52.05 -12.55
CA ASN A 219 -0.17 -52.78 -13.40
C ASN A 219 1.32 -52.59 -13.07
N ASN A 220 1.61 -51.73 -12.09
CA ASN A 220 3.00 -51.59 -11.64
C ASN A 220 3.24 -52.27 -10.30
N LYS A 221 4.51 -52.62 -10.06
CA LYS A 221 5.00 -53.02 -8.74
C LYS A 221 4.46 -52.04 -7.71
N LYS A 222 4.26 -52.52 -6.47
CA LYS A 222 3.71 -51.67 -5.42
C LYS A 222 4.66 -50.52 -5.09
N ASP A 223 5.95 -50.79 -5.08
CA ASP A 223 6.97 -49.79 -4.70
C ASP A 223 7.29 -48.73 -5.79
N ALA A 224 6.76 -48.96 -7.00
CA ALA A 224 6.96 -48.10 -8.17
C ALA A 224 6.21 -46.76 -8.04
N TYR A 225 5.21 -46.76 -7.15
CA TYR A 225 4.36 -45.62 -6.90
C TYR A 225 4.08 -45.52 -5.40
N GLN A 226 4.86 -44.68 -4.73
CA GLN A 226 4.77 -44.48 -3.28
C GLN A 226 4.25 -43.08 -2.92
N ILE A 227 3.32 -43.00 -1.95
CA ILE A 227 3.01 -41.73 -1.29
C ILE A 227 3.87 -41.54 -0.03
N LEU A 228 4.69 -40.50 0.00
CA LEU A 228 5.65 -40.32 1.07
C LEU A 228 5.14 -39.33 2.14
N GLY A 229 3.99 -38.70 1.93
CA GLY A 229 3.53 -37.66 2.84
C GLY A 229 2.31 -36.91 2.34
N GLU A 230 1.69 -36.18 3.26
CA GLU A 230 0.49 -35.40 3.00
C GLU A 230 0.63 -34.12 3.81
N PRO A 231 1.04 -33.02 3.13
CA PRO A 231 1.35 -31.77 3.84
C PRO A 231 0.19 -31.33 4.71
N GLU A 232 0.51 -30.75 5.86
CA GLU A 232 -0.49 -30.17 6.72
C GLU A 232 -0.53 -28.70 6.37
N LEU A 233 -1.64 -28.28 5.73
CA LEU A 233 -1.77 -26.94 5.16
C LEU A 233 -2.40 -25.98 6.15
N ALA A 234 -2.02 -24.71 6.06
CA ALA A 234 -2.65 -23.63 6.85
C ALA A 234 -4.15 -23.56 6.63
N GLY A 235 -4.57 -23.78 5.39
CA GLY A 235 -5.97 -23.56 5.01
C GLY A 235 -6.27 -24.53 3.93
N HIS A 236 -7.53 -24.58 3.50
CA HIS A 236 -7.96 -25.65 2.61
C HIS A 236 -7.51 -26.97 3.20
N ILE A 237 -7.83 -27.15 4.49
CA ILE A 237 -7.33 -28.25 5.32
C ILE A 237 -7.95 -29.61 4.92
N THR A 238 -8.97 -29.55 4.06
CA THR A 238 -9.68 -30.74 3.60
C THR A 238 -9.25 -31.23 2.20
N THR A 239 -8.16 -30.68 1.65
CA THR A 239 -7.68 -31.11 0.34
C THR A 239 -6.55 -32.12 0.51
N SER A 240 -6.26 -32.86 -0.56
CA SER A 240 -5.13 -33.77 -0.57
C SER A 240 -4.26 -33.46 -1.78
N GLY A 241 -2.98 -33.24 -1.55
CA GLY A 241 -1.99 -32.96 -2.57
C GLY A 241 -0.70 -33.58 -2.11
N PRO A 242 -0.63 -34.94 -2.16
CA PRO A 242 0.47 -35.70 -1.58
C PRO A 242 1.85 -35.46 -2.16
N HIS A 243 2.86 -36.03 -1.49
CA HIS A 243 4.22 -36.13 -1.97
C HIS A 243 4.32 -37.54 -2.54
N THR A 244 4.38 -37.65 -3.87
CA THR A 244 4.44 -38.92 -4.59
C THR A 244 5.86 -39.19 -5.09
N ARG A 245 6.25 -40.46 -5.11
CA ARG A 245 7.50 -40.90 -5.71
C ARG A 245 7.25 -41.97 -6.78
N PHE A 246 7.80 -41.74 -7.97
CA PHE A 246 7.72 -42.72 -9.06
C PHE A 246 9.11 -43.32 -9.16
N THR A 247 9.18 -44.65 -9.02
CA THR A 247 10.42 -45.39 -9.15
C THR A 247 10.17 -46.43 -10.26
N GLU A 248 10.81 -46.21 -11.42
CA GLU A 248 10.68 -47.10 -12.57
C GLU A 248 9.21 -47.43 -12.84
N PHE A 249 8.36 -46.41 -12.80
CA PHE A 249 6.92 -46.56 -13.07
C PHE A 249 6.64 -46.68 -14.60
N HIS A 250 6.04 -47.79 -15.01
CA HIS A 250 5.75 -48.05 -16.43
C HIS A 250 4.41 -47.52 -16.89
N VAL A 251 4.42 -46.82 -18.02
CA VAL A 251 3.20 -46.25 -18.60
C VAL A 251 3.16 -46.63 -20.09
N PRO A 252 1.98 -47.09 -20.57
CA PRO A 252 1.78 -47.41 -21.99
C PRO A 252 1.98 -46.19 -22.88
N HIS A 253 2.70 -46.39 -23.99
CA HIS A 253 2.92 -45.32 -24.95
C HIS A 253 1.58 -44.69 -25.35
N GLU A 254 0.51 -45.49 -25.38
CA GLU A 254 -0.81 -44.99 -25.79
C GLU A 254 -1.38 -44.04 -24.76
N ASN A 255 -0.63 -43.83 -23.69
CA ASN A 255 -1.02 -42.89 -22.65
C ASN A 255 -0.26 -41.56 -22.73
N LEU A 256 0.63 -41.47 -23.73
CA LEU A 256 1.29 -40.21 -24.08
C LEU A 256 0.26 -39.25 -24.68
N LEU A 257 0.09 -38.09 -24.05
CA LEU A 257 -0.98 -37.16 -24.43
C LEU A 257 -0.76 -36.57 -25.84
N CYS A 258 0.51 -36.41 -26.20
CA CYS A 258 0.88 -35.89 -27.49
C CYS A 258 2.39 -36.07 -27.66
N THR A 259 2.92 -35.55 -28.75
CA THR A 259 4.34 -35.72 -29.02
C THR A 259 5.12 -34.82 -28.06
N PRO A 260 6.11 -35.39 -27.34
CA PRO A 260 6.93 -34.62 -26.41
C PRO A 260 7.56 -33.42 -27.09
N GLY A 261 7.58 -32.28 -26.39
CA GLY A 261 8.14 -31.06 -26.92
C GLY A 261 7.28 -29.84 -26.64
N LEU A 262 7.35 -28.87 -27.54
CA LEU A 262 6.69 -27.58 -27.37
C LEU A 262 5.18 -27.66 -27.37
N LYS A 263 4.61 -28.67 -28.00
CA LYS A 263 3.15 -28.87 -27.97
C LYS A 263 2.69 -29.34 -26.59
N ALA A 264 3.52 -30.18 -25.99
CA ALA A 264 3.22 -30.71 -24.68
C ALA A 264 3.39 -29.58 -23.64
N GLN A 265 4.43 -28.76 -23.79
CA GLN A 265 4.62 -27.60 -22.94
C GLN A 265 3.45 -26.65 -23.09
N GLY A 266 2.95 -26.49 -24.32
CA GLY A 266 1.89 -25.53 -24.63
C GLY A 266 0.57 -25.92 -24.00
N LEU A 267 0.34 -27.21 -23.84
CA LEU A 267 -0.89 -27.71 -23.21
C LEU A 267 -0.90 -27.45 -21.70
N VAL A 268 0.24 -27.60 -21.06
CA VAL A 268 0.43 -27.24 -19.66
C VAL A 268 0.19 -25.72 -19.45
N GLU A 269 0.93 -24.89 -20.20
CA GLU A 269 0.78 -23.43 -20.22
C GLU A 269 -0.66 -22.97 -20.41
N THR A 270 -1.40 -23.60 -21.30
CA THR A 270 -2.78 -23.18 -21.59
C THR A 270 -3.72 -23.62 -20.47
N ALA A 271 -3.51 -24.83 -19.96
CA ALA A 271 -4.25 -25.32 -18.80
C ALA A 271 -4.04 -24.38 -17.59
N PHE A 272 -2.79 -24.08 -17.26
CA PHE A 272 -2.45 -23.17 -16.16
C PHE A 272 -2.77 -21.67 -16.38
N ALA A 273 -2.86 -21.23 -17.64
CA ALA A 273 -3.34 -19.87 -17.95
C ALA A 273 -4.84 -19.79 -17.76
N MET A 274 -5.53 -20.88 -18.04
CA MET A 274 -6.96 -20.89 -17.82
C MET A 274 -7.35 -20.94 -16.35
N SER A 275 -6.66 -21.78 -15.58
CA SER A 275 -6.81 -21.80 -14.13
C SER A 275 -6.37 -20.46 -13.50
N ALA A 276 -5.35 -19.80 -14.08
CA ALA A 276 -4.92 -18.48 -13.63
C ALA A 276 -6.06 -17.42 -13.61
N ALA A 277 -6.84 -17.38 -14.67
CA ALA A 277 -8.05 -16.58 -14.72
C ALA A 277 -9.12 -17.10 -13.74
N LEU A 278 -9.37 -18.40 -13.71
CA LEU A 278 -10.49 -18.93 -12.92
C LEU A 278 -10.28 -18.84 -11.42
N VAL A 279 -9.03 -19.03 -11.01
CA VAL A 279 -8.61 -18.98 -9.63
C VAL A 279 -8.99 -17.64 -8.98
N GLY A 280 -9.19 -16.61 -9.79
CA GLY A 280 -9.67 -15.35 -9.30
C GLY A 280 -11.08 -15.42 -8.74
N ALA A 281 -11.95 -16.24 -9.33
CA ALA A 281 -13.29 -16.47 -8.78
C ALA A 281 -13.27 -17.16 -7.41
N MET A 282 -12.33 -18.08 -7.21
CA MET A 282 -12.10 -18.66 -5.89
C MET A 282 -11.75 -17.56 -4.88
N ALA A 283 -10.80 -16.69 -5.23
CA ALA A 283 -10.33 -15.62 -4.37
C ALA A 283 -11.46 -14.63 -4.06
N ILE A 284 -12.21 -14.22 -5.09
CA ILE A 284 -13.37 -13.35 -4.90
C ILE A 284 -14.41 -13.92 -3.91
N GLY A 285 -14.71 -15.23 -4.01
CA GLY A 285 -15.70 -15.87 -3.12
C GLY A 285 -15.27 -15.77 -1.66
N THR A 286 -14.09 -16.30 -1.36
CA THR A 286 -13.50 -16.21 -0.04
C THR A 286 -13.52 -14.78 0.51
N ALA A 287 -13.12 -13.79 -0.30
CA ALA A 287 -13.04 -12.42 0.17
C ALA A 287 -14.43 -11.81 0.24
N ARG A 288 -15.32 -12.32 -0.59
CA ARG A 288 -16.69 -11.84 -0.58
C ARG A 288 -17.36 -12.25 0.75
N ALA A 289 -17.06 -13.47 1.18
CA ALA A 289 -17.50 -13.98 2.46
C ALA A 289 -16.98 -13.10 3.63
N ALA A 290 -15.68 -12.79 3.61
CA ALA A 290 -15.13 -11.85 4.60
C ALA A 290 -15.83 -10.51 4.57
N PHE A 291 -15.98 -9.94 3.39
CA PHE A 291 -16.66 -8.63 3.27
C PHE A 291 -18.12 -8.64 3.78
N GLU A 292 -18.88 -9.67 3.41
CA GLU A 292 -20.30 -9.75 3.74
C GLU A 292 -20.53 -9.98 5.22
N GLU A 293 -19.76 -10.89 5.82
CA GLU A 293 -19.75 -11.01 7.27
C GLU A 293 -19.48 -9.66 7.98
N ALA A 294 -18.35 -9.02 7.68
CA ALA A 294 -18.02 -7.70 8.24
C ALA A 294 -19.07 -6.61 8.02
N LEU A 295 -19.62 -6.58 6.81
CA LEU A 295 -20.67 -5.63 6.48
C LEU A 295 -21.92 -5.82 7.36
N VAL A 296 -22.36 -7.07 7.50
CA VAL A 296 -23.55 -7.40 8.32
C VAL A 296 -23.27 -7.08 9.80
N PHE A 297 -22.05 -7.31 10.26
CA PHE A 297 -21.66 -6.96 11.61
C PHE A 297 -21.75 -5.45 11.77
N ALA A 298 -21.07 -4.71 10.90
CA ALA A 298 -21.00 -3.25 10.97
C ALA A 298 -22.36 -2.53 10.86
N LYS A 299 -23.34 -3.21 10.26
CA LYS A 299 -24.68 -2.61 10.08
C LYS A 299 -25.65 -3.05 11.18
N SER A 300 -25.19 -3.93 12.06
CA SER A 300 -26.05 -4.47 13.12
C SER A 300 -25.43 -4.41 14.53
N ASP A 301 -24.34 -3.66 14.70
CA ASP A 301 -23.60 -3.69 15.95
C ASP A 301 -22.92 -2.35 16.25
N THR A 302 -23.18 -1.84 17.45
CA THR A 302 -22.75 -0.51 17.85
C THR A 302 -21.42 -0.63 18.57
N ARG A 303 -21.05 -1.86 18.90
CA ARG A 303 -19.80 -2.10 19.59
C ARG A 303 -19.70 -1.27 20.91
N GLY A 304 -20.83 -1.21 21.63
CA GLY A 304 -20.93 -0.51 22.91
C GLY A 304 -21.09 0.99 22.81
N GLY A 305 -21.31 1.50 21.60
CA GLY A 305 -21.62 2.91 21.41
C GLY A 305 -23.08 3.13 21.07
N SER A 306 -23.38 4.30 20.53
CA SER A 306 -24.72 4.76 20.32
C SER A 306 -25.19 4.69 18.86
N LYS A 307 -24.33 4.19 17.96
CA LYS A 307 -24.72 3.99 16.55
C LYS A 307 -23.98 2.80 15.94
N HIS A 308 -24.52 2.27 14.85
CA HIS A 308 -23.91 1.16 14.16
C HIS A 308 -22.48 1.55 13.70
N ILE A 309 -21.52 0.64 13.82
CA ILE A 309 -20.10 0.99 13.54
C ILE A 309 -19.79 1.37 12.08
N ILE A 310 -20.72 1.04 11.16
CA ILE A 310 -20.60 1.50 9.78
C ILE A 310 -20.75 3.01 9.67
N GLU A 311 -21.19 3.66 10.73
CA GLU A 311 -21.30 5.11 10.70
C GLU A 311 -19.96 5.78 11.04
N HIS A 312 -18.98 5.00 11.50
CA HIS A 312 -17.64 5.54 11.72
C HIS A 312 -16.86 5.56 10.40
N GLN A 313 -16.34 6.71 10.00
CA GLN A 313 -15.65 6.88 8.71
C GLN A 313 -14.58 5.81 8.42
N SER A 314 -13.80 5.46 9.44
CA SER A 314 -12.73 4.49 9.30
C SER A 314 -13.24 3.07 9.17
N VAL A 315 -14.40 2.77 9.74
CA VAL A 315 -15.00 1.44 9.48
C VAL A 315 -15.53 1.44 8.04
N ALA A 316 -16.18 2.51 7.65
CA ALA A 316 -16.71 2.65 6.31
C ALA A 316 -15.59 2.54 5.27
N ASP A 317 -14.48 3.24 5.50
CA ASP A 317 -13.32 3.20 4.58
C ASP A 317 -12.83 1.79 4.27
N LYS A 318 -12.65 0.97 5.30
CA LYS A 318 -12.28 -0.46 5.10
C LYS A 318 -13.26 -1.23 4.23
N LEU A 319 -14.56 -1.09 4.51
CA LEU A 319 -15.58 -1.84 3.76
C LEU A 319 -15.71 -1.32 2.33
N ILE A 320 -15.61 0.00 2.16
CA ILE A 320 -15.44 0.63 0.85
C ILE A 320 -14.26 0.01 0.07
N ASP A 321 -13.10 -0.08 0.73
CA ASP A 321 -11.92 -0.66 0.12
C ASP A 321 -12.08 -2.12 -0.26
N CYS A 322 -12.78 -2.87 0.58
CA CYS A 322 -13.09 -4.26 0.33
C CYS A 322 -13.98 -4.39 -0.90
N LYS A 323 -14.96 -3.49 -0.96
CA LYS A 323 -15.98 -3.49 -1.98
C LYS A 323 -15.35 -3.22 -3.33
N ILE A 324 -14.50 -2.20 -3.37
CA ILE A 324 -13.79 -1.83 -4.60
C ILE A 324 -12.92 -2.98 -5.09
N ARG A 325 -12.25 -3.66 -4.16
CA ARG A 325 -11.39 -4.79 -4.52
C ARG A 325 -12.17 -5.93 -5.11
N LEU A 326 -13.36 -6.19 -4.58
CA LEU A 326 -14.17 -7.32 -5.03
C LEU A 326 -14.75 -6.99 -6.40
N GLU A 327 -15.20 -5.76 -6.54
CA GLU A 327 -15.78 -5.30 -7.77
C GLU A 327 -14.80 -5.34 -8.94
N THR A 328 -13.61 -4.75 -8.76
CA THR A 328 -12.60 -4.72 -9.80
C THR A 328 -12.10 -6.14 -10.13
N SER A 329 -11.94 -6.97 -9.08
CA SER A 329 -11.60 -8.38 -9.26
C SER A 329 -12.58 -9.18 -10.16
N ARG A 330 -13.87 -9.06 -9.93
CA ARG A 330 -14.82 -9.87 -10.72
C ARG A 330 -14.82 -9.44 -12.19
N LEU A 331 -14.89 -8.13 -12.40
CA LEU A 331 -14.69 -7.52 -13.70
C LEU A 331 -13.44 -8.07 -14.44
N LEU A 332 -12.32 -8.15 -13.72
CA LEU A 332 -11.09 -8.56 -14.35
C LEU A 332 -11.18 -10.05 -14.73
N VAL A 333 -11.74 -10.87 -13.82
CA VAL A 333 -11.93 -12.28 -14.07
C VAL A 333 -12.79 -12.47 -15.31
N TRP A 334 -13.93 -11.80 -15.36
CA TRP A 334 -14.83 -11.93 -16.49
C TRP A 334 -14.20 -11.45 -17.80
N LYS A 335 -13.43 -10.35 -17.72
CA LYS A 335 -12.71 -9.88 -18.87
C LYS A 335 -11.74 -10.96 -19.36
N ALA A 336 -11.02 -11.57 -18.44
CA ALA A 336 -9.98 -12.52 -18.78
C ALA A 336 -10.53 -13.81 -19.38
N VAL A 337 -11.59 -14.36 -18.80
CA VAL A 337 -12.11 -15.63 -19.31
C VAL A 337 -12.72 -15.40 -20.68
N THR A 338 -13.31 -14.22 -20.86
CA THR A 338 -13.86 -13.80 -22.12
C THR A 338 -12.74 -13.60 -23.18
N THR A 339 -11.58 -13.10 -22.75
CA THR A 339 -10.40 -13.00 -23.60
C THR A 339 -9.92 -14.40 -24.03
N LEU A 340 -9.75 -15.29 -23.06
CA LEU A 340 -9.40 -16.70 -23.31
C LEU A 340 -10.25 -17.38 -24.38
N GLU A 341 -11.55 -17.10 -24.37
CA GLU A 341 -12.52 -17.68 -25.29
C GLU A 341 -12.56 -17.02 -26.68
N ASP A 342 -11.85 -15.90 -26.85
CA ASP A 342 -11.90 -15.17 -28.12
C ASP A 342 -10.84 -15.71 -29.08
N GLU A 343 -11.31 -16.33 -30.17
CA GLU A 343 -10.43 -17.00 -31.12
C GLU A 343 -9.67 -16.04 -32.06
N ALA A 344 -10.12 -14.79 -32.12
CA ALA A 344 -9.45 -13.77 -32.91
C ALA A 344 -8.14 -13.28 -32.30
N LEU A 345 -7.92 -13.55 -31.01
CA LEU A 345 -6.74 -13.01 -30.31
C LEU A 345 -5.56 -13.96 -30.26
N GLU A 346 -4.35 -13.42 -30.44
CA GLU A 346 -3.11 -14.14 -30.22
C GLU A 346 -3.02 -14.68 -28.79
N TRP A 347 -2.45 -15.88 -28.65
CA TRP A 347 -2.22 -16.51 -27.37
C TRP A 347 -1.57 -15.56 -26.36
N LYS A 348 -0.44 -14.96 -26.71
CA LYS A 348 0.28 -14.08 -25.80
C LYS A 348 -0.57 -12.93 -25.18
N VAL A 349 -1.61 -12.51 -25.90
CA VAL A 349 -2.58 -11.54 -25.44
C VAL A 349 -3.54 -12.15 -24.40
N LYS A 350 -3.93 -13.41 -24.65
CA LYS A 350 -4.74 -14.18 -23.73
C LYS A 350 -3.91 -14.48 -22.51
N LEU A 351 -2.65 -14.86 -22.70
CA LEU A 351 -1.80 -15.23 -21.61
C LEU A 351 -1.57 -14.05 -20.66
N GLU A 352 -1.22 -12.90 -21.23
CA GLU A 352 -0.97 -11.71 -20.45
C GLU A 352 -2.18 -11.32 -19.63
N MET A 353 -3.37 -11.45 -20.19
CA MET A 353 -4.58 -11.07 -19.45
C MET A 353 -4.85 -12.01 -18.28
N ALA A 354 -4.56 -13.28 -18.49
CA ALA A 354 -4.75 -14.32 -17.49
C ALA A 354 -3.78 -14.15 -16.32
N MET A 355 -2.53 -13.78 -16.62
CA MET A 355 -1.50 -13.53 -15.60
C MET A 355 -1.91 -12.37 -14.72
N GLN A 356 -2.38 -11.28 -15.34
CA GLN A 356 -2.79 -10.05 -14.64
C GLN A 356 -3.89 -10.34 -13.64
N THR A 357 -4.91 -11.05 -14.13
CA THR A 357 -6.06 -11.48 -13.34
C THR A 357 -5.59 -12.26 -12.10
N LYS A 358 -4.77 -13.28 -12.30
CA LYS A 358 -4.27 -14.09 -11.20
C LYS A 358 -3.53 -13.22 -10.19
N ILE A 359 -2.50 -12.48 -10.64
CA ILE A 359 -1.75 -11.57 -9.75
C ILE A 359 -2.69 -10.63 -8.97
N TYR A 360 -3.57 -9.90 -9.65
CA TYR A 360 -4.35 -8.86 -8.99
C TYR A 360 -5.37 -9.45 -8.01
N THR A 361 -6.16 -10.44 -8.46
CA THR A 361 -7.27 -10.98 -7.66
C THR A 361 -6.78 -11.67 -6.39
N THR A 362 -5.70 -12.44 -6.51
CA THR A 362 -5.15 -13.18 -5.41
C THR A 362 -4.50 -12.29 -4.36
N ASP A 363 -3.71 -11.31 -4.79
CA ASP A 363 -3.05 -10.35 -3.86
C ASP A 363 -4.10 -9.51 -3.11
N VAL A 364 -5.10 -9.08 -3.85
CA VAL A 364 -6.12 -8.19 -3.33
C VAL A 364 -7.20 -8.91 -2.46
N ALA A 365 -7.42 -10.21 -2.70
CA ALA A 365 -8.30 -10.98 -1.81
C ALA A 365 -7.78 -10.95 -0.37
N VAL A 366 -6.48 -11.17 -0.22
CA VAL A 366 -5.78 -11.10 1.07
C VAL A 366 -6.02 -9.76 1.82
N GLU A 367 -5.77 -8.63 1.17
CA GLU A 367 -6.08 -7.30 1.72
C GLU A 367 -7.55 -7.18 2.12
N CYS A 368 -8.43 -7.69 1.28
CA CYS A 368 -9.85 -7.64 1.55
C CYS A 368 -10.21 -8.31 2.89
N VAL A 369 -9.68 -9.52 3.13
CA VAL A 369 -10.01 -10.29 4.32
C VAL A 369 -9.44 -9.60 5.55
N ILE A 370 -8.18 -9.17 5.46
CA ILE A 370 -7.50 -8.52 6.56
C ILE A 370 -8.22 -7.24 6.99
N ASP A 371 -8.67 -6.44 6.02
CA ASP A 371 -9.42 -5.20 6.30
C ASP A 371 -10.78 -5.48 6.94
N ALA A 372 -11.45 -6.54 6.45
CA ALA A 372 -12.70 -6.96 7.02
C ALA A 372 -12.52 -7.34 8.52
N MET A 373 -11.39 -7.98 8.84
CA MET A 373 -11.07 -8.37 10.20
C MET A 373 -10.78 -7.15 11.06
N LYS A 374 -9.95 -6.24 10.56
CA LYS A 374 -9.67 -4.96 11.21
C LYS A 374 -10.95 -4.16 11.51
N ALA A 375 -11.90 -4.21 10.60
CA ALA A 375 -13.15 -3.46 10.76
C ALA A 375 -14.08 -4.07 11.85
N VAL A 376 -14.17 -5.39 11.89
CA VAL A 376 -15.01 -6.10 12.87
C VAL A 376 -14.31 -6.00 14.26
N GLY A 377 -12.98 -5.85 14.22
CA GLY A 377 -12.14 -5.75 15.43
C GLY A 377 -11.90 -7.10 16.05
N MET A 378 -11.80 -7.12 17.39
CA MET A 378 -11.30 -8.30 18.12
C MET A 378 -12.13 -9.59 17.93
N LYS A 379 -13.42 -9.42 17.63
CA LYS A 379 -14.32 -10.56 17.47
C LYS A 379 -14.07 -11.41 16.22
N SER A 380 -13.43 -10.83 15.20
CA SER A 380 -13.08 -11.58 13.96
C SER A 380 -12.01 -12.63 14.26
N TYR A 381 -11.35 -12.49 15.40
CA TYR A 381 -10.22 -13.34 15.77
C TYR A 381 -10.56 -14.68 16.43
N ALA A 382 -11.81 -14.84 16.88
CA ALA A 382 -12.29 -16.10 17.46
C ALA A 382 -13.14 -16.90 16.47
N LYS A 383 -13.04 -18.23 16.57
CA LYS A 383 -13.61 -19.15 15.59
C LYS A 383 -15.14 -19.31 15.57
N ASP A 384 -15.85 -18.46 16.32
CA ASP A 384 -17.31 -18.40 16.25
C ASP A 384 -17.75 -17.43 15.13
N MET A 385 -16.75 -16.79 14.52
CA MET A 385 -16.88 -16.10 13.24
C MET A 385 -16.01 -16.81 12.17
N SER A 386 -16.18 -16.41 10.90
CA SER A 386 -15.57 -17.15 9.77
C SER A 386 -14.14 -16.80 9.50
N PHE A 387 -13.74 -15.63 10.01
CA PHE A 387 -12.51 -15.00 9.59
C PHE A 387 -11.26 -15.83 9.78
N PRO A 388 -11.12 -16.51 10.94
CA PRO A 388 -9.93 -17.34 11.09
C PRO A 388 -9.80 -18.35 9.95
N ARG A 389 -10.92 -18.94 9.54
CA ARG A 389 -10.91 -19.85 8.40
C ARG A 389 -10.53 -19.06 7.13
N LEU A 390 -11.22 -17.96 6.88
CA LEU A 390 -11.02 -17.11 5.68
C LEU A 390 -9.58 -16.64 5.51
N LEU A 391 -8.97 -16.28 6.64
CA LEU A 391 -7.59 -15.79 6.69
C LEU A 391 -6.60 -16.81 6.18
N ASN A 392 -6.74 -18.05 6.66
CA ASN A 392 -5.83 -19.12 6.22
C ASN A 392 -6.13 -19.56 4.80
N GLU A 393 -7.40 -19.61 4.43
CA GLU A 393 -7.81 -19.97 3.08
C GLU A 393 -7.33 -18.98 2.01
N VAL A 394 -7.43 -17.69 2.33
CA VAL A 394 -7.12 -16.64 1.35
C VAL A 394 -5.63 -16.57 1.02
N MET A 395 -4.76 -16.95 1.97
CA MET A 395 -3.31 -16.90 1.79
C MET A 395 -2.77 -18.00 0.87
N CYS A 396 -3.65 -18.90 0.47
CA CYS A 396 -3.29 -19.92 -0.47
C CYS A 396 -3.18 -19.29 -1.86
N TYR A 397 -4.07 -18.35 -2.16
CA TYR A 397 -4.33 -17.97 -3.50
C TYR A 397 -3.16 -17.25 -4.18
N PRO A 398 -2.50 -16.29 -3.48
CA PRO A 398 -1.28 -15.75 -4.10
C PRO A 398 -0.15 -16.76 -4.28
N LEU A 399 -0.22 -17.89 -3.59
CA LEU A 399 0.93 -18.81 -3.54
C LEU A 399 0.73 -19.94 -4.53
N PHE A 400 -0.52 -20.33 -4.70
CA PHE A 400 -0.85 -21.56 -5.39
C PHE A 400 -1.16 -21.28 -6.86
N ASN A 401 -1.37 -22.36 -7.63
CA ASN A 401 -1.61 -22.27 -9.07
C ASN A 401 -0.58 -21.36 -9.79
N GLY A 402 0.69 -21.57 -9.45
CA GLY A 402 1.79 -20.72 -9.93
C GLY A 402 1.84 -19.45 -9.12
N GLY A 403 2.78 -19.39 -8.17
CA GLY A 403 2.98 -18.21 -7.32
C GLY A 403 3.17 -16.92 -8.08
N ASN A 404 2.52 -15.86 -7.62
CA ASN A 404 2.65 -14.53 -8.24
C ASN A 404 4.09 -14.11 -8.42
N ILE A 405 4.94 -14.33 -7.42
CA ILE A 405 6.29 -13.76 -7.41
C ILE A 405 7.25 -14.50 -8.32
N GLY A 406 7.19 -15.83 -8.30
CA GLY A 406 8.11 -16.67 -9.06
C GLY A 406 7.64 -17.03 -10.45
N LEU A 407 6.34 -17.12 -10.63
CA LEU A 407 5.80 -17.63 -11.87
C LEU A 407 4.98 -16.63 -12.66
N ARG A 408 3.87 -16.15 -12.10
CA ARG A 408 2.93 -15.35 -12.89
C ARG A 408 3.53 -14.00 -13.34
N ARG A 409 4.38 -13.41 -12.49
CA ARG A 409 4.93 -12.10 -12.80
C ARG A 409 6.02 -12.28 -13.85
N ARG A 410 6.62 -13.46 -13.87
CA ARG A 410 7.69 -13.76 -14.77
C ARG A 410 7.13 -14.04 -16.14
N GLN A 411 6.01 -14.78 -16.18
CA GLN A 411 5.27 -15.04 -17.42
C GLN A 411 4.77 -13.74 -18.05
N MET A 412 4.14 -12.88 -17.26
CA MET A 412 3.72 -11.56 -17.74
C MET A 412 4.89 -10.69 -18.26
N GLN A 413 5.96 -10.60 -17.47
CA GLN A 413 7.16 -9.88 -17.83
C GLN A 413 7.72 -10.29 -19.20
N ARG A 414 7.65 -11.58 -19.50
CA ARG A 414 8.21 -12.17 -20.68
C ARG A 414 7.39 -11.72 -21.90
N VAL A 415 6.06 -11.73 -21.78
CA VAL A 415 5.19 -11.21 -22.84
C VAL A 415 5.43 -9.73 -23.10
N MET A 416 5.43 -8.93 -22.03
CA MET A 416 5.69 -7.50 -22.06
C MET A 416 7.02 -7.15 -22.69
N ALA A 417 8.01 -8.04 -22.55
CA ALA A 417 9.36 -7.81 -23.10
C ALA A 417 9.51 -8.14 -24.60
N LEU A 418 8.53 -8.81 -25.22
CA LEU A 418 8.58 -9.11 -26.65
C LEU A 418 8.41 -7.86 -27.52
N GLU A 419 9.07 -7.87 -28.67
CA GLU A 419 9.02 -6.76 -29.62
C GLU A 419 7.59 -6.45 -30.09
N ASP A 420 6.77 -7.48 -30.25
CA ASP A 420 5.47 -7.29 -30.86
C ASP A 420 4.28 -7.21 -29.84
N TYR A 421 4.64 -6.94 -28.58
CA TYR A 421 3.69 -6.77 -27.48
C TYR A 421 2.75 -5.63 -27.74
N GLU A 422 1.44 -5.94 -27.72
CA GLU A 422 0.40 -4.94 -27.82
C GLU A 422 -0.33 -4.90 -26.47
N PRO A 423 -0.01 -3.88 -25.65
CA PRO A 423 -0.65 -3.80 -24.33
C PRO A 423 -2.19 -3.89 -24.33
N TRP A 424 -2.84 -3.23 -25.29
CA TRP A 424 -4.30 -3.08 -25.27
C TRP A 424 -5.05 -3.93 -26.29
N ALA A 425 -4.40 -4.98 -26.80
CA ALA A 425 -4.98 -5.80 -27.87
C ALA A 425 -6.27 -6.52 -27.46
N ALA A 426 -6.40 -6.88 -26.19
CA ALA A 426 -7.66 -7.54 -25.69
C ALA A 426 -8.87 -6.58 -25.58
N THR A 427 -8.59 -5.29 -25.69
CA THR A 427 -9.58 -4.23 -25.52
C THR A 427 -9.86 -3.49 -26.85
N TYR A 428 -8.80 -3.02 -27.50
CA TYR A 428 -8.98 -2.10 -28.61
C TYR A 428 -8.62 -2.77 -29.93
N GLY A 429 -8.50 -4.10 -29.94
CA GLY A 429 -8.03 -4.85 -31.09
C GLY A 429 -6.53 -4.71 -31.40
N SER A 430 -6.11 -5.43 -32.44
CA SER A 430 -4.69 -5.54 -32.83
C SER A 430 -4.32 -4.56 -33.96
N SER A 431 -3.19 -3.87 -33.81
CA SER A 431 -2.76 -2.81 -34.77
C SER A 431 -1.97 -3.34 -35.97
N VAL B 1 21.73 11.72 21.56
CA VAL B 1 21.21 10.55 20.80
C VAL B 1 22.27 9.48 20.60
N ASP B 2 21.96 8.29 21.09
CA ASP B 2 22.89 7.20 21.19
C ASP B 2 22.06 5.90 21.19
N PHE B 3 22.53 4.86 20.51
CA PHE B 3 21.76 3.62 20.37
C PHE B 3 22.43 2.39 20.98
N LYS B 4 23.57 2.60 21.63
CA LYS B 4 24.38 1.48 22.12
C LYS B 4 23.78 0.79 23.34
N LEU B 5 23.76 -0.53 23.29
CA LEU B 5 23.22 -1.36 24.34
C LEU B 5 24.23 -1.57 25.47
N SER B 6 23.75 -1.46 26.70
CA SER B 6 24.59 -1.66 27.88
C SER B 6 24.88 -3.15 28.10
N PRO B 7 25.89 -3.47 28.94
CA PRO B 7 26.11 -4.87 29.28
C PRO B 7 24.87 -5.52 29.91
N SER B 8 24.13 -4.78 30.76
CA SER B 8 22.92 -5.32 31.38
C SER B 8 21.81 -5.56 30.35
N GLN B 9 21.77 -4.72 29.32
CA GLN B 9 20.86 -4.85 28.17
C GLN B 9 21.19 -6.04 27.27
N LEU B 10 22.47 -6.26 26.98
CA LEU B 10 22.87 -7.46 26.23
C LEU B 10 22.71 -8.75 27.04
N GLU B 11 22.92 -8.69 28.35
CA GLU B 11 22.66 -9.86 29.21
C GLU B 11 21.17 -10.28 29.19
N ALA B 12 20.27 -9.29 29.30
CA ALA B 12 18.83 -9.52 29.24
C ALA B 12 18.42 -10.22 27.92
N ARG B 13 19.03 -9.77 26.81
CA ARG B 13 18.89 -10.42 25.51
C ARG B 13 19.39 -11.87 25.53
N ARG B 14 20.66 -12.08 25.92
CA ARG B 14 21.22 -13.42 26.03
C ARG B 14 20.31 -14.31 26.91
N HIS B 15 20.02 -13.80 28.10
CA HIS B 15 19.14 -14.48 29.05
C HIS B 15 17.80 -14.88 28.43
N ALA B 16 17.09 -13.93 27.80
CA ALA B 16 15.79 -14.23 27.19
C ALA B 16 15.92 -15.27 26.08
N GLN B 17 16.96 -15.13 25.25
CA GLN B 17 17.30 -16.14 24.22
C GLN B 17 17.53 -17.54 24.79
N ALA B 18 18.31 -17.64 25.86
CA ALA B 18 18.59 -18.94 26.48
C ALA B 18 17.32 -19.57 27.04
N PHE B 19 16.49 -18.77 27.70
CA PHE B 19 15.20 -19.26 28.17
C PHE B 19 14.31 -19.77 27.02
N ALA B 20 14.15 -18.95 25.97
CA ALA B 20 13.30 -19.30 24.82
C ALA B 20 13.77 -20.58 24.14
N ASN B 21 15.08 -20.68 23.92
CA ASN B 21 15.66 -21.81 23.22
C ASN B 21 15.65 -23.09 24.05
N THR B 22 16.03 -23.01 25.33
CA THR B 22 16.07 -24.21 26.20
C THR B 22 14.70 -24.58 26.79
N VAL B 23 13.87 -23.59 27.08
CA VAL B 23 12.58 -23.87 27.72
C VAL B 23 11.39 -23.85 26.76
N LEU B 24 11.15 -22.71 26.11
CA LEU B 24 9.97 -22.54 25.27
C LEU B 24 9.93 -23.40 24.00
N THR B 25 11.08 -23.85 23.52
CA THR B 25 11.10 -24.76 22.38
C THR B 25 10.41 -26.09 22.70
N LYS B 26 10.35 -26.44 23.99
CA LYS B 26 9.74 -27.69 24.46
C LYS B 26 8.22 -27.62 24.61
N ALA B 27 7.69 -26.41 24.80
CA ALA B 27 6.25 -26.15 25.04
C ALA B 27 5.28 -26.83 24.08
N SER B 28 5.63 -26.84 22.80
CA SER B 28 4.76 -27.32 21.70
C SER B 28 4.44 -28.81 21.74
N ALA B 29 5.45 -29.62 22.07
CA ALA B 29 5.29 -31.07 22.27
C ALA B 29 4.14 -31.38 23.25
N GLU B 30 3.99 -30.52 24.28
CA GLU B 30 2.93 -30.61 25.29
C GLU B 30 1.54 -30.15 24.84
N TYR B 31 1.44 -28.94 24.30
CA TYR B 31 0.13 -28.34 24.04
C TYR B 31 -0.54 -28.76 22.73
N SER B 32 0.25 -29.28 21.79
CA SER B 32 -0.24 -29.78 20.50
C SER B 32 -1.08 -31.04 20.65
N THR B 33 -0.91 -31.72 21.79
CA THR B 33 -1.70 -32.92 22.11
C THR B 33 -3.11 -32.57 22.59
N GLN B 34 -3.26 -31.40 23.23
CA GLN B 34 -4.52 -30.96 23.83
C GLN B 34 -5.52 -30.52 22.79
N LYS B 35 -6.80 -30.67 23.09
CA LYS B 35 -7.85 -30.45 22.08
C LYS B 35 -8.79 -29.25 22.30
N ASP B 36 -8.45 -28.36 23.23
CA ASP B 36 -9.14 -27.04 23.28
C ASP B 36 -8.27 -25.95 23.91
N GLN B 37 -8.79 -24.73 23.93
CA GLN B 37 -8.00 -23.57 24.33
C GLN B 37 -7.48 -23.71 25.76
N LEU B 38 -8.36 -24.12 26.68
CA LEU B 38 -7.99 -24.28 28.10
C LEU B 38 -7.02 -25.43 28.32
N SER B 39 -7.31 -26.60 27.76
CA SER B 39 -6.38 -27.75 27.83
C SER B 39 -4.96 -27.37 27.41
N ARG B 40 -4.86 -26.66 26.28
CA ARG B 40 -3.59 -26.13 25.77
C ARG B 40 -2.95 -25.11 26.72
N PHE B 41 -3.75 -24.24 27.29
CA PHE B 41 -3.27 -23.23 28.24
C PHE B 41 -2.68 -23.87 29.49
N GLN B 42 -3.40 -24.87 30.05
CA GLN B 42 -2.95 -25.55 31.26
C GLN B 42 -1.66 -26.32 31.02
N ALA B 43 -1.54 -26.93 29.84
CA ALA B 43 -0.34 -27.65 29.47
C ALA B 43 0.88 -26.71 29.40
N THR B 44 0.61 -25.42 29.48
CA THR B 44 1.63 -24.35 29.44
C THR B 44 2.20 -24.04 30.82
N ARG B 45 1.53 -24.56 31.85
CA ARG B 45 1.84 -24.23 33.25
C ARG B 45 3.30 -24.50 33.62
N PRO B 46 3.82 -25.72 33.32
CA PRO B 46 5.24 -26.03 33.58
C PRO B 46 6.22 -24.99 33.03
N PHE B 47 5.87 -24.36 31.90
CA PHE B 47 6.81 -23.42 31.23
C PHE B 47 6.70 -22.03 31.82
N TYR B 48 5.51 -21.69 32.31
CA TYR B 48 5.36 -20.50 33.13
C TYR B 48 6.07 -20.62 34.51
N ARG B 49 6.00 -21.81 35.13
CA ARG B 49 6.76 -22.11 36.34
C ARG B 49 8.26 -21.87 36.10
N GLU B 50 8.76 -22.39 34.99
CA GLU B 50 10.14 -22.15 34.56
C GLU B 50 10.47 -20.66 34.41
N ALA B 51 9.54 -19.88 33.83
CA ALA B 51 9.73 -18.42 33.64
C ALA B 51 9.80 -17.64 34.96
N VAL B 52 9.05 -18.09 35.96
CA VAL B 52 9.12 -17.52 37.33
C VAL B 52 10.44 -17.92 37.98
N ARG B 53 10.84 -19.18 37.81
CA ARG B 53 12.17 -19.67 38.20
C ARG B 53 13.35 -18.93 37.52
N HIS B 54 13.15 -18.45 36.29
CA HIS B 54 14.17 -17.63 35.62
C HIS B 54 13.96 -16.14 35.95
N GLY B 55 13.01 -15.85 36.85
CA GLY B 55 12.78 -14.47 37.32
C GLY B 55 12.10 -13.50 36.37
N LEU B 56 11.34 -14.04 35.41
CA LEU B 56 10.73 -13.22 34.34
C LEU B 56 9.47 -12.48 34.78
N ILE B 57 8.73 -13.10 35.70
CA ILE B 57 7.54 -12.50 36.31
C ILE B 57 7.90 -11.36 37.27
N LYS B 58 9.07 -11.47 37.90
CA LYS B 58 9.59 -10.48 38.85
C LYS B 58 10.26 -9.32 38.10
N ALA B 59 10.86 -9.66 36.96
CA ALA B 59 11.36 -8.64 36.01
C ALA B 59 10.26 -7.70 35.48
N GLN B 60 8.98 -8.01 35.79
CA GLN B 60 7.81 -7.21 35.38
C GLN B 60 7.46 -6.09 36.37
N VAL B 61 8.06 -6.15 37.57
CA VAL B 61 7.79 -5.18 38.64
C VAL B 61 9.02 -4.30 38.79
N PRO B 62 8.85 -2.97 38.89
CA PRO B 62 10.04 -2.12 39.08
C PRO B 62 10.81 -2.40 40.37
N ILE B 63 12.09 -2.00 40.38
CA ILE B 63 12.99 -2.16 41.51
C ILE B 63 12.45 -1.48 42.78
N PRO B 64 12.01 -0.20 42.68
CA PRO B 64 11.49 0.45 43.89
C PRO B 64 10.30 -0.24 44.58
N LEU B 65 9.94 -1.45 44.14
CA LEU B 65 8.74 -2.15 44.59
C LEU B 65 8.99 -3.65 44.75
N GLY B 66 10.27 -4.03 44.72
CA GLY B 66 10.68 -5.40 45.00
C GLY B 66 10.88 -6.29 43.79
N GLY B 67 10.61 -5.73 42.61
CA GLY B 67 10.84 -6.46 41.36
C GLY B 67 12.18 -6.08 40.75
N THR B 68 12.55 -6.76 39.68
CA THR B 68 13.87 -6.58 39.07
C THR B 68 13.87 -5.81 37.77
N MET B 69 12.70 -5.24 37.39
CA MET B 69 12.62 -4.49 36.13
C MET B 69 13.64 -3.37 36.09
N GLU B 70 14.58 -3.51 35.15
CA GLU B 70 15.69 -2.57 34.96
C GLU B 70 15.28 -1.33 34.14
N SER B 71 14.66 -1.54 32.98
CA SER B 71 14.12 -0.44 32.15
C SER B 71 13.15 -0.99 31.11
N LEU B 72 12.46 -0.10 30.40
CA LEU B 72 11.49 -0.52 29.38
C LEU B 72 12.15 -1.01 28.10
N VAL B 73 13.37 -0.54 27.85
CA VAL B 73 14.18 -1.07 26.76
C VAL B 73 14.58 -2.53 27.03
N HIS B 74 15.00 -2.82 28.26
CA HIS B 74 15.33 -4.20 28.63
C HIS B 74 14.12 -5.04 28.33
N GLU B 75 12.97 -4.56 28.78
CA GLU B 75 11.68 -5.27 28.63
C GLU B 75 11.33 -5.50 27.14
N SER B 76 11.49 -4.46 26.32
CA SER B 76 11.35 -4.53 24.85
C SER B 76 12.24 -5.60 24.21
N ILE B 77 13.50 -5.62 24.61
CA ILE B 77 14.47 -6.62 24.15
C ILE B 77 14.07 -8.03 24.61
N ILE B 78 13.57 -8.15 25.84
CA ILE B 78 13.17 -9.46 26.38
C ILE B 78 11.99 -10.01 25.59
N LEU B 79 10.97 -9.18 25.40
CA LEU B 79 9.74 -9.60 24.69
C LEU B 79 9.99 -9.97 23.22
N GLU B 80 10.88 -9.22 22.57
CA GLU B 80 11.22 -9.50 21.19
C GLU B 80 11.80 -10.91 21.00
N GLU B 81 12.65 -11.35 21.93
CA GLU B 81 13.36 -12.62 21.83
C GLU B 81 12.44 -13.80 22.12
N LEU B 82 11.50 -13.60 23.03
CA LEU B 82 10.56 -14.63 23.44
C LEU B 82 9.58 -14.86 22.30
N PHE B 83 9.06 -13.76 21.77
CA PHE B 83 8.11 -13.86 20.68
C PHE B 83 8.67 -14.33 19.34
N ALA B 84 9.97 -14.18 19.13
CA ALA B 84 10.67 -14.67 17.95
C ALA B 84 10.77 -16.19 17.97
N VAL B 85 10.51 -16.79 19.14
CA VAL B 85 10.59 -18.24 19.29
C VAL B 85 9.22 -18.84 19.61
N GLU B 86 8.52 -18.29 20.61
CA GLU B 86 7.31 -18.97 21.09
C GLU B 86 6.42 -18.06 21.94
N PRO B 87 5.32 -17.57 21.36
CA PRO B 87 4.34 -16.76 22.10
C PRO B 87 3.60 -17.50 23.23
N ALA B 88 3.50 -18.82 23.18
CA ALA B 88 3.06 -19.61 24.35
C ALA B 88 3.91 -19.27 25.56
N THR B 89 3.25 -19.11 26.71
CA THR B 89 3.87 -18.71 28.01
C THR B 89 4.31 -17.27 27.96
N SER B 90 5.07 -16.91 26.93
CA SER B 90 5.45 -15.53 26.64
C SER B 90 4.26 -14.57 26.74
N ILE B 91 3.11 -15.00 26.22
CA ILE B 91 1.89 -14.20 26.24
C ILE B 91 1.35 -14.06 27.69
N THR B 92 1.51 -15.12 28.48
CA THR B 92 1.08 -15.15 29.89
C THR B 92 1.88 -14.16 30.74
N ILE B 93 3.18 -14.06 30.49
CA ILE B 93 4.03 -13.12 31.20
C ILE B 93 3.54 -11.70 31.01
N VAL B 94 3.19 -11.38 29.76
CA VAL B 94 2.85 -10.02 29.31
C VAL B 94 1.47 -9.63 29.83
N ALA B 95 0.54 -10.58 29.77
CA ALA B 95 -0.83 -10.45 30.31
C ALA B 95 -0.80 -10.25 31.84
N THR B 96 0.02 -11.06 32.53
CA THR B 96 0.35 -10.83 33.95
C THR B 96 0.91 -9.42 34.17
N ALA B 97 1.82 -8.98 33.30
CA ALA B 97 2.44 -7.66 33.46
C ALA B 97 1.42 -6.54 33.29
N LEU B 98 0.51 -6.69 32.32
CA LEU B 98 -0.58 -5.73 32.16
C LEU B 98 -1.49 -5.71 33.41
N GLY B 99 -1.87 -6.89 33.88
CA GLY B 99 -2.66 -7.04 35.10
C GLY B 99 -2.08 -6.31 36.31
N LEU B 100 -0.76 -6.37 36.46
CA LEU B 100 -0.09 -5.70 37.58
C LEU B 100 0.12 -4.22 37.38
N MET B 101 0.02 -3.75 36.14
CA MET B 101 0.36 -2.34 35.85
C MET B 101 -0.43 -1.33 36.71
N PRO B 102 -1.77 -1.52 36.84
CA PRO B 102 -2.55 -0.51 37.55
C PRO B 102 -2.18 -0.45 39.05
N VAL B 103 -1.84 -1.60 39.62
CA VAL B 103 -1.32 -1.66 40.98
C VAL B 103 0.05 -0.96 41.06
N ILE B 104 0.95 -1.32 40.15
CA ILE B 104 2.27 -0.67 40.04
C ILE B 104 2.20 0.84 39.92
N LEU B 105 1.14 1.36 39.31
CA LEU B 105 1.03 2.79 39.00
C LEU B 105 0.32 3.68 40.04
N CYS B 106 -0.39 3.09 41.00
CA CYS B 106 -1.22 3.87 41.94
C CYS B 106 -0.45 4.51 43.08
N ASP B 107 -1.09 5.51 43.69
CA ASP B 107 -0.52 6.33 44.76
C ASP B 107 -0.30 5.65 46.14
N SER B 108 -0.41 4.33 46.22
CA SER B 108 -0.72 3.66 47.50
C SER B 108 0.19 2.48 47.93
N PRO B 109 1.32 2.79 48.62
CA PRO B 109 2.34 1.79 49.00
C PRO B 109 1.85 0.55 49.72
N SER B 110 0.79 0.67 50.51
CA SER B 110 0.25 -0.47 51.27
C SER B 110 -0.49 -1.45 50.37
N LEU B 111 -1.26 -0.92 49.42
CA LEU B 111 -1.91 -1.72 48.39
C LEU B 111 -0.85 -2.35 47.47
N GLN B 112 0.09 -1.53 47.00
CA GLN B 112 1.26 -2.00 46.23
C GLN B 112 1.94 -3.17 46.96
N GLU B 113 2.25 -2.99 48.25
CA GLU B 113 2.90 -4.00 49.10
C GLU B 113 2.15 -5.33 49.22
N LYS B 114 0.84 -5.26 49.45
CA LYS B 114 -0.01 -6.43 49.68
C LYS B 114 -0.31 -7.25 48.40
N PHE B 115 -0.51 -6.55 47.29
CA PHE B 115 -0.95 -7.22 46.07
C PHE B 115 0.15 -7.69 45.12
N LEU B 116 1.30 -6.98 45.14
CA LEU B 116 2.46 -7.36 44.34
C LEU B 116 3.25 -8.54 44.94
N LYS B 117 3.01 -8.81 46.22
CA LYS B 117 3.78 -9.79 47.00
C LYS B 117 4.04 -11.12 46.29
N PRO B 118 2.98 -11.77 45.75
CA PRO B 118 3.23 -13.10 45.19
C PRO B 118 4.02 -13.09 43.86
N PHE B 119 4.19 -11.93 43.25
CA PHE B 119 4.82 -11.84 41.94
C PHE B 119 6.32 -11.58 42.04
N ILE B 120 6.71 -10.96 43.15
CA ILE B 120 8.12 -10.65 43.42
C ILE B 120 8.86 -11.77 44.17
N SER B 121 8.17 -12.88 44.42
CA SER B 121 8.64 -13.90 45.33
C SER B 121 9.57 -14.95 44.69
N GLY B 122 9.43 -15.17 43.39
CA GLY B 122 10.24 -16.17 42.69
C GLY B 122 9.71 -17.61 42.72
N GLU B 123 8.57 -17.82 43.35
CA GLU B 123 8.01 -19.18 43.47
C GLU B 123 6.56 -19.20 42.98
N GLY B 124 6.01 -20.41 42.81
CA GLY B 124 4.65 -20.60 42.29
C GLY B 124 4.47 -20.25 40.82
N GLU B 125 3.21 -20.28 40.38
CA GLU B 125 2.80 -19.76 39.06
C GLU B 125 1.75 -18.67 39.19
N PRO B 126 2.07 -17.56 39.87
CA PRO B 126 1.06 -16.50 39.99
C PRO B 126 0.69 -15.86 38.65
N LEU B 127 -0.61 -15.71 38.39
CA LEU B 127 -1.11 -15.01 37.20
C LEU B 127 -1.77 -13.68 37.62
N ALA B 128 -1.56 -12.62 36.84
CA ALA B 128 -2.41 -11.44 36.90
C ALA B 128 -3.20 -11.20 35.57
N SER B 129 -4.19 -10.31 35.63
CA SER B 129 -5.07 -9.99 34.52
C SER B 129 -5.69 -8.64 34.82
N LEU B 130 -5.71 -7.75 33.83
CA LEU B 130 -6.42 -6.49 33.91
C LEU B 130 -7.69 -6.69 33.10
N MET B 131 -8.84 -6.67 33.78
CA MET B 131 -10.10 -7.05 33.13
C MET B 131 -10.91 -5.83 32.67
N HIS B 132 -10.72 -5.45 31.42
CA HIS B 132 -11.40 -4.30 30.85
C HIS B 132 -12.44 -4.73 29.80
N SER B 133 -12.04 -5.67 28.95
CA SER B 133 -12.80 -6.06 27.75
C SER B 133 -14.10 -6.82 28.05
N GLU B 134 -15.13 -6.44 27.27
CA GLU B 134 -16.51 -6.91 27.42
C GLU B 134 -17.11 -7.46 26.12
N PRO B 135 -18.16 -8.31 26.23
CA PRO B 135 -18.77 -8.94 25.03
C PRO B 135 -19.38 -7.92 24.03
N ASN B 136 -19.75 -6.75 24.51
CA ASN B 136 -20.39 -5.73 23.71
C ASN B 136 -19.40 -4.76 23.08
N GLY B 137 -18.12 -4.96 23.35
CA GLY B 137 -17.07 -4.05 22.94
C GLY B 137 -16.68 -2.99 23.98
N THR B 138 -15.53 -2.35 23.76
CA THR B 138 -15.02 -1.30 24.64
C THR B 138 -14.55 -0.06 23.91
N ALA B 139 -14.49 -0.08 22.57
CA ALA B 139 -13.95 1.09 21.83
C ALA B 139 -14.66 2.40 22.18
N ASN B 140 -15.91 2.26 22.61
CA ASN B 140 -16.73 3.40 23.00
C ASN B 140 -16.97 3.56 24.53
N TRP B 141 -16.26 2.77 25.35
CA TRP B 141 -16.44 2.78 26.81
C TRP B 141 -16.48 4.17 27.43
N LEU B 142 -15.67 5.09 26.91
CA LEU B 142 -15.68 6.46 27.39
C LEU B 142 -16.56 7.46 26.61
N GLN B 143 -17.47 6.99 25.77
CA GLN B 143 -18.27 7.93 24.97
C GLN B 143 -19.39 8.52 25.81
N LYS B 144 -19.48 9.85 25.81
CA LYS B 144 -20.55 10.54 26.51
C LYS B 144 -21.88 10.37 25.78
N GLY B 145 -22.86 9.78 26.48
CA GLY B 145 -24.17 9.54 25.91
C GLY B 145 -24.31 8.09 25.51
N GLY B 146 -23.24 7.32 25.70
CA GLY B 146 -23.24 5.91 25.35
C GLY B 146 -23.71 5.08 26.51
N PRO B 147 -23.95 3.79 26.27
CA PRO B 147 -24.26 2.83 27.34
C PRO B 147 -23.12 2.54 28.35
N GLY B 148 -21.94 3.10 28.10
CA GLY B 148 -20.72 2.88 28.91
C GLY B 148 -20.44 1.41 29.09
N LEU B 149 -19.48 1.07 29.96
CA LEU B 149 -19.24 -0.33 30.31
C LEU B 149 -20.49 -1.03 30.86
N GLN B 150 -20.56 -2.35 30.65
CA GLN B 150 -21.68 -3.15 31.14
C GLN B 150 -21.31 -3.93 32.38
N THR B 151 -20.08 -3.75 32.83
CA THR B 151 -19.65 -4.31 34.10
C THR B 151 -19.60 -3.14 35.03
N THR B 152 -20.55 -3.17 35.97
CA THR B 152 -20.84 -2.09 36.89
C THR B 152 -20.64 -2.57 38.33
N ALA B 153 -20.29 -1.60 39.19
CA ALA B 153 -20.15 -1.81 40.63
C ALA B 153 -21.08 -0.87 41.39
N ARG B 154 -21.69 -1.36 42.48
CA ARG B 154 -22.43 -0.47 43.41
C ARG B 154 -21.86 -0.58 44.83
N LYS B 155 -21.94 0.50 45.60
CA LYS B 155 -21.46 0.50 47.00
C LYS B 155 -22.53 0.05 48.04
N VAL B 156 -22.31 -1.13 48.65
CA VAL B 156 -23.28 -1.74 49.59
C VAL B 156 -22.63 -2.14 50.93
N GLY B 157 -22.68 -1.22 51.89
CA GLY B 157 -21.99 -1.40 53.16
C GLY B 157 -20.51 -1.09 53.07
N ASN B 158 -19.70 -2.00 53.60
CA ASN B 158 -18.25 -1.91 53.54
C ASN B 158 -17.72 -2.59 52.26
N GLU B 159 -18.64 -2.92 51.35
CA GLU B 159 -18.37 -3.72 50.17
C GLU B 159 -18.83 -3.06 48.84
N TRP B 160 -18.26 -3.56 47.74
CA TRP B 160 -18.74 -3.25 46.38
C TRP B 160 -19.31 -4.52 45.80
N VAL B 161 -20.35 -4.37 45.00
CA VAL B 161 -20.94 -5.52 44.33
C VAL B 161 -20.75 -5.35 42.83
N ILE B 162 -20.30 -6.42 42.19
CA ILE B 162 -20.06 -6.34 40.77
C ILE B 162 -21.16 -7.05 39.99
N SER B 163 -21.75 -6.32 39.05
CA SER B 163 -22.66 -6.93 38.12
C SER B 163 -22.21 -6.71 36.67
N GLY B 164 -22.19 -7.77 35.89
CA GLY B 164 -21.89 -7.68 34.46
C GLY B 164 -20.97 -8.76 33.91
N GLU B 165 -20.50 -8.54 32.67
CA GLU B 165 -19.69 -9.55 31.96
C GLU B 165 -18.36 -9.01 31.43
N LYS B 166 -17.39 -9.90 31.30
CA LYS B 166 -16.10 -9.60 30.70
C LYS B 166 -15.76 -10.67 29.66
N LEU B 167 -15.05 -10.26 28.61
CA LEU B 167 -14.53 -11.19 27.58
C LEU B 167 -13.11 -10.81 27.20
N TRP B 168 -12.28 -11.81 26.88
CA TRP B 168 -10.92 -11.61 26.32
C TRP B 168 -9.77 -11.41 27.30
N PRO B 169 -10.02 -10.85 28.54
CA PRO B 169 -8.84 -10.50 29.35
C PRO B 169 -8.05 -11.75 29.65
N SER B 170 -6.81 -11.75 29.18
CA SER B 170 -5.97 -12.93 29.24
C SER B 170 -5.61 -13.22 30.68
N ASN B 171 -5.68 -14.51 31.06
CA ASN B 171 -5.29 -15.00 32.38
C ASN B 171 -6.40 -14.94 33.45
N SER B 172 -7.54 -14.32 33.12
CA SER B 172 -8.52 -13.89 34.14
C SER B 172 -9.09 -14.99 35.06
N GLY B 173 -9.21 -16.21 34.57
CA GLY B 173 -9.76 -17.30 35.36
C GLY B 173 -8.69 -18.17 36.02
N GLY B 174 -7.44 -17.73 35.94
CA GLY B 174 -6.32 -18.52 36.41
C GLY B 174 -6.13 -19.82 35.66
N TRP B 175 -5.35 -20.71 36.24
CA TRP B 175 -5.11 -22.01 35.64
C TRP B 175 -6.30 -22.99 35.66
N ASP B 176 -7.30 -22.70 36.52
CA ASP B 176 -8.33 -23.71 36.87
C ASP B 176 -9.76 -23.18 36.89
N TYR B 177 -9.91 -21.90 36.55
CA TYR B 177 -11.21 -21.20 36.53
C TYR B 177 -11.68 -20.74 37.91
N LYS B 178 -10.87 -20.99 38.94
CA LYS B 178 -11.13 -20.42 40.28
C LYS B 178 -10.60 -18.99 40.38
N GLY B 179 -10.11 -18.48 39.25
CA GLY B 179 -9.70 -17.08 39.17
C GLY B 179 -8.21 -16.87 39.12
N ALA B 180 -7.83 -15.69 38.62
CA ALA B 180 -6.45 -15.24 38.54
C ALA B 180 -6.02 -14.82 39.94
N ASP B 181 -4.71 -14.86 40.20
CA ASP B 181 -4.16 -14.49 41.50
C ASP B 181 -4.34 -13.01 41.82
N LEU B 182 -4.29 -12.17 40.79
CA LEU B 182 -4.66 -10.75 40.91
C LEU B 182 -5.39 -10.28 39.65
N ALA B 183 -6.69 -10.09 39.75
CA ALA B 183 -7.47 -9.48 38.68
C ALA B 183 -7.80 -8.06 39.05
N CYS B 184 -7.58 -7.12 38.15
CA CYS B 184 -8.08 -5.78 38.32
C CYS B 184 -9.33 -5.84 37.49
N VAL B 185 -10.38 -5.12 37.89
CA VAL B 185 -11.68 -5.20 37.21
C VAL B 185 -12.23 -3.80 37.03
N VAL B 186 -12.17 -3.31 35.79
CA VAL B 186 -12.59 -1.94 35.46
C VAL B 186 -14.11 -1.90 35.40
N CYS B 187 -14.69 -0.95 36.11
CA CYS B 187 -16.13 -0.94 36.36
C CYS B 187 -16.74 0.44 36.13
N ARG B 188 -17.96 0.44 35.64
CA ARG B 188 -18.74 1.67 35.64
C ARG B 188 -19.53 1.69 36.96
N VAL B 189 -19.40 2.76 37.73
CA VAL B 189 -20.12 2.87 38.99
C VAL B 189 -21.59 3.16 38.70
N SER B 190 -22.46 2.23 39.06
CA SER B 190 -23.90 2.45 38.90
C SER B 190 -24.70 1.97 40.11
N ASP B 191 -25.35 2.91 40.82
CA ASP B 191 -26.21 2.57 41.97
C ASP B 191 -27.38 1.67 41.58
N ASP B 192 -27.99 1.96 40.43
CA ASP B 192 -28.95 1.07 39.82
C ASP B 192 -28.44 0.54 38.46
N PRO B 193 -27.88 -0.70 38.48
CA PRO B 193 -27.33 -1.44 37.33
C PRO B 193 -28.30 -1.66 36.18
N SER B 194 -29.59 -1.61 36.47
CA SER B 194 -30.63 -1.72 35.43
C SER B 194 -31.03 -0.35 34.88
N LYS B 195 -30.52 0.73 35.45
CA LYS B 195 -30.70 2.05 34.83
C LYS B 195 -29.56 2.37 33.84
N PRO B 196 -29.90 3.00 32.69
CA PRO B 196 -28.87 3.37 31.71
C PRO B 196 -27.89 4.39 32.28
N GLN B 197 -26.65 4.39 31.76
CA GLN B 197 -25.68 5.42 32.11
C GLN B 197 -26.26 6.79 31.78
N ASP B 198 -26.32 7.67 32.78
CA ASP B 198 -26.77 9.03 32.62
C ASP B 198 -26.02 9.71 31.47
N PRO B 199 -26.73 10.17 30.42
CA PRO B 199 -26.09 10.84 29.26
C PRO B 199 -25.45 12.23 29.55
N ASN B 200 -25.52 12.69 30.81
CA ASN B 200 -25.08 14.05 31.14
C ASN B 200 -23.78 14.18 31.93
N VAL B 201 -23.29 13.06 32.46
CA VAL B 201 -22.00 13.02 33.15
C VAL B 201 -20.90 12.34 32.30
N ASP B 202 -19.72 12.95 32.19
CA ASP B 202 -18.57 12.32 31.49
C ASP B 202 -18.36 10.95 32.07
N PRO B 203 -18.41 9.92 31.21
CA PRO B 203 -18.24 8.53 31.63
C PRO B 203 -16.94 8.23 32.36
N ALA B 204 -15.93 9.10 32.19
CA ALA B 204 -14.59 8.88 32.76
C ALA B 204 -14.58 9.15 34.24
N THR B 205 -15.60 9.86 34.70
CA THR B 205 -15.80 10.13 36.14
C THR B 205 -16.50 8.95 36.87
N GLN B 206 -17.04 7.99 36.12
CA GLN B 206 -17.70 6.87 36.77
C GLN B 206 -16.82 5.62 36.87
N ILE B 207 -15.54 5.77 36.51
CA ILE B 207 -14.65 4.61 36.44
C ILE B 207 -14.11 4.24 37.83
N ALA B 208 -14.12 2.94 38.10
CA ALA B 208 -13.59 2.35 39.31
C ALA B 208 -12.91 1.04 38.95
N VAL B 209 -11.82 0.76 39.67
CA VAL B 209 -11.07 -0.49 39.48
C VAL B 209 -11.06 -1.23 40.79
N LEU B 210 -11.57 -2.46 40.77
CA LEU B 210 -11.66 -3.30 41.95
C LEU B 210 -10.72 -4.49 41.82
N LEU B 211 -9.87 -4.69 42.82
CA LEU B 211 -8.90 -5.78 42.80
C LEU B 211 -9.59 -7.06 43.27
N VAL B 212 -9.57 -8.11 42.45
CA VAL B 212 -10.27 -9.35 42.75
C VAL B 212 -9.25 -10.50 42.77
N THR B 213 -9.06 -11.10 43.95
CA THR B 213 -8.10 -12.18 44.11
C THR B 213 -8.82 -13.53 44.18
N ARG B 214 -8.06 -14.62 44.22
CA ARG B 214 -8.63 -15.97 44.26
C ARG B 214 -9.41 -16.22 45.54
N GLU B 215 -9.05 -15.43 46.54
CA GLU B 215 -9.65 -15.41 47.86
C GLU B 215 -11.07 -14.84 47.80
N THR B 216 -11.20 -13.64 47.22
CA THR B 216 -12.52 -13.01 47.00
C THR B 216 -13.52 -13.97 46.35
N ILE B 217 -13.04 -14.68 45.33
CA ILE B 217 -13.84 -15.65 44.59
C ILE B 217 -14.27 -16.82 45.48
N ALA B 218 -13.39 -17.24 46.37
CA ALA B 218 -13.70 -18.29 47.34
C ALA B 218 -14.69 -17.81 48.41
N ASN B 219 -14.60 -16.52 48.75
CA ASN B 219 -15.49 -15.89 49.73
C ASN B 219 -16.78 -15.35 49.11
N ASN B 220 -17.26 -16.04 48.08
CA ASN B 220 -18.46 -15.64 47.32
C ASN B 220 -19.22 -16.88 46.93
N LYS B 221 -20.47 -16.71 46.52
CA LYS B 221 -21.29 -17.80 45.99
C LYS B 221 -20.68 -18.42 44.71
N LYS B 222 -20.83 -19.73 44.55
CA LYS B 222 -20.36 -20.44 43.37
C LYS B 222 -20.98 -19.90 42.09
N ASP B 223 -22.20 -19.35 42.20
CA ASP B 223 -22.88 -18.77 41.04
C ASP B 223 -22.63 -17.24 40.89
N ALA B 224 -21.75 -16.68 41.72
CA ALA B 224 -21.44 -15.24 41.65
C ALA B 224 -20.28 -14.91 40.68
N TYR B 225 -19.49 -15.93 40.36
CA TYR B 225 -18.38 -15.81 39.44
C TYR B 225 -18.47 -17.04 38.56
N GLN B 226 -18.90 -16.83 37.32
CA GLN B 226 -18.94 -17.95 36.38
C GLN B 226 -18.26 -17.70 35.02
N ILE B 227 -17.63 -18.77 34.54
CA ILE B 227 -16.97 -18.81 33.26
C ILE B 227 -17.99 -19.36 32.27
N LEU B 228 -18.50 -18.47 31.41
CA LEU B 228 -19.52 -18.85 30.42
C LEU B 228 -18.92 -19.50 29.20
N GLY B 229 -17.65 -19.20 28.92
CA GLY B 229 -16.98 -19.73 27.75
C GLY B 229 -15.51 -19.35 27.60
N GLU B 230 -14.85 -20.04 26.69
CA GLU B 230 -13.45 -19.83 26.31
C GLU B 230 -13.35 -19.76 24.77
N PRO B 231 -13.13 -18.54 24.20
CA PRO B 231 -12.87 -18.39 22.74
C PRO B 231 -11.77 -19.31 22.16
N GLU B 232 -12.10 -20.03 21.10
CA GLU B 232 -11.07 -20.68 20.30
C GLU B 232 -10.44 -19.64 19.35
N LEU B 233 -9.22 -19.21 19.67
CA LEU B 233 -8.54 -18.14 18.94
C LEU B 233 -7.87 -18.66 17.68
N ALA B 234 -7.88 -17.84 16.63
CA ALA B 234 -7.12 -18.11 15.38
C ALA B 234 -5.63 -18.42 15.65
N GLY B 235 -4.97 -17.53 16.39
CA GLY B 235 -3.58 -17.72 16.80
C GLY B 235 -3.46 -17.54 18.31
N HIS B 236 -2.29 -17.82 18.88
CA HIS B 236 -2.08 -17.74 20.33
C HIS B 236 -3.05 -18.72 21.00
N ILE B 237 -2.96 -19.96 20.52
CA ILE B 237 -3.97 -21.00 20.78
C ILE B 237 -3.88 -21.60 22.21
N THR B 238 -2.89 -21.13 22.96
CA THR B 238 -2.58 -21.60 24.30
C THR B 238 -2.90 -20.52 25.35
N THR B 239 -3.57 -19.45 24.95
CA THR B 239 -3.91 -18.41 25.90
C THR B 239 -5.33 -18.61 26.42
N SER B 240 -5.66 -17.92 27.51
CA SER B 240 -6.98 -18.00 28.12
C SER B 240 -7.41 -16.59 28.36
N GLY B 241 -8.59 -16.25 27.85
CA GLY B 241 -9.16 -14.92 28.03
C GLY B 241 -10.66 -15.08 27.95
N PRO B 242 -11.25 -15.75 28.97
CA PRO B 242 -12.57 -16.33 28.84
C PRO B 242 -13.73 -15.37 28.99
N HIS B 243 -14.93 -15.92 28.84
CA HIS B 243 -16.16 -15.20 29.06
C HIS B 243 -16.57 -15.36 30.54
N THR B 244 -16.75 -14.24 31.22
CA THR B 244 -16.87 -14.20 32.66
C THR B 244 -18.06 -13.38 33.09
N ARG B 245 -18.99 -14.00 33.83
CA ARG B 245 -20.12 -13.29 34.41
C ARG B 245 -19.99 -13.05 35.93
N PHE B 246 -20.10 -11.79 36.31
CA PHE B 246 -20.26 -11.42 37.71
C PHE B 246 -21.74 -11.18 38.02
N THR B 247 -22.30 -12.01 38.92
CA THR B 247 -23.66 -11.81 39.46
C THR B 247 -23.62 -11.66 40.98
N GLU B 248 -23.91 -10.45 41.46
CA GLU B 248 -23.88 -10.13 42.91
C GLU B 248 -22.55 -10.56 43.58
N PHE B 249 -21.45 -10.19 42.94
CA PHE B 249 -20.10 -10.55 43.38
C PHE B 249 -19.60 -9.51 44.38
N HIS B 250 -19.31 -9.97 45.62
CA HIS B 250 -18.96 -9.08 46.73
C HIS B 250 -17.46 -8.86 46.88
N VAL B 251 -17.08 -7.58 46.98
CA VAL B 251 -15.69 -7.14 47.01
C VAL B 251 -15.50 -6.11 48.14
N PRO B 252 -14.50 -6.34 49.04
CA PRO B 252 -14.14 -5.41 50.14
C PRO B 252 -13.82 -4.02 49.64
N HIS B 253 -14.28 -2.97 50.34
CA HIS B 253 -13.93 -1.58 49.98
C HIS B 253 -12.42 -1.33 49.99
N GLU B 254 -11.69 -2.21 50.68
CA GLU B 254 -10.23 -2.08 50.80
C GLU B 254 -9.52 -2.52 49.51
N ASN B 255 -10.17 -3.41 48.77
CA ASN B 255 -9.74 -3.84 47.44
C ASN B 255 -10.03 -2.80 46.32
N LEU B 256 -10.57 -1.63 46.68
CA LEU B 256 -10.76 -0.56 45.72
C LEU B 256 -9.40 0.06 45.47
N LEU B 257 -9.01 0.19 44.20
CA LEU B 257 -7.66 0.58 43.83
C LEU B 257 -7.34 2.04 44.12
N CYS B 258 -8.30 2.92 43.83
CA CYS B 258 -8.11 4.35 44.02
C CYS B 258 -9.49 5.00 44.03
N THR B 259 -9.51 6.33 43.97
CA THR B 259 -10.75 7.07 43.89
C THR B 259 -11.38 6.88 42.53
N PRO B 260 -12.63 6.38 42.48
CA PRO B 260 -13.43 6.46 41.26
C PRO B 260 -13.23 7.77 40.50
N GLY B 261 -13.35 7.73 39.19
CA GLY B 261 -13.28 8.96 38.40
C GLY B 261 -12.02 9.08 37.59
N LEU B 262 -11.63 10.32 37.33
CA LEU B 262 -10.52 10.64 36.44
C LEU B 262 -9.20 9.95 36.78
N LYS B 263 -9.00 9.67 38.07
CA LYS B 263 -7.78 9.03 38.57
C LYS B 263 -7.78 7.55 38.20
N ALA B 264 -8.93 6.91 38.35
CA ALA B 264 -9.06 5.49 38.03
C ALA B 264 -8.94 5.28 36.53
N GLN B 265 -9.48 6.24 35.77
CA GLN B 265 -9.51 6.18 34.33
C GLN B 265 -8.07 6.32 33.86
N GLY B 266 -7.43 7.39 34.37
CA GLY B 266 -6.01 7.70 34.13
C GLY B 266 -5.06 6.55 34.38
N LEU B 267 -5.44 5.65 35.28
CA LEU B 267 -4.60 4.52 35.63
C LEU B 267 -4.74 3.41 34.59
N VAL B 268 -5.98 3.21 34.12
CA VAL B 268 -6.28 2.24 33.06
C VAL B 268 -5.61 2.71 31.75
N GLU B 269 -5.75 4.01 31.47
CA GLU B 269 -5.17 4.68 30.32
C GLU B 269 -3.64 4.59 30.28
N THR B 270 -3.01 4.87 31.42
CA THR B 270 -1.55 4.79 31.55
C THR B 270 -1.09 3.36 31.40
N ALA B 271 -1.83 2.41 31.98
CA ALA B 271 -1.54 0.99 31.80
C ALA B 271 -1.62 0.55 30.32
N PHE B 272 -2.72 0.91 29.63
CA PHE B 272 -2.89 0.54 28.23
C PHE B 272 -1.94 1.30 27.27
N ALA B 273 -1.54 2.53 27.62
CA ALA B 273 -0.47 3.23 26.89
C ALA B 273 0.92 2.54 26.96
N MET B 274 1.32 2.11 28.16
CA MET B 274 2.55 1.34 28.31
C MET B 274 2.51 0.05 27.53
N SER B 275 1.42 -0.71 27.66
CA SER B 275 1.26 -1.94 26.85
C SER B 275 1.20 -1.65 25.34
N ALA B 276 0.73 -0.46 24.94
CA ALA B 276 0.61 -0.09 23.54
C ALA B 276 1.99 -0.07 22.88
N ALA B 277 2.95 0.58 23.56
CA ALA B 277 4.35 0.63 23.14
C ALA B 277 5.04 -0.75 23.18
N LEU B 278 4.78 -1.53 24.22
CA LEU B 278 5.45 -2.80 24.40
C LEU B 278 4.95 -3.94 23.50
N VAL B 279 3.72 -3.82 23.04
CA VAL B 279 3.10 -4.76 22.12
C VAL B 279 3.87 -4.84 20.77
N GLY B 280 4.44 -3.72 20.34
CA GLY B 280 5.32 -3.68 19.19
C GLY B 280 6.54 -4.59 19.29
N ALA B 281 6.97 -4.89 20.51
CA ALA B 281 8.09 -5.78 20.71
C ALA B 281 7.66 -7.22 20.47
N MET B 282 6.39 -7.51 20.75
CA MET B 282 5.82 -8.82 20.48
C MET B 282 5.63 -8.97 18.97
N ALA B 283 5.09 -7.94 18.34
CA ALA B 283 4.85 -7.93 16.89
C ALA B 283 6.16 -8.02 16.09
N ILE B 284 7.19 -7.27 16.52
CA ILE B 284 8.56 -7.37 15.94
C ILE B 284 9.12 -8.78 16.04
N GLY B 285 8.90 -9.45 17.17
CA GLY B 285 9.38 -10.82 17.34
C GLY B 285 8.69 -11.80 16.41
N THR B 286 7.38 -11.73 16.31
CA THR B 286 6.67 -12.61 15.42
C THR B 286 7.11 -12.35 13.97
N ALA B 287 7.12 -11.09 13.55
CA ALA B 287 7.59 -10.74 12.21
C ALA B 287 9.07 -11.09 11.97
N ARG B 288 9.92 -10.89 12.99
CA ARG B 288 11.36 -11.20 12.86
C ARG B 288 11.63 -12.68 12.55
N ALA B 289 10.84 -13.55 13.17
CA ALA B 289 10.86 -14.97 12.91
C ALA B 289 10.43 -15.29 11.48
N ALA B 290 9.38 -14.60 11.00
CA ALA B 290 8.93 -14.78 9.60
C ALA B 290 10.07 -14.40 8.66
N PHE B 291 10.61 -13.20 8.85
CA PHE B 291 11.71 -12.67 8.05
C PHE B 291 12.99 -13.52 8.02
N GLU B 292 13.44 -14.00 9.19
CA GLU B 292 14.65 -14.80 9.27
C GLU B 292 14.48 -16.20 8.68
N GLU B 293 13.31 -16.81 8.87
CA GLU B 293 13.02 -18.08 8.20
C GLU B 293 13.01 -17.90 6.67
N ALA B 294 12.34 -16.86 6.18
CA ALA B 294 12.36 -16.50 4.74
C ALA B 294 13.79 -16.19 4.23
N LEU B 295 14.55 -15.45 5.04
CA LEU B 295 15.92 -15.06 4.69
C LEU B 295 16.85 -16.26 4.56
N VAL B 296 16.78 -17.17 5.53
CA VAL B 296 17.63 -18.35 5.54
C VAL B 296 17.31 -19.22 4.30
N PHE B 297 16.01 -19.38 4.03
CA PHE B 297 15.55 -20.12 2.88
C PHE B 297 16.00 -19.46 1.54
N ALA B 298 15.80 -18.15 1.41
CA ALA B 298 16.24 -17.38 0.22
C ALA B 298 17.73 -17.56 -0.05
N LYS B 299 18.51 -17.64 1.01
CA LYS B 299 19.96 -17.71 0.87
C LYS B 299 20.45 -19.13 0.66
N SER B 300 19.55 -20.10 0.67
CA SER B 300 20.03 -21.48 0.54
C SER B 300 19.20 -22.41 -0.33
N ASP B 301 18.11 -21.91 -0.91
CA ASP B 301 17.29 -22.75 -1.79
C ASP B 301 17.18 -22.10 -3.18
N THR B 302 17.53 -22.85 -4.24
CA THR B 302 17.54 -22.32 -5.62
C THR B 302 16.18 -22.47 -6.25
N ARG B 303 15.31 -23.21 -5.57
CA ARG B 303 13.97 -23.49 -6.08
C ARG B 303 13.98 -24.10 -7.50
N GLY B 304 14.91 -25.03 -7.69
CA GLY B 304 15.06 -25.79 -8.94
C GLY B 304 15.61 -24.97 -10.10
N GLY B 305 16.43 -23.96 -9.79
CA GLY B 305 17.00 -23.07 -10.77
C GLY B 305 18.49 -23.08 -10.61
N SER B 306 19.16 -22.04 -11.08
CA SER B 306 20.63 -22.04 -11.03
C SER B 306 21.21 -21.23 -9.87
N LYS B 307 20.39 -20.41 -9.24
CA LYS B 307 20.88 -19.55 -8.16
C LYS B 307 19.90 -19.48 -7.00
N HIS B 308 20.44 -19.19 -5.82
CA HIS B 308 19.61 -18.94 -4.65
C HIS B 308 18.54 -17.89 -4.99
N ILE B 309 17.37 -18.03 -4.39
CA ILE B 309 16.27 -17.19 -4.81
C ILE B 309 16.42 -15.73 -4.38
N ILE B 310 17.25 -15.48 -3.37
CA ILE B 310 17.54 -14.12 -2.96
C ILE B 310 18.17 -13.28 -4.13
N GLU B 311 18.70 -14.01 -5.10
CA GLU B 311 19.34 -13.42 -6.25
C GLU B 311 18.31 -12.88 -7.21
N HIS B 312 17.04 -13.25 -7.01
CA HIS B 312 15.95 -12.67 -7.80
C HIS B 312 15.51 -11.34 -7.22
N GLN B 313 15.48 -10.29 -8.07
CA GLN B 313 15.13 -8.94 -7.62
C GLN B 313 13.77 -8.86 -6.93
N SER B 314 12.79 -9.58 -7.45
CA SER B 314 11.46 -9.59 -6.81
C SER B 314 11.47 -10.25 -5.42
N VAL B 315 12.24 -11.31 -5.25
CA VAL B 315 12.41 -11.98 -3.94
C VAL B 315 13.11 -11.05 -2.92
N ALA B 316 14.30 -10.55 -3.27
CA ALA B 316 15.03 -9.53 -2.52
C ALA B 316 14.19 -8.31 -2.11
N ASP B 317 13.37 -7.79 -3.01
CA ASP B 317 12.50 -6.66 -2.70
C ASP B 317 11.55 -6.93 -1.55
N LYS B 318 10.92 -8.12 -1.56
CA LYS B 318 10.11 -8.62 -0.44
C LYS B 318 10.91 -8.64 0.87
N LEU B 319 12.13 -9.15 0.84
CA LEU B 319 12.95 -9.27 2.05
C LEU B 319 13.46 -7.92 2.55
N ILE B 320 13.78 -7.05 1.60
CA ILE B 320 14.14 -5.67 1.89
C ILE B 320 13.01 -4.95 2.62
N ASP B 321 11.77 -5.10 2.13
CA ASP B 321 10.60 -4.51 2.79
C ASP B 321 10.34 -5.06 4.23
N CYS B 322 10.43 -6.39 4.38
CA CYS B 322 10.41 -7.00 5.69
C CYS B 322 11.45 -6.34 6.60
N LYS B 323 12.68 -6.26 6.12
CA LYS B 323 13.78 -5.73 6.90
C LYS B 323 13.52 -4.31 7.33
N ILE B 324 13.17 -3.46 6.38
CA ILE B 324 12.83 -2.06 6.68
C ILE B 324 11.73 -1.95 7.76
N ARG B 325 10.62 -2.66 7.55
CA ARG B 325 9.52 -2.65 8.51
C ARG B 325 9.99 -2.98 9.94
N LEU B 326 10.83 -4.02 10.06
CA LEU B 326 11.34 -4.50 11.32
C LEU B 326 12.27 -3.49 12.01
N GLU B 327 13.10 -2.83 11.22
CA GLU B 327 14.04 -1.84 11.72
C GLU B 327 13.31 -0.56 12.18
N THR B 328 12.47 0.02 11.33
CA THR B 328 11.67 1.17 11.76
C THR B 328 10.77 0.83 12.98
N SER B 329 10.17 -0.35 12.97
CA SER B 329 9.38 -0.79 14.13
C SER B 329 10.17 -0.78 15.45
N ARG B 330 11.36 -1.41 15.48
CA ARG B 330 12.16 -1.44 16.71
C ARG B 330 12.58 -0.07 17.16
N LEU B 331 13.04 0.76 16.24
CA LEU B 331 13.39 2.13 16.63
C LEU B 331 12.18 2.80 17.31
N LEU B 332 11.02 2.80 16.65
CA LEU B 332 9.81 3.40 17.20
C LEU B 332 9.47 2.88 18.62
N VAL B 333 9.58 1.58 18.85
CA VAL B 333 9.32 1.00 20.18
C VAL B 333 10.29 1.56 21.26
N TRP B 334 11.59 1.48 20.98
CA TRP B 334 12.62 2.00 21.86
C TRP B 334 12.39 3.50 22.09
N LYS B 335 12.03 4.22 21.05
CA LYS B 335 11.70 5.64 21.20
C LYS B 335 10.43 5.84 22.06
N ALA B 336 9.40 5.04 21.81
CA ALA B 336 8.18 5.06 22.60
C ALA B 336 8.43 4.79 24.10
N VAL B 337 9.12 3.70 24.42
CA VAL B 337 9.32 3.32 25.82
C VAL B 337 10.20 4.32 26.57
N THR B 338 11.19 4.89 25.87
CA THR B 338 12.02 5.95 26.38
C THR B 338 11.18 7.21 26.66
N THR B 339 10.26 7.52 25.76
CA THR B 339 9.38 8.69 25.92
C THR B 339 8.49 8.54 27.16
N LEU B 340 8.02 7.33 27.39
CA LEU B 340 7.21 7.00 28.55
C LEU B 340 7.99 7.08 29.86
N GLU B 341 9.31 7.03 29.80
CA GLU B 341 10.15 7.04 30.99
C GLU B 341 10.70 8.44 31.26
N ASP B 342 10.49 9.35 30.34
CA ASP B 342 10.96 10.70 30.52
C ASP B 342 9.95 11.53 31.31
N GLU B 343 10.41 12.06 32.45
CA GLU B 343 9.55 12.80 33.37
C GLU B 343 9.40 14.28 33.05
N ALA B 344 10.15 14.80 32.07
CA ALA B 344 9.98 16.18 31.60
C ALA B 344 8.85 16.40 30.58
N LEU B 345 8.24 15.31 30.11
CA LEU B 345 7.25 15.40 29.03
C LEU B 345 5.83 15.26 29.55
N GLU B 346 4.92 16.07 29.00
CA GLU B 346 3.50 16.03 29.34
C GLU B 346 2.90 14.65 29.02
N TRP B 347 1.74 14.33 29.57
CA TRP B 347 1.20 13.00 29.36
C TRP B 347 0.73 12.75 27.90
N LYS B 348 0.19 13.78 27.28
CA LYS B 348 -0.34 13.70 25.95
C LYS B 348 0.75 13.40 24.91
N VAL B 349 1.99 13.75 25.24
CA VAL B 349 3.13 13.51 24.37
C VAL B 349 3.52 12.02 24.44
N LYS B 350 3.53 11.46 25.64
CA LYS B 350 3.77 10.04 25.82
C LYS B 350 2.63 9.16 25.26
N LEU B 351 1.40 9.67 25.35
CA LEU B 351 0.23 9.00 24.80
C LEU B 351 0.31 8.93 23.25
N GLU B 352 0.53 10.06 22.63
CA GLU B 352 0.53 10.13 21.18
C GLU B 352 1.67 9.24 20.63
N MET B 353 2.83 9.27 21.29
CA MET B 353 3.97 8.48 20.87
C MET B 353 3.68 6.99 21.01
N ALA B 354 3.02 6.62 22.10
CA ALA B 354 2.66 5.22 22.34
C ALA B 354 1.61 4.71 21.34
N MET B 355 0.73 5.60 20.89
CA MET B 355 -0.37 5.28 19.99
C MET B 355 0.18 4.96 18.60
N GLN B 356 1.07 5.83 18.11
CA GLN B 356 1.79 5.67 16.87
C GLN B 356 2.43 4.32 16.76
N THR B 357 3.10 3.93 17.85
CA THR B 357 3.92 2.75 17.91
C THR B 357 3.02 1.53 17.82
N LYS B 358 1.91 1.56 18.55
CA LYS B 358 1.00 0.41 18.51
C LYS B 358 0.48 0.26 17.10
N ILE B 359 -0.03 1.36 16.53
CA ILE B 359 -0.58 1.39 15.17
C ILE B 359 0.44 0.90 14.13
N TYR B 360 1.60 1.54 14.06
CA TYR B 360 2.61 1.18 13.09
C TYR B 360 3.11 -0.26 13.23
N THR B 361 3.69 -0.58 14.36
CA THR B 361 4.33 -1.84 14.50
C THR B 361 3.37 -3.03 14.22
N THR B 362 2.12 -2.90 14.64
CA THR B 362 1.19 -4.04 14.51
C THR B 362 0.64 -4.21 13.07
N ASP B 363 0.29 -3.11 12.41
CA ASP B 363 -0.08 -3.11 10.97
C ASP B 363 1.04 -3.65 10.05
N VAL B 364 2.27 -3.21 10.32
CA VAL B 364 3.41 -3.45 9.46
C VAL B 364 3.92 -4.89 9.68
N ALA B 365 3.76 -5.41 10.90
CA ALA B 365 4.15 -6.81 11.19
C ALA B 365 3.34 -7.86 10.40
N VAL B 366 2.06 -7.55 10.18
CA VAL B 366 1.22 -8.37 9.31
C VAL B 366 1.76 -8.40 7.87
N GLU B 367 2.12 -7.24 7.33
CA GLU B 367 2.72 -7.11 6.00
C GLU B 367 4.01 -7.92 5.88
N CYS B 368 4.83 -7.82 6.92
CA CYS B 368 6.10 -8.44 6.94
C CYS B 368 5.99 -9.97 6.82
N VAL B 369 5.02 -10.56 7.54
CA VAL B 369 4.81 -12.02 7.52
C VAL B 369 4.29 -12.50 6.17
N ILE B 370 3.34 -11.76 5.60
CA ILE B 370 2.71 -12.12 4.33
C ILE B 370 3.71 -12.07 3.18
N ASP B 371 4.54 -11.03 3.17
CA ASP B 371 5.64 -10.86 2.20
C ASP B 371 6.69 -11.95 2.29
N ALA B 372 7.03 -12.35 3.53
CA ALA B 372 7.99 -13.40 3.80
C ALA B 372 7.47 -14.72 3.23
N MET B 373 6.18 -14.96 3.43
CA MET B 373 5.50 -16.14 2.88
C MET B 373 5.51 -16.13 1.33
N LYS B 374 5.23 -14.96 0.75
CA LYS B 374 5.24 -14.80 -0.73
C LYS B 374 6.61 -15.07 -1.33
N ALA B 375 7.67 -14.61 -0.65
CA ALA B 375 9.06 -14.84 -1.03
C ALA B 375 9.45 -16.31 -0.91
N VAL B 376 9.02 -16.98 0.16
CA VAL B 376 9.22 -18.43 0.27
C VAL B 376 8.39 -19.20 -0.79
N GLY B 377 7.16 -18.77 -1.05
CA GLY B 377 6.28 -19.44 -1.98
C GLY B 377 5.41 -20.51 -1.33
N MET B 378 4.99 -21.47 -2.16
CA MET B 378 4.07 -22.51 -1.73
C MET B 378 4.49 -23.18 -0.42
N LYS B 379 5.75 -23.54 -0.32
CA LYS B 379 6.30 -24.17 0.88
C LYS B 379 5.92 -23.51 2.21
N SER B 380 5.72 -22.19 2.23
CA SER B 380 5.37 -21.44 3.46
C SER B 380 3.98 -21.79 4.00
N TYR B 381 3.15 -22.37 3.12
CA TYR B 381 1.76 -22.72 3.43
C TYR B 381 1.54 -24.07 4.18
N ALA B 382 2.60 -24.86 4.38
CA ALA B 382 2.54 -26.11 5.15
C ALA B 382 3.29 -26.04 6.51
N LYS B 383 2.88 -26.91 7.44
CA LYS B 383 3.20 -26.73 8.86
C LYS B 383 4.53 -27.35 9.26
N ASP B 384 5.32 -27.80 8.27
CA ASP B 384 6.72 -28.09 8.51
C ASP B 384 7.54 -26.81 8.39
N MET B 385 6.87 -25.70 8.08
CA MET B 385 7.44 -24.35 8.22
C MET B 385 6.59 -23.62 9.27
N SER B 386 7.15 -22.59 9.89
CA SER B 386 6.47 -21.83 10.97
C SER B 386 5.40 -20.88 10.48
N PHE B 387 5.38 -20.61 9.17
CA PHE B 387 4.61 -19.49 8.65
C PHE B 387 3.12 -19.58 8.97
N PRO B 388 2.51 -20.79 8.83
CA PRO B 388 1.09 -20.93 9.17
C PRO B 388 0.76 -20.47 10.60
N ARG B 389 1.60 -20.86 11.57
CA ARG B 389 1.42 -20.42 12.96
C ARG B 389 1.62 -18.92 13.08
N LEU B 390 2.68 -18.40 12.45
CA LEU B 390 3.05 -16.97 12.53
C LEU B 390 1.99 -16.03 11.95
N LEU B 391 1.36 -16.47 10.86
CA LEU B 391 0.31 -15.71 10.17
C LEU B 391 -0.87 -15.52 11.09
N ASN B 392 -1.28 -16.62 11.72
CA ASN B 392 -2.40 -16.58 12.65
C ASN B 392 -2.06 -15.72 13.87
N GLU B 393 -0.88 -15.92 14.42
CA GLU B 393 -0.40 -15.13 15.54
C GLU B 393 -0.28 -13.64 15.28
N VAL B 394 0.15 -13.29 14.06
CA VAL B 394 0.43 -11.89 13.78
C VAL B 394 -0.86 -11.08 13.58
N MET B 395 -1.95 -11.75 13.20
CA MET B 395 -3.21 -11.05 12.97
C MET B 395 -3.92 -10.64 14.25
N CYS B 396 -3.36 -11.09 15.38
CA CYS B 396 -3.82 -10.73 16.69
C CYS B 396 -3.45 -9.28 16.99
N TYR B 397 -2.22 -8.91 16.65
CA TYR B 397 -1.65 -7.62 17.07
C TYR B 397 -2.36 -6.33 16.65
N PRO B 398 -2.80 -6.18 15.38
CA PRO B 398 -3.61 -4.98 15.09
C PRO B 398 -4.95 -4.90 15.83
N LEU B 399 -5.42 -6.05 16.29
CA LEU B 399 -6.75 -6.22 16.83
C LEU B 399 -6.74 -6.10 18.37
N PHE B 400 -5.77 -6.77 19.02
CA PHE B 400 -5.73 -6.86 20.48
C PHE B 400 -5.13 -5.64 21.14
N ASN B 401 -5.15 -5.62 22.47
CA ASN B 401 -4.65 -4.49 23.27
C ASN B 401 -5.10 -3.12 22.78
N GLY B 402 -6.40 -3.03 22.49
CA GLY B 402 -6.99 -1.85 21.91
C GLY B 402 -6.74 -1.90 20.42
N GLY B 403 -7.75 -2.25 19.64
CA GLY B 403 -7.59 -2.32 18.20
C GLY B 403 -7.22 -0.95 17.65
N ASN B 404 -6.48 -0.95 16.54
CA ASN B 404 -6.02 0.27 15.88
C ASN B 404 -7.13 1.13 15.33
N ILE B 405 -8.14 0.52 14.70
CA ILE B 405 -9.20 1.26 14.05
C ILE B 405 -10.15 1.94 15.04
N GLY B 406 -10.52 1.22 16.09
CA GLY B 406 -11.54 1.68 17.02
C GLY B 406 -10.97 2.48 18.17
N LEU B 407 -9.86 2.01 18.72
CA LEU B 407 -9.30 2.60 19.93
C LEU B 407 -8.07 3.53 19.70
N ARG B 408 -6.96 2.96 19.26
CA ARG B 408 -5.68 3.71 19.17
C ARG B 408 -5.67 4.91 18.20
N ARG B 409 -6.33 4.79 17.05
CA ARG B 409 -6.42 5.91 16.11
C ARG B 409 -7.25 7.08 16.65
N ARG B 410 -8.30 6.78 17.40
CA ARG B 410 -9.14 7.80 18.01
C ARG B 410 -8.44 8.43 19.21
N GLN B 411 -7.77 7.63 20.03
CA GLN B 411 -6.89 8.17 21.08
C GLN B 411 -5.82 9.10 20.49
N MET B 412 -5.19 8.70 19.40
CA MET B 412 -4.23 9.56 18.77
C MET B 412 -4.93 10.80 18.17
N GLN B 413 -6.11 10.60 17.57
CA GLN B 413 -6.85 11.70 16.93
C GLN B 413 -7.28 12.78 17.95
N ARG B 414 -7.70 12.31 19.13
CA ARG B 414 -8.10 13.22 20.22
C ARG B 414 -6.96 14.15 20.56
N VAL B 415 -5.75 13.58 20.73
CA VAL B 415 -4.54 14.33 21.10
C VAL B 415 -4.15 15.36 20.04
N MET B 416 -4.12 14.94 18.77
CA MET B 416 -3.79 15.83 17.68
C MET B 416 -4.77 16.99 17.52
N ALA B 417 -6.03 16.76 17.91
CA ALA B 417 -7.05 17.82 17.83
C ALA B 417 -6.90 18.89 18.91
N LEU B 418 -6.37 18.53 20.09
CA LEU B 418 -6.12 19.51 21.19
C LEU B 418 -5.40 20.76 20.71
N GLU B 419 -5.84 21.92 21.19
CA GLU B 419 -5.35 23.23 20.75
C GLU B 419 -3.83 23.41 20.89
N ASP B 420 -3.25 22.75 21.89
CA ASP B 420 -1.84 22.99 22.25
C ASP B 420 -0.91 21.85 21.83
N TYR B 421 -1.46 20.86 21.13
CA TYR B 421 -0.69 19.75 20.56
C TYR B 421 0.65 20.18 19.97
N GLU B 422 1.71 19.54 20.45
CA GLU B 422 3.06 19.73 19.94
C GLU B 422 3.53 18.43 19.32
N PRO B 423 3.45 18.34 17.97
CA PRO B 423 3.69 17.04 17.30
C PRO B 423 5.11 16.51 17.54
N TRP B 424 6.09 17.43 17.63
CA TRP B 424 7.52 17.09 17.69
C TRP B 424 8.15 17.22 19.08
N ALA B 425 7.31 17.34 20.11
CA ALA B 425 7.75 17.58 21.50
C ALA B 425 8.55 16.43 22.12
N ALA B 426 8.26 15.20 21.70
CA ALA B 426 8.99 14.03 22.17
C ALA B 426 10.40 13.99 21.58
N THR B 427 10.67 14.88 20.64
CA THR B 427 11.95 14.87 19.95
C THR B 427 12.74 16.14 20.18
N TYR B 428 12.10 17.28 19.95
CA TYR B 428 12.77 18.56 20.06
C TYR B 428 12.37 19.31 21.34
N GLY B 429 11.80 18.60 22.31
CA GLY B 429 11.30 19.23 23.53
C GLY B 429 10.06 20.09 23.33
N SER B 430 9.43 20.48 24.44
CA SER B 430 8.26 21.38 24.43
C SER B 430 8.66 22.86 24.39
N SER B 431 7.76 23.70 23.88
CA SER B 431 8.05 25.12 23.66
C SER B 431 7.09 26.03 24.43
N VAL C 1 -22.68 -11.74 -21.21
CA VAL C 1 -21.71 -10.62 -21.01
C VAL C 1 -20.74 -10.52 -22.18
N ASP C 2 -20.46 -9.26 -22.56
CA ASP C 2 -19.72 -8.98 -23.77
C ASP C 2 -18.76 -7.78 -23.59
N PHE C 3 -17.55 -7.89 -24.14
CA PHE C 3 -16.58 -6.78 -24.08
C PHE C 3 -16.24 -6.18 -25.44
N LYS C 4 -16.71 -6.80 -26.51
CA LYS C 4 -16.43 -6.40 -27.88
C LYS C 4 -16.98 -5.03 -28.24
N LEU C 5 -16.13 -4.23 -28.89
CA LEU C 5 -16.52 -2.89 -29.35
C LEU C 5 -17.15 -2.96 -30.73
N SER C 6 -18.26 -2.25 -30.88
CA SER C 6 -18.94 -2.06 -32.16
C SER C 6 -18.08 -1.27 -33.15
N PRO C 7 -18.41 -1.36 -34.44
CA PRO C 7 -17.76 -0.50 -35.43
C PRO C 7 -17.75 1.00 -35.07
N SER C 8 -18.82 1.50 -34.45
CA SER C 8 -18.89 2.95 -34.20
C SER C 8 -18.13 3.40 -32.93
N GLN C 9 -17.89 2.44 -32.02
CA GLN C 9 -17.05 2.67 -30.85
C GLN C 9 -15.56 2.72 -31.27
N LEU C 10 -15.18 1.80 -32.17
CA LEU C 10 -13.84 1.81 -32.78
C LEU C 10 -13.61 3.04 -33.67
N GLU C 11 -14.65 3.48 -34.37
CA GLU C 11 -14.60 4.75 -35.12
C GLU C 11 -14.49 5.99 -34.20
N ALA C 12 -15.21 5.99 -33.07
CA ALA C 12 -15.10 7.12 -32.11
C ALA C 12 -13.70 7.22 -31.51
N ARG C 13 -13.09 6.06 -31.29
CA ARG C 13 -11.69 6.01 -30.87
C ARG C 13 -10.74 6.59 -31.92
N ARG C 14 -10.86 6.10 -33.16
CA ARG C 14 -10.02 6.57 -34.27
C ARG C 14 -10.15 8.07 -34.45
N HIS C 15 -11.38 8.56 -34.36
CA HIS C 15 -11.67 9.98 -34.50
C HIS C 15 -11.08 10.80 -33.35
N ALA C 16 -11.18 10.30 -32.11
CA ALA C 16 -10.59 11.03 -30.98
C ALA C 16 -9.05 11.01 -31.02
N GLN C 17 -8.47 9.88 -31.47
CA GLN C 17 -7.03 9.79 -31.61
C GLN C 17 -6.48 10.75 -32.65
N ALA C 18 -7.05 10.69 -33.86
CA ALA C 18 -6.67 11.58 -34.96
C ALA C 18 -6.80 13.06 -34.57
N PHE C 19 -7.88 13.44 -33.89
CA PHE C 19 -8.04 14.84 -33.45
C PHE C 19 -7.01 15.27 -32.40
N ALA C 20 -6.68 14.34 -31.51
CA ALA C 20 -5.68 14.59 -30.47
C ALA C 20 -4.29 14.74 -31.10
N ASN C 21 -4.00 13.88 -32.09
CA ASN C 21 -2.73 13.89 -32.80
C ASN C 21 -2.58 15.10 -33.73
N THR C 22 -3.53 15.27 -34.66
CA THR C 22 -3.45 16.39 -35.60
C THR C 22 -3.70 17.76 -34.96
N VAL C 23 -4.56 17.83 -33.95
CA VAL C 23 -4.91 19.14 -33.39
C VAL C 23 -4.32 19.42 -32.00
N LEU C 24 -4.53 18.52 -31.05
CA LEU C 24 -4.19 18.80 -29.67
C LEU C 24 -2.70 18.91 -29.40
N THR C 25 -1.91 18.21 -30.22
CA THR C 25 -0.43 18.25 -30.11
C THR C 25 0.18 19.62 -30.42
N LYS C 26 -0.56 20.49 -31.12
CA LYS C 26 -0.11 21.85 -31.46
C LYS C 26 -0.42 22.91 -30.40
N ALA C 27 -1.14 22.51 -29.35
CA ALA C 27 -1.65 23.44 -28.34
C ALA C 27 -0.57 24.01 -27.47
N SER C 28 0.34 23.14 -27.09
CA SER C 28 1.41 23.47 -26.18
C SER C 28 2.31 24.59 -26.69
N ALA C 29 2.59 24.61 -27.99
CA ALA C 29 3.40 25.68 -28.59
C ALA C 29 2.76 27.06 -28.33
N GLU C 30 1.44 27.12 -28.35
CA GLU C 30 0.68 28.35 -28.04
C GLU C 30 0.62 28.72 -26.56
N TYR C 31 0.12 27.80 -25.71
CA TYR C 31 -0.12 28.15 -24.31
C TYR C 31 1.11 28.28 -23.42
N SER C 32 2.20 27.60 -23.79
CA SER C 32 3.44 27.54 -22.97
C SER C 32 4.02 28.93 -22.86
N THR C 33 3.80 29.66 -23.94
CA THR C 33 4.35 30.97 -24.22
C THR C 33 3.69 32.04 -23.32
N GLN C 34 2.67 31.62 -22.57
CA GLN C 34 1.78 32.50 -21.80
C GLN C 34 2.06 32.44 -20.31
N LYS C 35 1.64 33.47 -19.58
CA LYS C 35 2.18 33.79 -18.27
C LYS C 35 1.27 33.52 -17.05
N ASP C 36 0.01 33.18 -17.28
CA ASP C 36 -0.96 33.02 -16.19
C ASP C 36 -2.13 32.13 -16.65
N GLN C 37 -2.92 31.57 -15.71
CA GLN C 37 -4.01 30.61 -16.05
C GLN C 37 -4.89 31.07 -17.18
N LEU C 38 -5.45 32.28 -17.05
CA LEU C 38 -6.36 32.82 -18.07
C LEU C 38 -5.74 32.88 -19.46
N SER C 39 -4.55 33.46 -19.58
CA SER C 39 -3.92 33.62 -20.90
C SER C 39 -3.59 32.26 -21.51
N ARG C 40 -3.20 31.32 -20.66
CA ARG C 40 -3.01 29.94 -21.10
C ARG C 40 -4.36 29.36 -21.57
N PHE C 41 -5.42 29.65 -20.82
CA PHE C 41 -6.78 29.24 -21.19
C PHE C 41 -7.23 29.85 -22.51
N GLN C 42 -7.04 31.15 -22.66
CA GLN C 42 -7.43 31.89 -23.88
C GLN C 42 -6.64 31.43 -25.11
N ALA C 43 -5.35 31.09 -24.90
CA ALA C 43 -4.49 30.52 -25.96
C ALA C 43 -5.01 29.18 -26.48
N THR C 44 -5.92 28.60 -25.72
CA THR C 44 -6.57 27.30 -25.98
C THR C 44 -7.85 27.41 -26.88
N ARG C 45 -8.43 28.60 -26.95
CA ARG C 45 -9.64 28.88 -27.76
C ARG C 45 -9.65 28.32 -29.22
N PRO C 46 -8.56 28.52 -30.00
CA PRO C 46 -8.53 27.96 -31.35
C PRO C 46 -8.67 26.43 -31.41
N PHE C 47 -8.26 25.77 -30.34
CA PHE C 47 -8.26 24.30 -30.28
C PHE C 47 -9.63 23.76 -29.85
N TYR C 48 -10.33 24.53 -29.03
CA TYR C 48 -11.75 24.27 -28.73
C TYR C 48 -12.59 24.51 -29.97
N ARG C 49 -12.37 25.65 -30.66
CA ARG C 49 -13.02 25.91 -31.96
C ARG C 49 -12.89 24.72 -32.89
N GLU C 50 -11.72 24.09 -32.87
CA GLU C 50 -11.54 22.86 -33.66
C GLU C 50 -12.24 21.64 -33.05
N ALA C 51 -12.33 21.58 -31.72
CA ALA C 51 -13.12 20.54 -31.07
C ALA C 51 -14.60 20.65 -31.51
N VAL C 52 -15.18 21.85 -31.41
CA VAL C 52 -16.53 22.12 -31.91
C VAL C 52 -16.70 21.72 -33.38
N ARG C 53 -15.74 22.13 -34.20
CA ARG C 53 -15.76 21.85 -35.64
C ARG C 53 -15.64 20.34 -35.92
N HIS C 54 -15.03 19.59 -34.99
CA HIS C 54 -14.94 18.14 -35.14
C HIS C 54 -16.14 17.40 -34.58
N GLY C 55 -17.11 18.15 -34.07
CA GLY C 55 -18.36 17.59 -33.57
C GLY C 55 -18.33 17.15 -32.11
N LEU C 56 -17.30 17.58 -31.37
CA LEU C 56 -17.03 17.06 -30.02
C LEU C 56 -17.83 17.69 -28.87
N ILE C 57 -18.31 18.92 -29.07
CA ILE C 57 -19.20 19.57 -28.10
C ILE C 57 -20.62 19.05 -28.29
N LYS C 58 -20.95 18.71 -29.53
CA LYS C 58 -22.22 18.16 -29.91
C LYS C 58 -22.37 16.73 -29.41
N ALA C 59 -21.24 16.01 -29.38
CA ALA C 59 -21.21 14.64 -28.89
C ALA C 59 -21.32 14.58 -27.35
N GLN C 60 -21.41 15.73 -26.69
CA GLN C 60 -21.68 15.80 -25.24
C GLN C 60 -23.20 15.86 -24.90
N VAL C 61 -24.03 15.92 -25.95
CA VAL C 61 -25.47 16.09 -25.82
C VAL C 61 -26.13 14.85 -26.42
N PRO C 62 -27.15 14.29 -25.75
CA PRO C 62 -27.83 13.10 -26.28
C PRO C 62 -28.55 13.32 -27.61
N ILE C 63 -28.66 12.26 -28.40
CA ILE C 63 -29.34 12.34 -29.70
C ILE C 63 -30.79 12.84 -29.59
N PRO C 64 -31.60 12.34 -28.61
CA PRO C 64 -32.98 12.89 -28.43
C PRO C 64 -33.02 14.40 -28.19
N LEU C 65 -31.90 14.97 -27.77
CA LEU C 65 -31.86 16.40 -27.49
C LEU C 65 -31.20 17.16 -28.64
N GLY C 66 -30.95 16.46 -29.74
CA GLY C 66 -30.34 17.07 -30.93
C GLY C 66 -28.80 17.02 -31.02
N GLY C 67 -28.16 16.43 -30.02
CA GLY C 67 -26.72 16.15 -30.05
C GLY C 67 -26.37 14.89 -30.80
N THR C 68 -25.17 14.38 -30.59
CA THR C 68 -24.73 13.19 -31.32
C THR C 68 -24.11 12.20 -30.36
N MET C 69 -24.26 12.42 -29.05
CA MET C 69 -23.75 11.45 -28.08
C MET C 69 -24.34 10.07 -28.35
N GLU C 70 -23.49 9.10 -28.71
CA GLU C 70 -23.93 7.75 -29.05
C GLU C 70 -24.17 6.88 -27.84
N SER C 71 -23.30 7.02 -26.84
CA SER C 71 -23.46 6.35 -25.54
C SER C 71 -22.31 6.74 -24.65
N LEU C 72 -22.41 6.32 -23.40
CA LEU C 72 -21.46 6.66 -22.35
C LEU C 72 -20.13 5.86 -22.46
N VAL C 73 -20.18 4.68 -23.05
CA VAL C 73 -18.96 3.94 -23.39
C VAL C 73 -18.18 4.60 -24.53
N HIS C 74 -18.89 5.17 -25.52
CA HIS C 74 -18.26 5.93 -26.61
C HIS C 74 -17.54 7.11 -25.95
N GLU C 75 -18.25 7.82 -25.08
CA GLU C 75 -17.72 8.93 -24.30
C GLU C 75 -16.47 8.54 -23.52
N SER C 76 -16.50 7.42 -22.83
CA SER C 76 -15.35 6.94 -22.05
C SER C 76 -14.14 6.77 -22.95
N ILE C 77 -14.37 6.14 -24.11
CA ILE C 77 -13.36 5.88 -25.11
C ILE C 77 -12.75 7.18 -25.64
N ILE C 78 -13.62 8.15 -25.92
CA ILE C 78 -13.22 9.44 -26.45
C ILE C 78 -12.35 10.16 -25.47
N LEU C 79 -12.76 10.20 -24.22
CA LEU C 79 -12.01 10.94 -23.19
C LEU C 79 -10.67 10.28 -22.89
N GLU C 80 -10.65 8.95 -22.81
CA GLU C 80 -9.38 8.26 -22.58
C GLU C 80 -8.31 8.67 -23.60
N GLU C 81 -8.69 8.74 -24.89
CA GLU C 81 -7.74 9.00 -25.97
C GLU C 81 -7.27 10.46 -26.00
N LEU C 82 -8.15 11.32 -25.52
CA LEU C 82 -7.91 12.74 -25.47
C LEU C 82 -6.94 13.02 -24.35
N PHE C 83 -7.23 12.48 -23.17
CA PHE C 83 -6.38 12.73 -22.00
C PHE C 83 -5.02 12.00 -22.05
N ALA C 84 -4.93 10.95 -22.88
CA ALA C 84 -3.65 10.27 -23.11
C ALA C 84 -2.65 11.10 -23.98
N VAL C 85 -3.16 12.17 -24.61
CA VAL C 85 -2.37 13.09 -25.44
C VAL C 85 -2.26 14.48 -24.80
N GLU C 86 -3.36 15.18 -24.60
CA GLU C 86 -3.33 16.56 -24.07
C GLU C 86 -4.65 16.87 -23.35
N PRO C 87 -4.62 17.10 -22.03
CA PRO C 87 -5.78 17.55 -21.25
C PRO C 87 -6.26 18.97 -21.54
N ALA C 88 -5.39 19.80 -22.13
CA ALA C 88 -5.76 21.15 -22.46
C ALA C 88 -6.81 21.04 -23.56
N THR C 89 -7.81 21.93 -23.51
CA THR C 89 -9.00 21.84 -24.37
C THR C 89 -9.87 20.62 -24.02
N SER C 90 -9.28 19.43 -23.94
CA SER C 90 -9.95 18.22 -23.49
C SER C 90 -10.74 18.43 -22.21
N ILE C 91 -10.11 19.08 -21.23
CA ILE C 91 -10.75 19.46 -19.98
C ILE C 91 -11.96 20.41 -20.20
N THR C 92 -11.89 21.23 -21.24
CA THR C 92 -12.87 22.28 -21.49
C THR C 92 -14.16 21.65 -22.05
N ILE C 93 -13.98 20.62 -22.87
CA ILE C 93 -15.07 19.79 -23.38
C ILE C 93 -15.85 19.11 -22.25
N VAL C 94 -15.14 18.57 -21.26
CA VAL C 94 -15.79 17.87 -20.15
C VAL C 94 -16.39 18.78 -19.09
N ALA C 95 -15.73 19.89 -18.78
CA ALA C 95 -16.35 20.92 -17.95
C ALA C 95 -17.67 21.39 -18.59
N THR C 96 -17.63 21.62 -19.90
CA THR C 96 -18.81 22.00 -20.66
C THR C 96 -19.91 20.92 -20.55
N ALA C 97 -19.52 19.67 -20.78
CA ALA C 97 -20.41 18.53 -20.64
C ALA C 97 -21.13 18.47 -19.28
N LEU C 98 -20.39 18.75 -18.20
CA LEU C 98 -20.93 18.73 -16.85
C LEU C 98 -21.90 19.86 -16.69
N GLY C 99 -21.50 21.04 -17.20
CA GLY C 99 -22.31 22.24 -17.09
C GLY C 99 -23.63 22.17 -17.86
N LEU C 100 -23.70 21.26 -18.84
CA LEU C 100 -24.94 21.01 -19.60
C LEU C 100 -25.82 19.92 -18.99
N MET C 101 -25.20 19.04 -18.20
CA MET C 101 -25.86 17.89 -17.63
C MET C 101 -27.19 18.19 -16.93
N PRO C 102 -27.24 19.20 -16.04
CA PRO C 102 -28.53 19.38 -15.34
C PRO C 102 -29.70 19.85 -16.24
N VAL C 103 -29.38 20.45 -17.38
CA VAL C 103 -30.37 20.80 -18.39
C VAL C 103 -30.73 19.55 -19.19
N ILE C 104 -29.72 18.74 -19.50
CA ILE C 104 -29.90 17.48 -20.22
C ILE C 104 -30.78 16.56 -19.41
N LEU C 105 -30.59 16.59 -18.08
CA LEU C 105 -31.28 15.68 -17.14
C LEU C 105 -32.65 16.15 -16.64
N CYS C 106 -32.91 17.45 -16.65
CA CYS C 106 -34.23 17.93 -16.26
C CYS C 106 -35.30 17.44 -17.29
N ASP C 107 -36.58 17.69 -17.04
CA ASP C 107 -37.58 17.11 -17.95
C ASP C 107 -38.45 18.21 -18.49
N SER C 108 -37.78 19.16 -19.12
CA SER C 108 -38.36 20.44 -19.41
C SER C 108 -37.93 20.80 -20.81
N PRO C 109 -38.68 20.28 -21.80
CA PRO C 109 -38.40 20.46 -23.23
C PRO C 109 -38.14 21.91 -23.66
N SER C 110 -38.86 22.88 -23.11
CA SER C 110 -38.60 24.29 -23.44
C SER C 110 -37.25 24.82 -22.92
N LEU C 111 -36.80 24.38 -21.77
CA LEU C 111 -35.49 24.82 -21.26
C LEU C 111 -34.39 24.18 -22.10
N GLN C 112 -34.58 22.90 -22.41
CA GLN C 112 -33.65 22.13 -23.22
C GLN C 112 -33.45 22.75 -24.61
N GLU C 113 -34.55 22.97 -25.33
CA GLU C 113 -34.53 23.56 -26.66
C GLU C 113 -33.73 24.86 -26.62
N LYS C 114 -34.15 25.75 -25.71
CA LYS C 114 -33.60 27.09 -25.50
C LYS C 114 -32.12 27.12 -25.11
N PHE C 115 -31.73 26.37 -24.08
CA PHE C 115 -30.38 26.51 -23.55
C PHE C 115 -29.32 25.60 -24.18
N LEU C 116 -29.72 24.48 -24.78
CA LEU C 116 -28.77 23.57 -25.41
C LEU C 116 -28.45 23.97 -26.83
N LYS C 117 -29.24 24.90 -27.39
CA LYS C 117 -29.15 25.24 -28.82
C LYS C 117 -27.73 25.64 -29.32
N PRO C 118 -27.04 26.55 -28.60
CA PRO C 118 -25.67 26.92 -29.05
C PRO C 118 -24.69 25.73 -29.12
N PHE C 119 -24.88 24.77 -28.22
CA PHE C 119 -23.97 23.65 -28.05
C PHE C 119 -24.17 22.53 -29.06
N ILE C 120 -25.33 22.49 -29.70
CA ILE C 120 -25.58 21.51 -30.75
C ILE C 120 -25.41 22.10 -32.18
N SER C 121 -25.02 23.37 -32.26
CA SER C 121 -24.98 24.10 -33.53
C SER C 121 -23.78 23.77 -34.41
N GLY C 122 -22.68 23.31 -33.83
CA GLY C 122 -21.46 23.06 -34.62
C GLY C 122 -20.62 24.31 -34.91
N GLU C 123 -20.91 25.40 -34.21
CA GLU C 123 -20.37 26.72 -34.52
C GLU C 123 -19.97 27.45 -33.26
N GLY C 124 -19.02 28.38 -33.41
CA GLY C 124 -18.52 29.15 -32.27
C GLY C 124 -17.68 28.30 -31.33
N GLU C 125 -17.47 28.81 -30.12
CA GLU C 125 -16.78 28.11 -29.05
C GLU C 125 -17.62 28.29 -27.80
N PRO C 126 -18.87 27.77 -27.77
CA PRO C 126 -19.71 28.02 -26.60
C PRO C 126 -19.22 27.20 -25.40
N LEU C 127 -19.28 27.81 -24.21
CA LEU C 127 -18.84 27.18 -22.97
C LEU C 127 -19.97 27.01 -21.96
N ALA C 128 -19.90 25.94 -21.15
CA ALA C 128 -20.86 25.71 -20.07
C ALA C 128 -20.12 25.43 -18.78
N SER C 129 -20.79 25.65 -17.65
CA SER C 129 -20.17 25.46 -16.36
C SER C 129 -21.24 25.12 -15.34
N LEU C 130 -20.94 24.09 -14.54
CA LEU C 130 -21.74 23.74 -13.37
C LEU C 130 -21.10 24.35 -12.14
N MET C 131 -21.63 25.50 -11.77
CA MET C 131 -21.10 26.33 -10.69
C MET C 131 -21.59 25.88 -9.33
N HIS C 132 -20.89 24.93 -8.72
CA HIS C 132 -21.30 24.41 -7.42
C HIS C 132 -20.33 24.74 -6.26
N SER C 133 -19.03 24.50 -6.50
CA SER C 133 -17.98 24.66 -5.49
C SER C 133 -17.81 26.11 -4.99
N GLU C 134 -17.35 26.25 -3.76
CA GLU C 134 -17.28 27.53 -3.07
C GLU C 134 -15.95 27.69 -2.32
N PRO C 135 -15.54 28.95 -2.03
CA PRO C 135 -14.34 29.24 -1.20
C PRO C 135 -14.28 28.48 0.11
N ASN C 136 -15.41 28.38 0.81
CA ASN C 136 -15.47 27.67 2.11
C ASN C 136 -15.58 26.16 2.02
N GLY C 137 -15.77 25.65 0.79
CA GLY C 137 -15.81 24.22 0.52
C GLY C 137 -17.21 23.70 0.38
N THR C 138 -17.37 22.46 -0.09
CA THR C 138 -18.73 21.90 -0.32
C THR C 138 -18.98 20.47 0.16
N ALA C 139 -17.97 19.85 0.78
CA ALA C 139 -18.12 18.47 1.20
C ALA C 139 -19.29 18.32 2.19
N ASN C 140 -19.60 19.40 2.89
CA ASN C 140 -20.62 19.37 3.94
C ASN C 140 -21.87 20.18 3.59
N TRP C 141 -22.02 20.52 2.31
CA TRP C 141 -23.12 21.35 1.83
C TRP C 141 -24.52 20.80 2.10
N LEU C 142 -24.63 19.49 2.33
CA LEU C 142 -25.92 18.87 2.67
C LEU C 142 -26.06 18.57 4.16
N GLN C 143 -25.09 18.98 4.97
CA GLN C 143 -25.15 18.70 6.39
C GLN C 143 -26.24 19.50 7.15
N LYS C 144 -27.23 18.76 7.65
CA LYS C 144 -28.28 19.29 8.50
C LYS C 144 -27.63 19.78 9.79
N GLY C 145 -27.85 21.05 10.10
CA GLY C 145 -27.24 21.69 11.27
C GLY C 145 -26.08 22.59 10.85
N GLY C 146 -25.65 22.48 9.59
CA GLY C 146 -24.49 23.21 9.09
C GLY C 146 -24.86 24.57 8.52
N PRO C 147 -23.86 25.39 8.16
CA PRO C 147 -24.10 26.63 7.43
C PRO C 147 -24.60 26.49 5.98
N GLY C 148 -24.39 25.32 5.36
CA GLY C 148 -24.84 25.07 3.99
C GLY C 148 -24.16 25.98 2.98
N LEU C 149 -24.55 25.87 1.71
CA LEU C 149 -23.93 26.68 0.66
C LEU C 149 -24.02 28.12 1.06
N GLN C 150 -23.08 28.93 0.54
CA GLN C 150 -22.99 30.35 0.88
C GLN C 150 -23.35 31.26 -0.26
N THR C 151 -23.58 30.68 -1.44
CA THR C 151 -24.25 31.40 -2.51
C THR C 151 -25.72 31.09 -2.28
N THR C 152 -26.49 32.11 -1.90
CA THR C 152 -27.90 31.89 -1.63
C THR C 152 -28.75 32.54 -2.72
N ALA C 153 -30.03 32.18 -2.75
CA ALA C 153 -30.99 32.81 -3.65
C ALA C 153 -32.32 33.11 -2.92
N ARG C 154 -32.92 34.24 -3.29
CA ARG C 154 -34.20 34.64 -2.74
C ARG C 154 -35.05 35.22 -3.86
N LYS C 155 -36.38 34.99 -3.79
CA LYS C 155 -37.29 35.48 -4.83
C LYS C 155 -37.79 36.92 -4.55
N VAL C 156 -37.65 37.78 -5.56
CA VAL C 156 -38.11 39.16 -5.51
C VAL C 156 -39.05 39.45 -6.70
N GLY C 157 -40.35 39.32 -6.46
CA GLY C 157 -41.36 39.44 -7.51
C GLY C 157 -41.27 38.23 -8.41
N ASN C 158 -41.07 38.46 -9.70
CA ASN C 158 -40.97 37.40 -10.68
C ASN C 158 -39.50 37.15 -11.10
N GLU C 159 -38.58 37.41 -10.19
CA GLU C 159 -37.18 37.07 -10.45
C GLU C 159 -36.48 36.54 -9.21
N TRP C 160 -35.27 36.04 -9.40
CA TRP C 160 -34.43 35.59 -8.30
C TRP C 160 -33.17 36.45 -8.20
N VAL C 161 -32.73 36.65 -6.95
CA VAL C 161 -31.56 37.49 -6.64
C VAL C 161 -30.49 36.66 -5.92
N ILE C 162 -29.34 36.51 -6.57
CA ILE C 162 -28.25 35.68 -6.04
C ILE C 162 -27.21 36.49 -5.24
N SER C 163 -26.78 35.89 -4.14
CA SER C 163 -25.85 36.49 -3.21
C SER C 163 -24.82 35.45 -2.74
N GLY C 164 -23.56 35.63 -3.15
CA GLY C 164 -22.47 34.77 -2.68
C GLY C 164 -21.34 34.58 -3.67
N GLU C 165 -20.38 33.75 -3.27
CA GLU C 165 -19.19 33.44 -4.08
C GLU C 165 -19.05 31.95 -4.45
N LYS C 166 -18.65 31.71 -5.70
CA LYS C 166 -18.20 30.40 -6.19
C LYS C 166 -16.69 30.39 -6.44
N LEU C 167 -16.05 29.24 -6.21
CA LEU C 167 -14.63 29.03 -6.55
C LEU C 167 -14.49 27.66 -7.20
N TRP C 168 -13.72 27.60 -8.29
CA TRP C 168 -13.30 26.39 -9.04
C TRP C 168 -14.11 25.94 -10.27
N PRO C 169 -15.45 26.20 -10.34
CA PRO C 169 -16.16 25.77 -11.54
C PRO C 169 -15.47 26.09 -12.87
N SER C 170 -14.94 25.06 -13.52
CA SER C 170 -14.23 25.29 -14.76
C SER C 170 -15.16 25.96 -15.78
N ASN C 171 -14.58 26.87 -16.57
CA ASN C 171 -15.28 27.58 -17.65
C ASN C 171 -16.18 28.74 -17.20
N SER C 172 -16.37 28.91 -15.89
CA SER C 172 -17.48 29.72 -15.41
C SER C 172 -17.58 31.14 -15.96
N GLY C 173 -16.43 31.80 -16.13
CA GLY C 173 -16.41 33.17 -16.62
C GLY C 173 -16.31 33.25 -18.13
N GLY C 174 -16.45 32.13 -18.82
CA GLY C 174 -16.25 32.13 -20.26
C GLY C 174 -14.83 32.52 -20.66
N TRP C 175 -14.64 32.86 -21.93
CA TRP C 175 -13.31 33.18 -22.48
C TRP C 175 -12.78 34.57 -22.10
N ASP C 176 -13.69 35.47 -21.76
CA ASP C 176 -13.35 36.89 -21.59
C ASP C 176 -13.81 37.46 -20.26
N TYR C 177 -14.23 36.58 -19.35
CA TYR C 177 -14.73 36.99 -18.02
C TYR C 177 -16.13 37.65 -17.99
N LYS C 178 -16.83 37.59 -19.12
CA LYS C 178 -18.22 38.05 -19.18
C LYS C 178 -19.21 36.86 -19.12
N GLY C 179 -18.70 35.70 -18.71
CA GLY C 179 -19.52 34.55 -18.35
C GLY C 179 -19.47 33.41 -19.34
N ALA C 180 -19.75 32.20 -18.85
CA ALA C 180 -19.99 31.08 -19.75
C ALA C 180 -21.28 31.33 -20.53
N ASP C 181 -21.37 30.70 -21.70
CA ASP C 181 -22.55 30.77 -22.53
C ASP C 181 -23.75 30.24 -21.75
N LEU C 182 -23.51 29.16 -21.01
CA LEU C 182 -24.42 28.65 -19.98
C LEU C 182 -23.70 28.28 -18.70
N ALA C 183 -24.22 28.75 -17.58
CA ALA C 183 -23.77 28.36 -16.25
C ALA C 183 -24.99 27.89 -15.46
N CYS C 184 -24.84 26.81 -14.71
CA CYS C 184 -25.89 26.36 -13.81
C CYS C 184 -25.40 26.70 -12.42
N VAL C 185 -25.96 27.75 -11.83
CA VAL C 185 -25.52 28.19 -10.52
C VAL C 185 -26.35 27.49 -9.46
N VAL C 186 -25.72 26.77 -8.56
CA VAL C 186 -26.44 26.09 -7.48
C VAL C 186 -26.43 26.95 -6.20
N CYS C 187 -27.62 27.34 -5.72
CA CYS C 187 -27.77 28.11 -4.51
C CYS C 187 -28.58 27.39 -3.45
N ARG C 188 -28.45 27.87 -2.22
CA ARG C 188 -29.36 27.55 -1.11
C ARG C 188 -30.42 28.65 -1.05
N VAL C 189 -31.68 28.27 -0.93
CA VAL C 189 -32.74 29.27 -0.77
C VAL C 189 -32.67 29.97 0.63
N SER C 190 -32.58 31.30 0.59
CA SER C 190 -32.58 32.13 1.80
C SER C 190 -33.25 33.45 1.48
N ASP C 191 -34.43 33.68 2.03
CA ASP C 191 -35.10 34.99 2.00
C ASP C 191 -34.21 36.08 2.59
N ASP C 192 -33.73 35.83 3.81
CA ASP C 192 -32.70 36.64 4.45
C ASP C 192 -31.28 36.02 4.32
N PRO C 193 -30.47 36.52 3.35
CA PRO C 193 -29.16 35.96 3.06
C PRO C 193 -28.15 36.11 4.19
N SER C 194 -28.42 37.01 5.15
CA SER C 194 -27.60 37.12 6.36
C SER C 194 -28.10 36.22 7.49
N LYS C 195 -29.19 35.50 7.26
CA LYS C 195 -29.72 34.59 8.28
C LYS C 195 -29.08 33.20 8.11
N PRO C 196 -28.56 32.61 9.21
CA PRO C 196 -27.98 31.27 9.13
C PRO C 196 -29.02 30.20 8.79
N GLN C 197 -28.65 29.25 7.95
CA GLN C 197 -29.55 28.20 7.50
C GLN C 197 -30.25 27.58 8.70
N ASP C 198 -31.57 27.51 8.64
CA ASP C 198 -32.37 26.94 9.72
C ASP C 198 -31.87 25.53 9.99
N PRO C 199 -31.40 25.25 11.22
CA PRO C 199 -30.82 23.95 11.58
C PRO C 199 -31.82 22.79 11.64
N ASN C 200 -33.09 23.11 11.43
CA ASN C 200 -34.18 22.15 11.61
C ASN C 200 -34.82 21.72 10.28
N VAL C 201 -34.43 22.39 9.19
CA VAL C 201 -34.83 21.95 7.85
C VAL C 201 -33.70 21.23 7.10
N ASP C 202 -34.03 20.07 6.54
CA ASP C 202 -33.16 19.28 5.67
C ASP C 202 -32.66 20.18 4.55
N PRO C 203 -31.31 20.39 4.48
CA PRO C 203 -30.65 21.30 3.52
C PRO C 203 -30.94 20.99 2.05
N ALA C 204 -31.12 19.69 1.75
CA ALA C 204 -31.50 19.22 0.42
C ALA C 204 -32.82 19.83 -0.05
N THR C 205 -33.73 20.14 0.89
CA THR C 205 -35.01 20.74 0.53
C THR C 205 -34.88 22.21 0.15
N GLN C 206 -33.71 22.81 0.36
CA GLN C 206 -33.55 24.23 0.06
C GLN C 206 -32.67 24.52 -1.15
N ILE C 207 -32.26 23.49 -1.89
CA ILE C 207 -31.41 23.66 -3.08
C ILE C 207 -32.19 24.19 -4.29
N ALA C 208 -31.61 25.19 -4.96
CA ALA C 208 -32.12 25.71 -6.24
C ALA C 208 -30.97 25.81 -7.24
N VAL C 209 -31.27 25.67 -8.53
CA VAL C 209 -30.27 25.85 -9.58
C VAL C 209 -30.79 26.93 -10.52
N LEU C 210 -29.99 27.99 -10.76
CA LEU C 210 -30.39 29.06 -11.65
C LEU C 210 -29.48 29.15 -12.86
N LEU C 211 -30.09 29.20 -14.03
CA LEU C 211 -29.38 29.28 -15.30
C LEU C 211 -28.98 30.72 -15.59
N VAL C 212 -27.67 30.94 -15.75
CA VAL C 212 -27.13 32.25 -16.05
C VAL C 212 -26.43 32.18 -17.40
N THR C 213 -26.74 33.13 -18.27
CA THR C 213 -26.13 33.24 -19.59
C THR C 213 -25.28 34.51 -19.65
N ARG C 214 -24.61 34.75 -20.78
CA ARG C 214 -23.85 35.99 -20.98
C ARG C 214 -24.81 37.19 -21.02
N GLU C 215 -26.02 36.92 -21.50
CA GLU C 215 -27.13 37.86 -21.49
C GLU C 215 -27.64 38.23 -20.09
N THR C 216 -27.86 37.24 -19.22
CA THR C 216 -28.19 37.52 -17.81
C THR C 216 -27.15 38.43 -17.12
N ILE C 217 -25.89 38.25 -17.46
CA ILE C 217 -24.78 39.05 -16.95
C ILE C 217 -24.80 40.47 -17.51
N ALA C 218 -25.00 40.59 -18.83
CA ALA C 218 -25.13 41.89 -19.50
C ALA C 218 -26.31 42.69 -18.93
N ASN C 219 -27.48 42.07 -18.85
CA ASN C 219 -28.68 42.67 -18.20
C ASN C 219 -28.57 43.01 -16.69
N ASN C 220 -27.36 42.95 -16.13
CA ASN C 220 -27.13 43.28 -14.71
C ASN C 220 -26.09 44.42 -14.54
N LYS C 221 -26.06 45.06 -13.36
CA LYS C 221 -25.04 46.07 -13.04
C LYS C 221 -23.64 45.46 -13.17
N LYS C 222 -22.68 46.23 -13.71
CA LYS C 222 -21.28 45.74 -13.90
C LYS C 222 -20.71 45.04 -12.67
N ASP C 223 -21.00 45.60 -11.49
CA ASP C 223 -20.43 45.11 -10.23
C ASP C 223 -21.30 44.07 -9.51
N ALA C 224 -22.29 43.52 -10.20
CA ALA C 224 -23.15 42.51 -9.58
C ALA C 224 -22.52 41.13 -9.77
N TYR C 225 -21.61 41.05 -10.74
CA TYR C 225 -20.89 39.85 -11.12
C TYR C 225 -19.40 40.19 -11.24
N GLN C 226 -18.64 39.91 -10.20
CA GLN C 226 -17.21 40.20 -10.20
C GLN C 226 -16.33 38.95 -10.20
N ILE C 227 -15.38 38.90 -11.13
CA ILE C 227 -14.33 37.88 -11.12
C ILE C 227 -13.19 38.37 -10.23
N LEU C 228 -13.11 37.81 -9.02
CA LEU C 228 -12.16 38.32 -8.03
C LEU C 228 -10.75 37.80 -8.21
N GLY C 229 -10.62 36.57 -8.69
CA GLY C 229 -9.32 35.87 -8.81
C GLY C 229 -9.39 34.60 -9.65
N GLU C 230 -8.22 34.12 -10.07
CA GLU C 230 -8.06 32.93 -10.92
C GLU C 230 -6.93 32.03 -10.38
N PRO C 231 -7.29 30.94 -9.67
CA PRO C 231 -6.25 30.08 -9.03
C PRO C 231 -5.20 29.60 -10.04
N GLU C 232 -3.92 29.61 -9.64
CA GLU C 232 -2.84 29.06 -10.47
C GLU C 232 -2.68 27.61 -10.04
N LEU C 233 -2.77 26.69 -10.98
CA LEU C 233 -2.90 25.27 -10.61
C LEU C 233 -1.61 24.49 -10.78
N ALA C 234 -1.36 23.53 -9.89
CA ALA C 234 -0.29 22.52 -10.07
C ALA C 234 -0.22 21.98 -11.50
N GLY C 235 -1.34 21.48 -12.01
CA GLY C 235 -1.40 20.97 -13.37
C GLY C 235 -2.76 21.37 -13.90
N HIS C 236 -3.07 21.01 -15.14
CA HIS C 236 -4.26 21.53 -15.84
C HIS C 236 -4.16 23.06 -15.88
N ILE C 237 -2.98 23.52 -16.29
CA ILE C 237 -2.58 24.93 -16.18
C ILE C 237 -3.32 25.80 -17.19
N THR C 238 -3.97 25.16 -18.15
CA THR C 238 -4.74 25.88 -19.15
C THR C 238 -6.26 25.93 -18.91
N THR C 239 -6.77 25.62 -17.71
CA THR C 239 -8.20 25.82 -17.48
C THR C 239 -8.47 27.10 -16.76
N SER C 240 -9.68 27.59 -16.95
CA SER C 240 -10.18 28.69 -16.17
C SER C 240 -11.24 28.15 -15.26
N GLY C 241 -11.19 28.56 -14.02
CA GLY C 241 -12.14 28.14 -13.02
C GLY C 241 -12.08 29.14 -11.88
N PRO C 242 -12.59 30.37 -12.13
CA PRO C 242 -12.45 31.56 -11.29
C PRO C 242 -13.14 31.56 -9.93
N HIS C 243 -12.68 32.49 -9.11
CA HIS C 243 -13.39 32.99 -7.96
C HIS C 243 -14.37 34.06 -8.46
N THR C 244 -15.67 33.79 -8.32
CA THR C 244 -16.68 34.69 -8.84
C THR C 244 -17.55 35.13 -7.68
N ARG C 245 -17.90 36.40 -7.66
CA ARG C 245 -18.88 36.94 -6.70
C ARG C 245 -20.13 37.56 -7.36
N PHE C 246 -21.29 37.06 -6.94
CA PHE C 246 -22.62 37.57 -7.27
C PHE C 246 -23.02 38.45 -6.09
N THR C 247 -23.28 39.72 -6.37
CA THR C 247 -23.89 40.61 -5.37
C THR C 247 -25.15 41.22 -5.98
N GLU C 248 -26.31 40.80 -5.43
CA GLU C 248 -27.64 41.22 -5.91
C GLU C 248 -27.76 40.96 -7.40
N PHE C 249 -27.52 39.71 -7.79
CA PHE C 249 -27.49 39.34 -9.19
C PHE C 249 -28.86 38.81 -9.63
N HIS C 250 -29.51 39.57 -10.52
CA HIS C 250 -30.90 39.29 -10.90
C HIS C 250 -31.03 38.28 -12.05
N VAL C 251 -31.81 37.23 -11.79
CA VAL C 251 -32.08 36.18 -12.79
C VAL C 251 -33.60 36.05 -12.99
N PRO C 252 -34.08 36.12 -14.25
CA PRO C 252 -35.52 35.89 -14.51
C PRO C 252 -35.98 34.54 -13.96
N HIS C 253 -37.17 34.52 -13.34
CA HIS C 253 -37.76 33.30 -12.77
C HIS C 253 -37.79 32.14 -13.78
N GLU C 254 -37.89 32.48 -15.06
CA GLU C 254 -37.96 31.49 -16.12
C GLU C 254 -36.67 30.66 -16.30
N ASN C 255 -35.56 31.20 -15.80
CA ASN C 255 -34.24 30.56 -15.84
C ASN C 255 -34.02 29.59 -14.68
N LEU C 256 -35.02 29.44 -13.83
CA LEU C 256 -34.97 28.54 -12.70
C LEU C 256 -35.11 27.11 -13.24
N LEU C 257 -34.12 26.24 -12.94
CA LEU C 257 -34.01 24.97 -13.65
C LEU C 257 -35.15 24.03 -13.32
N CYS C 258 -35.58 24.06 -12.07
CA CYS C 258 -36.73 23.29 -11.66
C CYS C 258 -37.25 23.80 -10.32
N THR C 259 -38.23 23.10 -9.77
CA THR C 259 -38.72 23.47 -8.47
C THR C 259 -37.59 23.26 -7.44
N PRO C 260 -37.24 24.33 -6.70
CA PRO C 260 -36.34 24.22 -5.51
C PRO C 260 -36.60 23.00 -4.62
N GLY C 261 -35.54 22.44 -4.04
CA GLY C 261 -35.65 21.31 -3.14
C GLY C 261 -35.02 20.00 -3.62
N LEU C 262 -35.57 18.89 -3.14
CA LEU C 262 -35.09 17.55 -3.41
C LEU C 262 -34.80 17.26 -4.89
N LYS C 263 -35.60 17.86 -5.76
CA LYS C 263 -35.49 17.66 -7.19
C LYS C 263 -34.30 18.36 -7.81
N ALA C 264 -34.07 19.62 -7.42
CA ALA C 264 -32.86 20.38 -7.76
C ALA C 264 -31.59 19.66 -7.23
N GLN C 265 -31.57 19.33 -5.95
CA GLN C 265 -30.49 18.51 -5.39
C GLN C 265 -30.26 17.21 -6.20
N GLY C 266 -31.36 16.55 -6.59
CA GLY C 266 -31.27 15.30 -7.37
C GLY C 266 -30.61 15.52 -8.73
N LEU C 267 -30.91 16.64 -9.37
CA LEU C 267 -30.29 16.98 -10.67
C LEU C 267 -28.79 17.18 -10.54
N VAL C 268 -28.39 17.78 -9.44
CA VAL C 268 -26.99 18.03 -9.14
C VAL C 268 -26.31 16.73 -8.77
N GLU C 269 -26.98 15.93 -7.95
CA GLU C 269 -26.46 14.65 -7.59
C GLU C 269 -26.25 13.71 -8.78
N THR C 270 -27.15 13.77 -9.77
CA THR C 270 -27.09 12.85 -10.91
C THR C 270 -26.00 13.32 -11.85
N ALA C 271 -25.99 14.61 -12.13
CA ALA C 271 -24.92 15.21 -12.95
C ALA C 271 -23.53 14.80 -12.40
N PHE C 272 -23.27 15.05 -11.11
CA PHE C 272 -21.99 14.69 -10.47
C PHE C 272 -21.70 13.18 -10.34
N ALA C 273 -22.75 12.33 -10.40
CA ALA C 273 -22.57 10.87 -10.39
C ALA C 273 -22.16 10.39 -11.77
N MET C 274 -22.75 10.97 -12.80
CA MET C 274 -22.31 10.72 -14.14
C MET C 274 -20.87 11.15 -14.39
N SER C 275 -20.51 12.35 -13.94
CA SER C 275 -19.14 12.82 -14.03
C SER C 275 -18.19 11.96 -13.18
N ALA C 276 -18.65 11.50 -12.03
CA ALA C 276 -17.84 10.69 -11.13
C ALA C 276 -17.32 9.44 -11.86
N ALA C 277 -18.16 8.90 -12.76
CA ALA C 277 -17.79 7.74 -13.55
C ALA C 277 -16.87 8.12 -14.73
N LEU C 278 -17.10 9.27 -15.36
CA LEU C 278 -16.41 9.60 -16.61
C LEU C 278 -15.02 10.11 -16.33
N VAL C 279 -14.90 10.83 -15.22
CA VAL C 279 -13.64 11.29 -14.65
C VAL C 279 -12.60 10.18 -14.52
N GLY C 280 -13.04 8.93 -14.33
CA GLY C 280 -12.15 7.77 -14.44
C GLY C 280 -11.43 7.59 -15.78
N ALA C 281 -12.09 7.93 -16.88
CA ALA C 281 -11.49 7.89 -18.21
C ALA C 281 -10.33 8.88 -18.35
N MET C 282 -10.50 10.06 -17.77
CA MET C 282 -9.46 11.06 -17.78
C MET C 282 -8.24 10.55 -17.03
N ALA C 283 -8.48 10.01 -15.85
CA ALA C 283 -7.41 9.49 -15.03
C ALA C 283 -6.65 8.33 -15.73
N ILE C 284 -7.41 7.43 -16.38
CA ILE C 284 -6.83 6.40 -17.28
C ILE C 284 -6.00 7.00 -18.43
N GLY C 285 -6.52 8.04 -19.08
CA GLY C 285 -5.77 8.76 -20.11
C GLY C 285 -4.39 9.20 -19.61
N THR C 286 -4.34 10.02 -18.56
CA THR C 286 -3.08 10.49 -17.97
C THR C 286 -2.14 9.35 -17.58
N ALA C 287 -2.68 8.40 -16.83
CA ALA C 287 -1.88 7.28 -16.33
C ALA C 287 -1.42 6.38 -17.49
N ARG C 288 -2.26 6.20 -18.50
CA ARG C 288 -1.89 5.39 -19.67
C ARG C 288 -0.69 6.00 -20.41
N ALA C 289 -0.70 7.31 -20.54
CA ALA C 289 0.37 8.06 -21.16
C ALA C 289 1.71 7.87 -20.42
N ALA C 290 1.67 7.98 -19.09
CA ALA C 290 2.81 7.67 -18.22
C ALA C 290 3.32 6.24 -18.41
N PHE C 291 2.38 5.30 -18.32
CA PHE C 291 2.72 3.89 -18.44
C PHE C 291 3.31 3.54 -19.82
N GLU C 292 2.71 4.08 -20.89
CA GLU C 292 3.22 3.82 -22.25
C GLU C 292 4.59 4.42 -22.46
N GLU C 293 4.81 5.58 -21.86
CA GLU C 293 6.09 6.23 -21.98
C GLU C 293 7.19 5.43 -21.25
N ALA C 294 6.84 4.88 -20.09
CA ALA C 294 7.77 4.07 -19.30
C ALA C 294 8.03 2.70 -19.94
N LEU C 295 6.99 2.12 -20.51
CA LEU C 295 7.08 0.87 -21.26
C LEU C 295 8.02 1.01 -22.50
N VAL C 296 7.72 1.96 -23.39
CA VAL C 296 8.63 2.23 -24.52
C VAL C 296 10.10 2.45 -24.06
N PHE C 297 10.30 3.30 -23.08
CA PHE C 297 11.64 3.52 -22.52
C PHE C 297 12.30 2.20 -22.01
N ALA C 298 11.56 1.40 -21.25
CA ALA C 298 12.13 0.18 -20.66
C ALA C 298 12.41 -0.87 -21.72
N LYS C 299 11.70 -0.80 -22.83
CA LYS C 299 11.92 -1.80 -23.83
C LYS C 299 13.00 -1.41 -24.82
N SER C 300 13.52 -0.20 -24.73
CA SER C 300 14.56 0.23 -25.64
C SER C 300 15.78 0.84 -24.99
N ASP C 301 15.83 0.92 -23.66
CA ASP C 301 16.97 1.53 -22.99
C ASP C 301 17.56 0.59 -21.93
N THR C 302 18.89 0.45 -21.95
CA THR C 302 19.63 -0.49 -21.11
C THR C 302 20.19 0.18 -19.87
N ARG C 303 20.06 1.52 -19.82
CA ARG C 303 20.60 2.32 -18.74
C ARG C 303 22.09 1.98 -18.43
N GLY C 304 22.88 1.88 -19.50
CA GLY C 304 24.30 1.58 -19.41
C GLY C 304 24.66 0.18 -19.00
N GLY C 305 23.78 -0.79 -19.25
CA GLY C 305 24.04 -2.18 -18.90
C GLY C 305 24.04 -3.00 -20.16
N SER C 306 23.74 -4.29 -20.02
CA SER C 306 23.81 -5.17 -21.17
C SER C 306 22.44 -5.55 -21.68
N LYS C 307 21.40 -5.19 -20.93
CA LYS C 307 20.05 -5.56 -21.39
C LYS C 307 19.07 -4.43 -21.16
N HIS C 308 17.99 -4.45 -21.93
CA HIS C 308 16.88 -3.51 -21.72
C HIS C 308 16.38 -3.61 -20.27
N ILE C 309 16.07 -2.46 -19.68
CA ILE C 309 15.79 -2.44 -18.24
C ILE C 309 14.52 -3.18 -17.85
N ILE C 310 13.65 -3.44 -18.83
CA ILE C 310 12.47 -4.28 -18.63
C ILE C 310 12.80 -5.76 -18.24
N GLU C 311 14.06 -6.17 -18.46
CA GLU C 311 14.51 -7.51 -18.10
C GLU C 311 14.85 -7.62 -16.61
N HIS C 312 14.84 -6.50 -15.88
CA HIS C 312 15.04 -6.48 -14.43
C HIS C 312 13.71 -6.61 -13.76
N GLN C 313 13.59 -7.60 -12.88
CA GLN C 313 12.30 -7.95 -12.24
C GLN C 313 11.67 -6.77 -11.52
N SER C 314 12.47 -5.95 -10.84
CA SER C 314 11.93 -4.76 -10.12
C SER C 314 11.25 -3.74 -11.06
N VAL C 315 11.81 -3.55 -12.26
CA VAL C 315 11.27 -2.65 -13.29
C VAL C 315 10.01 -3.24 -13.88
N ALA C 316 10.08 -4.51 -14.27
CA ALA C 316 8.92 -5.18 -14.79
C ALA C 316 7.73 -5.18 -13.77
N ASP C 317 8.03 -5.38 -12.48
CA ASP C 317 7.02 -5.33 -11.40
C ASP C 317 6.25 -4.02 -11.33
N LYS C 318 6.96 -2.89 -11.44
CA LYS C 318 6.34 -1.56 -11.56
C LYS C 318 5.42 -1.45 -12.76
N LEU C 319 5.85 -1.93 -13.91
CA LEU C 319 5.05 -1.86 -15.17
C LEU C 319 3.86 -2.83 -15.15
N ILE C 320 4.04 -3.99 -14.50
CA ILE C 320 2.92 -4.94 -14.25
C ILE C 320 1.87 -4.28 -13.36
N ASP C 321 2.32 -3.68 -12.24
CA ASP C 321 1.39 -2.91 -11.38
C ASP C 321 0.65 -1.79 -12.08
N CYS C 322 1.34 -1.02 -12.93
CA CYS C 322 0.69 0.04 -13.76
C CYS C 322 -0.38 -0.54 -14.72
N LYS C 323 0.02 -1.54 -15.48
CA LYS C 323 -0.85 -2.27 -16.39
C LYS C 323 -2.14 -2.77 -15.70
N ILE C 324 -1.98 -3.44 -14.56
CA ILE C 324 -3.12 -3.92 -13.74
C ILE C 324 -4.04 -2.79 -13.28
N ARG C 325 -3.43 -1.70 -12.84
CA ARG C 325 -4.21 -0.54 -12.37
C ARG C 325 -5.04 0.04 -13.48
N LEU C 326 -4.44 0.10 -14.67
CA LEU C 326 -5.12 0.64 -15.85
C LEU C 326 -6.23 -0.29 -16.35
N GLU C 327 -5.95 -1.58 -16.39
CA GLU C 327 -6.90 -2.54 -16.88
C GLU C 327 -8.16 -2.62 -16.00
N THR C 328 -7.96 -2.80 -14.68
CA THR C 328 -9.06 -2.77 -13.69
C THR C 328 -9.86 -1.46 -13.72
N SER C 329 -9.15 -0.33 -13.88
CA SER C 329 -9.79 0.98 -13.97
C SER C 329 -10.71 1.12 -15.14
N ARG C 330 -10.26 0.61 -16.29
CA ARG C 330 -11.06 0.77 -17.51
C ARG C 330 -12.30 -0.10 -17.40
N LEU C 331 -12.13 -1.33 -16.94
CA LEU C 331 -13.24 -2.28 -16.75
C LEU C 331 -14.31 -1.67 -15.84
N LEU C 332 -13.84 -1.08 -14.74
CA LEU C 332 -14.68 -0.37 -13.75
C LEU C 332 -15.44 0.80 -14.36
N VAL C 333 -14.74 1.68 -15.07
CA VAL C 333 -15.40 2.80 -15.73
C VAL C 333 -16.50 2.32 -16.71
N TRP C 334 -16.18 1.36 -17.58
CA TRP C 334 -17.18 0.83 -18.51
C TRP C 334 -18.37 0.16 -17.78
N LYS C 335 -18.09 -0.61 -16.73
CA LYS C 335 -19.14 -1.12 -15.81
C LYS C 335 -20.00 0.00 -15.23
N ALA C 336 -19.37 1.07 -14.76
CA ALA C 336 -20.10 2.18 -14.17
C ALA C 336 -20.98 2.91 -15.12
N VAL C 337 -20.48 3.32 -16.28
CA VAL C 337 -21.30 4.17 -17.17
C VAL C 337 -22.47 3.36 -17.73
N THR C 338 -22.21 2.09 -17.98
CA THR C 338 -23.22 1.09 -18.32
C THR C 338 -24.27 0.92 -17.19
N THR C 339 -23.82 0.67 -15.96
CA THR C 339 -24.71 0.64 -14.81
C THR C 339 -25.64 1.85 -14.77
N LEU C 340 -25.07 3.04 -15.05
CA LEU C 340 -25.82 4.29 -15.07
C LEU C 340 -26.87 4.37 -16.15
N GLU C 341 -26.67 3.67 -17.26
CA GLU C 341 -27.60 3.73 -18.38
C GLU C 341 -28.72 2.67 -18.25
N ASP C 342 -28.60 1.81 -17.26
CA ASP C 342 -29.56 0.72 -17.06
C ASP C 342 -30.85 1.22 -16.35
N GLU C 343 -31.94 1.40 -17.10
CA GLU C 343 -33.22 1.91 -16.54
C GLU C 343 -33.85 1.01 -15.47
N ALA C 344 -33.47 -0.27 -15.48
CA ALA C 344 -34.00 -1.25 -14.55
C ALA C 344 -33.37 -1.16 -13.15
N LEU C 345 -32.27 -0.44 -12.96
CA LEU C 345 -31.58 -0.43 -11.66
C LEU C 345 -31.99 0.77 -10.87
N GLU C 346 -32.14 0.64 -9.56
CA GLU C 346 -32.45 1.87 -8.82
C GLU C 346 -31.24 2.81 -8.66
N TRP C 347 -31.55 4.09 -8.41
CA TRP C 347 -30.55 5.13 -8.32
C TRP C 347 -29.40 4.81 -7.35
N LYS C 348 -29.73 4.36 -6.13
CA LYS C 348 -28.71 4.09 -5.12
C LYS C 348 -27.68 3.05 -5.59
N VAL C 349 -28.09 2.18 -6.50
CA VAL C 349 -27.20 1.15 -7.05
C VAL C 349 -26.21 1.79 -8.03
N LYS C 350 -26.70 2.81 -8.72
CA LYS C 350 -25.95 3.52 -9.75
C LYS C 350 -24.99 4.47 -9.09
N LEU C 351 -25.50 5.24 -8.12
CA LEU C 351 -24.67 6.09 -7.29
C LEU C 351 -23.45 5.35 -6.71
N GLU C 352 -23.69 4.28 -5.97
CA GLU C 352 -22.67 3.44 -5.38
C GLU C 352 -21.59 2.92 -6.38
N MET C 353 -22.02 2.46 -7.56
CA MET C 353 -21.09 2.08 -8.62
C MET C 353 -20.23 3.28 -9.09
N ALA C 354 -20.86 4.44 -9.26
CA ALA C 354 -20.16 5.62 -9.73
C ALA C 354 -19.12 6.11 -8.72
N MET C 355 -19.45 6.03 -7.43
CA MET C 355 -18.56 6.50 -6.37
C MET C 355 -17.33 5.62 -6.30
N GLN C 356 -17.53 4.31 -6.23
CA GLN C 356 -16.48 3.30 -6.37
C GLN C 356 -15.47 3.60 -7.46
N THR C 357 -15.99 3.96 -8.62
CA THR C 357 -15.22 4.19 -9.83
C THR C 357 -14.36 5.45 -9.69
N LYS C 358 -14.97 6.57 -9.33
CA LYS C 358 -14.19 7.79 -9.10
C LYS C 358 -13.09 7.57 -8.06
N ILE C 359 -13.41 6.90 -6.97
CA ILE C 359 -12.46 6.68 -5.86
C ILE C 359 -11.31 5.79 -6.32
N TYR C 360 -11.64 4.63 -6.91
CA TYR C 360 -10.62 3.68 -7.32
C TYR C 360 -9.74 4.26 -8.40
N THR C 361 -10.36 4.58 -9.55
CA THR C 361 -9.60 5.04 -10.72
C THR C 361 -8.69 6.24 -10.43
N THR C 362 -9.18 7.24 -9.71
CA THR C 362 -8.37 8.42 -9.44
C THR C 362 -7.25 8.17 -8.42
N ASP C 363 -7.49 7.36 -7.39
CA ASP C 363 -6.45 7.03 -6.42
C ASP C 363 -5.30 6.29 -7.11
N VAL C 364 -5.69 5.31 -7.91
CA VAL C 364 -4.79 4.33 -8.51
C VAL C 364 -3.97 4.92 -9.68
N ALA C 365 -4.56 5.87 -10.43
CA ALA C 365 -3.87 6.63 -11.50
C ALA C 365 -2.62 7.38 -11.01
N VAL C 366 -2.71 7.94 -9.81
CA VAL C 366 -1.57 8.54 -9.15
C VAL C 366 -0.41 7.55 -8.95
N GLU C 367 -0.67 6.39 -8.33
CA GLU C 367 0.36 5.35 -8.06
C GLU C 367 0.97 4.90 -9.37
N CYS C 368 0.13 4.82 -10.37
CA CYS C 368 0.53 4.42 -11.69
C CYS C 368 1.54 5.42 -12.33
N VAL C 369 1.32 6.73 -12.22
CA VAL C 369 2.29 7.72 -12.72
C VAL C 369 3.61 7.74 -11.94
N ILE C 370 3.49 7.70 -10.63
CA ILE C 370 4.64 7.59 -9.76
C ILE C 370 5.45 6.28 -9.97
N ASP C 371 4.80 5.12 -10.06
CA ASP C 371 5.50 3.85 -10.36
C ASP C 371 6.22 3.86 -11.74
N ALA C 372 5.56 4.45 -12.73
CA ALA C 372 6.13 4.68 -14.07
C ALA C 372 7.41 5.55 -14.04
N MET C 373 7.36 6.64 -13.25
CA MET C 373 8.54 7.47 -12.99
C MET C 373 9.68 6.70 -12.31
N LYS C 374 9.36 5.92 -11.29
CA LYS C 374 10.38 5.17 -10.56
C LYS C 374 11.09 4.12 -11.44
N ALA C 375 10.32 3.49 -12.35
CA ALA C 375 10.85 2.51 -13.30
C ALA C 375 11.82 3.17 -14.29
N VAL C 376 11.47 4.37 -14.74
CA VAL C 376 12.28 5.18 -15.69
C VAL C 376 13.50 5.79 -14.98
N GLY C 377 13.30 6.22 -13.74
CA GLY C 377 14.39 6.71 -12.93
C GLY C 377 14.59 8.19 -13.14
N MET C 378 15.83 8.66 -12.94
CA MET C 378 16.14 10.10 -12.91
C MET C 378 15.59 10.88 -14.11
N LYS C 379 15.84 10.35 -15.28
CA LYS C 379 15.38 10.95 -16.50
C LYS C 379 13.88 11.29 -16.52
N SER C 380 13.05 10.62 -15.71
CA SER C 380 11.62 10.99 -15.62
C SER C 380 11.37 12.37 -14.95
N TYR C 381 12.39 12.89 -14.26
CA TYR C 381 12.25 14.10 -13.48
C TYR C 381 12.41 15.41 -14.30
N ALA C 382 12.82 15.26 -15.56
CA ALA C 382 13.05 16.41 -16.46
C ALA C 382 11.99 16.53 -17.58
N LYS C 383 11.82 17.77 -18.04
CA LYS C 383 10.71 18.19 -18.90
C LYS C 383 10.93 17.87 -20.34
N ASP C 384 12.05 17.24 -20.67
CA ASP C 384 12.14 16.66 -22.02
C ASP C 384 11.40 15.30 -22.11
N MET C 385 10.88 14.82 -20.96
CA MET C 385 9.91 13.72 -20.89
C MET C 385 8.54 14.22 -20.36
N SER C 386 7.49 13.40 -20.53
CA SER C 386 6.09 13.80 -20.16
C SER C 386 5.78 13.82 -18.67
N PHE C 387 6.56 13.07 -17.92
CA PHE C 387 6.24 12.76 -16.53
C PHE C 387 6.01 13.97 -15.64
N PRO C 388 6.87 15.01 -15.70
CA PRO C 388 6.58 16.17 -14.83
C PRO C 388 5.19 16.78 -15.06
N ARG C 389 4.78 16.90 -16.33
CA ARG C 389 3.41 17.28 -16.65
C ARG C 389 2.39 16.26 -16.13
N LEU C 390 2.59 15.00 -16.44
CA LEU C 390 1.66 13.95 -16.05
C LEU C 390 1.50 13.86 -14.53
N LEU C 391 2.57 14.17 -13.80
CA LEU C 391 2.55 14.06 -12.36
C LEU C 391 1.62 15.12 -11.75
N ASN C 392 1.63 16.33 -12.31
CA ASN C 392 0.83 17.42 -11.76
C ASN C 392 -0.64 17.26 -12.17
N GLU C 393 -0.87 16.86 -13.41
CA GLU C 393 -2.24 16.57 -13.88
C GLU C 393 -2.97 15.47 -13.08
N VAL C 394 -2.24 14.37 -12.85
CA VAL C 394 -2.82 13.22 -12.19
C VAL C 394 -3.26 13.49 -10.74
N MET C 395 -2.59 14.39 -10.02
CA MET C 395 -2.97 14.69 -8.64
C MET C 395 -4.27 15.49 -8.57
N CYS C 396 -4.72 15.98 -9.71
CA CYS C 396 -6.00 16.67 -9.74
C CYS C 396 -7.17 15.73 -9.43
N TYR C 397 -7.08 14.52 -9.94
CA TYR C 397 -8.22 13.62 -10.03
C TYR C 397 -8.75 13.08 -8.66
N PRO C 398 -7.86 12.66 -7.74
CA PRO C 398 -8.45 12.27 -6.44
C PRO C 398 -9.12 13.41 -5.68
N LEU C 399 -8.84 14.66 -6.07
CA LEU C 399 -9.24 15.85 -5.32
C LEU C 399 -10.42 16.57 -5.95
N PHE C 400 -10.49 16.53 -7.29
CA PHE C 400 -11.54 17.25 -8.01
C PHE C 400 -12.80 16.41 -8.22
N ASN C 401 -13.79 17.01 -8.90
CA ASN C 401 -15.10 16.38 -9.12
C ASN C 401 -15.65 15.72 -7.88
N GLY C 402 -15.53 16.41 -6.74
CA GLY C 402 -15.89 15.88 -5.44
C GLY C 402 -14.78 14.99 -4.96
N GLY C 403 -14.01 15.43 -3.97
CA GLY C 403 -12.83 14.72 -3.56
C GLY C 403 -13.20 13.40 -2.93
N ASN C 404 -12.32 12.42 -3.03
CA ASN C 404 -12.56 11.10 -2.47
C ASN C 404 -12.78 11.04 -0.95
N ILE C 405 -11.97 11.80 -0.20
CA ILE C 405 -11.97 11.75 1.28
C ILE C 405 -13.25 12.37 1.86
N GLY C 406 -13.61 13.54 1.34
CA GLY C 406 -14.68 14.33 1.90
C GLY C 406 -16.03 14.13 1.27
N LEU C 407 -16.06 13.97 -0.06
CA LEU C 407 -17.32 13.76 -0.76
C LEU C 407 -17.65 12.28 -1.16
N ARG C 408 -16.86 11.68 -2.03
CA ARG C 408 -17.26 10.41 -2.65
C ARG C 408 -17.29 9.23 -1.72
N ARG C 409 -16.35 9.14 -0.77
CA ARG C 409 -16.47 8.09 0.26
C ARG C 409 -17.69 8.26 1.16
N ARG C 410 -18.07 9.51 1.45
CA ARG C 410 -19.22 9.75 2.30
C ARG C 410 -20.53 9.44 1.61
N GLN C 411 -20.65 9.86 0.36
CA GLN C 411 -21.77 9.45 -0.49
C GLN C 411 -21.89 7.95 -0.61
N MET C 412 -20.77 7.25 -0.72
CA MET C 412 -20.82 5.78 -0.81
C MET C 412 -21.17 5.12 0.53
N GLN C 413 -20.50 5.52 1.60
CA GLN C 413 -20.77 5.01 2.96
C GLN C 413 -22.25 5.16 3.34
N ARG C 414 -22.82 6.30 2.96
CA ARG C 414 -24.19 6.59 3.22
C ARG C 414 -25.11 5.56 2.53
N VAL C 415 -24.77 5.13 1.32
CA VAL C 415 -25.55 4.12 0.59
C VAL C 415 -25.41 2.73 1.23
N MET C 416 -24.19 2.42 1.67
CA MET C 416 -23.89 1.12 2.25
C MET C 416 -24.57 0.91 3.61
N ALA C 417 -24.96 2.01 4.26
CA ALA C 417 -25.55 1.98 5.60
C ALA C 417 -27.06 1.77 5.61
N LEU C 418 -27.72 2.16 4.52
CA LEU C 418 -29.17 1.95 4.32
C LEU C 418 -29.53 0.49 4.59
N GLU C 419 -30.66 0.24 5.26
CA GLU C 419 -31.11 -1.14 5.55
C GLU C 419 -31.22 -1.99 4.30
N ASP C 420 -31.65 -1.39 3.20
CA ASP C 420 -31.88 -2.11 1.95
C ASP C 420 -30.69 -2.22 0.97
N TYR C 421 -29.54 -1.64 1.31
CA TYR C 421 -28.31 -1.81 0.51
C TYR C 421 -28.12 -3.22 -0.09
N GLU C 422 -28.03 -3.29 -1.41
CA GLU C 422 -27.68 -4.53 -2.09
C GLU C 422 -26.34 -4.36 -2.78
N PRO C 423 -25.26 -4.88 -2.14
CA PRO C 423 -23.92 -4.66 -2.65
C PRO C 423 -23.75 -5.04 -4.13
N TRP C 424 -24.41 -6.15 -4.55
CA TRP C 424 -24.22 -6.73 -5.88
C TRP C 424 -25.37 -6.59 -6.87
N ALA C 425 -26.26 -5.63 -6.63
CA ALA C 425 -27.43 -5.44 -7.49
C ALA C 425 -27.04 -5.10 -8.96
N ALA C 426 -25.99 -4.31 -9.16
CA ALA C 426 -25.49 -4.01 -10.51
C ALA C 426 -24.89 -5.22 -11.26
N THR C 427 -24.58 -6.31 -10.55
CA THR C 427 -23.96 -7.48 -11.20
C THR C 427 -24.96 -8.63 -11.30
N TYR C 428 -25.60 -8.91 -10.19
CA TYR C 428 -26.42 -10.10 -10.04
C TYR C 428 -27.90 -9.76 -10.00
N GLY C 429 -28.24 -8.52 -10.38
CA GLY C 429 -29.64 -8.04 -10.41
C GLY C 429 -30.22 -7.97 -9.01
N SER C 430 -31.37 -7.32 -8.88
CA SER C 430 -32.06 -7.21 -7.58
C SER C 430 -32.99 -8.41 -7.29
N VAL D 1 20.55 3.13 25.55
CA VAL D 1 20.01 3.85 24.36
C VAL D 1 19.29 5.12 24.80
N ASP D 2 19.55 6.20 24.07
CA ASP D 2 19.25 7.52 24.57
C ASP D 2 18.88 8.39 23.39
N PHE D 3 17.81 9.19 23.53
CA PHE D 3 17.34 10.04 22.44
C PHE D 3 17.48 11.52 22.69
N LYS D 4 17.87 11.92 23.91
CA LYS D 4 18.00 13.36 24.24
C LYS D 4 18.98 14.10 23.33
N LEU D 5 18.60 15.31 22.95
CA LEU D 5 19.47 16.16 22.18
C LEU D 5 20.27 17.08 23.10
N SER D 6 21.51 17.34 22.70
CA SER D 6 22.41 18.12 23.50
C SER D 6 22.11 19.60 23.26
N PRO D 7 22.58 20.50 24.16
CA PRO D 7 22.42 21.94 23.95
C PRO D 7 22.97 22.42 22.59
N SER D 8 24.08 21.80 22.15
CA SER D 8 24.67 22.12 20.86
C SER D 8 23.84 21.56 19.69
N GLN D 9 23.14 20.45 19.93
CA GLN D 9 22.17 19.95 18.95
C GLN D 9 20.94 20.86 18.85
N LEU D 10 20.39 21.24 20.00
CA LEU D 10 19.31 22.25 20.05
C LEU D 10 19.75 23.58 19.46
N GLU D 11 21.04 23.93 19.56
CA GLU D 11 21.50 25.17 18.96
C GLU D 11 21.57 25.08 17.43
N ALA D 12 22.02 23.95 16.92
CA ALA D 12 22.08 23.72 15.48
C ALA D 12 20.70 23.88 14.83
N ARG D 13 19.68 23.33 15.49
CA ARG D 13 18.29 23.49 15.05
C ARG D 13 17.85 24.95 15.02
N ARG D 14 17.98 25.62 16.17
CA ARG D 14 17.63 27.02 16.32
C ARG D 14 18.30 27.87 15.23
N HIS D 15 19.62 27.72 15.11
CA HIS D 15 20.42 28.42 14.09
C HIS D 15 19.90 28.17 12.66
N ALA D 16 19.58 26.92 12.35
CA ALA D 16 19.06 26.57 11.01
C ALA D 16 17.65 27.08 10.74
N GLN D 17 16.75 26.96 11.73
CA GLN D 17 15.41 27.57 11.61
C GLN D 17 15.52 29.06 11.37
N ALA D 18 16.29 29.76 12.22
CA ALA D 18 16.51 31.21 12.05
C ALA D 18 17.08 31.54 10.69
N PHE D 19 18.04 30.75 10.23
CA PHE D 19 18.58 30.96 8.89
C PHE D 19 17.50 30.78 7.84
N ALA D 20 16.76 29.67 7.93
CA ALA D 20 15.70 29.38 6.97
C ALA D 20 14.63 30.51 6.96
N ASN D 21 14.09 30.85 8.14
CA ASN D 21 13.07 31.90 8.27
C ASN D 21 13.48 33.26 7.76
N THR D 22 14.65 33.74 8.19
CA THR D 22 15.06 35.12 7.89
C THR D 22 15.67 35.32 6.51
N VAL D 23 16.30 34.28 5.99
CA VAL D 23 17.08 34.40 4.76
C VAL D 23 16.40 33.67 3.60
N LEU D 24 16.16 32.38 3.80
CA LEU D 24 15.73 31.47 2.74
C LEU D 24 14.34 31.78 2.17
N THR D 25 13.43 32.28 3.03
CA THR D 25 12.11 32.80 2.62
C THR D 25 12.14 33.98 1.63
N LYS D 26 13.28 34.68 1.50
CA LYS D 26 13.34 35.82 0.57
C LYS D 26 13.72 35.36 -0.84
N ALA D 27 14.08 34.07 -0.97
CA ALA D 27 14.69 33.61 -2.21
C ALA D 27 13.70 33.54 -3.35
N SER D 28 12.47 33.11 -3.03
CA SER D 28 11.42 32.94 -4.06
C SER D 28 11.09 34.21 -4.82
N ALA D 29 10.98 35.32 -4.09
CA ALA D 29 10.80 36.65 -4.70
C ALA D 29 11.81 36.91 -5.82
N GLU D 30 13.01 36.38 -5.65
CA GLU D 30 14.10 36.50 -6.62
C GLU D 30 14.09 35.46 -7.71
N TYR D 31 13.97 34.18 -7.35
CA TYR D 31 14.06 33.14 -8.40
C TYR D 31 12.81 32.94 -9.26
N SER D 32 11.62 33.25 -8.70
CA SER D 32 10.32 33.12 -9.39
C SER D 32 10.20 33.97 -10.64
N THR D 33 11.00 35.04 -10.73
CA THR D 33 10.94 35.93 -11.88
C THR D 33 11.80 35.43 -13.04
N GLN D 34 12.63 34.42 -12.77
CA GLN D 34 13.61 33.94 -13.75
C GLN D 34 13.02 32.90 -14.69
N LYS D 35 13.43 32.97 -15.95
CA LYS D 35 12.80 32.22 -17.03
C LYS D 35 13.31 30.78 -17.31
N ASP D 36 14.38 30.37 -16.61
CA ASP D 36 14.98 29.05 -16.84
C ASP D 36 15.80 28.56 -15.67
N GLN D 37 16.14 27.27 -15.68
CA GLN D 37 16.84 26.61 -14.55
C GLN D 37 18.14 27.35 -14.12
N LEU D 38 19.02 27.63 -15.08
CA LEU D 38 20.24 28.41 -14.81
C LEU D 38 20.01 29.79 -14.13
N SER D 39 19.16 30.61 -14.75
CA SER D 39 18.76 31.91 -14.20
C SER D 39 18.23 31.79 -12.78
N ARG D 40 17.39 30.78 -12.54
CA ARG D 40 16.89 30.53 -11.18
C ARG D 40 18.03 30.18 -10.21
N PHE D 41 18.98 29.38 -10.68
CA PHE D 41 20.17 29.03 -9.89
C PHE D 41 21.01 30.29 -9.63
N GLN D 42 21.35 31.02 -10.67
CA GLN D 42 22.11 32.29 -10.48
C GLN D 42 21.41 33.23 -9.46
N ALA D 43 20.08 33.39 -9.57
CA ALA D 43 19.32 34.24 -8.63
C ALA D 43 19.42 33.80 -7.16
N THR D 44 20.01 32.62 -6.96
CA THR D 44 20.16 31.95 -5.65
C THR D 44 21.48 32.30 -4.93
N ARG D 45 22.42 32.79 -5.71
CA ARG D 45 23.79 33.07 -5.27
C ARG D 45 23.94 33.96 -4.03
N PRO D 46 23.16 35.07 -3.92
CA PRO D 46 23.16 35.86 -2.67
C PRO D 46 22.77 35.09 -1.40
N PHE D 47 21.97 34.03 -1.57
CA PHE D 47 21.44 33.27 -0.44
C PHE D 47 22.43 32.20 -0.02
N TYR D 48 23.15 31.68 -1.02
CA TYR D 48 24.30 30.80 -0.78
C TYR D 48 25.43 31.59 -0.09
N ARG D 49 25.72 32.80 -0.60
CA ARG D 49 26.62 33.75 0.07
C ARG D 49 26.31 33.90 1.57
N GLU D 50 25.04 34.17 1.87
CA GLU D 50 24.57 34.24 3.27
C GLU D 50 24.71 32.92 4.06
N ALA D 51 24.53 31.79 3.37
CA ALA D 51 24.74 30.46 3.95
C ALA D 51 26.19 30.28 4.39
N VAL D 52 27.10 30.68 3.50
CA VAL D 52 28.52 30.65 3.80
C VAL D 52 28.80 31.56 4.99
N ARG D 53 28.29 32.80 4.94
CA ARG D 53 28.51 33.77 6.02
C ARG D 53 27.92 33.34 7.35
N HIS D 54 26.88 32.50 7.31
CA HIS D 54 26.37 31.84 8.52
C HIS D 54 27.14 30.55 8.88
N GLY D 55 28.13 30.23 8.06
CA GLY D 55 29.05 29.11 8.27
C GLY D 55 28.48 27.72 7.98
N LEU D 56 27.53 27.63 7.06
CA LEU D 56 26.83 26.36 6.83
C LEU D 56 27.63 25.43 5.91
N ILE D 57 28.41 26.05 5.03
CA ILE D 57 29.41 25.39 4.21
C ILE D 57 30.59 24.89 5.04
N LYS D 58 30.99 25.64 6.05
CA LYS D 58 32.06 25.19 6.95
C LYS D 58 31.58 24.07 7.87
N ALA D 59 30.28 24.07 8.21
CA ALA D 59 29.71 22.95 8.99
C ALA D 59 29.52 21.64 8.16
N GLN D 60 29.87 21.67 6.88
CA GLN D 60 29.91 20.47 6.03
C GLN D 60 31.25 19.69 6.13
N VAL D 61 32.28 20.32 6.71
CA VAL D 61 33.62 19.72 6.83
C VAL D 61 33.91 19.31 8.28
N PRO D 62 34.46 18.10 8.51
CA PRO D 62 34.84 17.76 9.90
C PRO D 62 35.79 18.74 10.62
N ILE D 63 35.63 18.80 11.94
CA ILE D 63 36.50 19.59 12.85
C ILE D 63 38.01 19.28 12.69
N PRO D 64 38.41 17.99 12.68
CA PRO D 64 39.82 17.65 12.38
C PRO D 64 40.38 18.16 11.07
N LEU D 65 39.52 18.57 10.14
CA LEU D 65 39.94 19.07 8.82
C LEU D 65 39.79 20.60 8.73
N GLY D 66 39.64 21.25 9.89
CA GLY D 66 39.43 22.69 9.93
C GLY D 66 37.98 23.13 9.76
N GLY D 67 37.08 22.17 9.56
CA GLY D 67 35.65 22.47 9.48
C GLY D 67 34.95 22.54 10.83
N THR D 68 33.67 22.90 10.82
CA THR D 68 32.91 23.08 12.04
C THR D 68 31.80 22.06 12.26
N MET D 69 31.77 20.99 11.47
CA MET D 69 30.79 19.93 11.64
C MET D 69 30.96 19.24 12.99
N GLU D 70 29.91 19.26 13.82
CA GLU D 70 29.95 18.64 15.16
C GLU D 70 29.58 17.16 15.21
N SER D 71 28.62 16.75 14.39
CA SER D 71 28.30 15.36 14.11
C SER D 71 27.31 15.23 12.95
N LEU D 72 26.97 13.98 12.65
CA LEU D 72 26.06 13.65 11.58
C LEU D 72 24.60 13.82 12.02
N VAL D 73 24.32 13.68 13.32
CA VAL D 73 23.00 13.98 13.87
C VAL D 73 22.71 15.48 13.84
N HIS D 74 23.71 16.29 14.22
CA HIS D 74 23.66 17.73 14.04
C HIS D 74 23.35 18.02 12.58
N GLU D 75 24.05 17.34 11.68
CA GLU D 75 23.85 17.54 10.24
C GLU D 75 22.38 17.28 9.83
N SER D 76 21.82 16.21 10.37
CA SER D 76 20.50 15.72 10.01
C SER D 76 19.44 16.72 10.43
N ILE D 77 19.54 17.15 11.69
CA ILE D 77 18.74 18.22 12.28
C ILE D 77 18.75 19.48 11.44
N ILE D 78 19.92 19.92 11.03
CA ILE D 78 20.06 21.13 10.22
C ILE D 78 19.34 20.98 8.89
N LEU D 79 19.48 19.80 8.26
CA LEU D 79 18.95 19.58 6.92
C LEU D 79 17.42 19.48 6.91
N GLU D 80 16.83 18.84 7.92
CA GLU D 80 15.39 18.83 8.10
C GLU D 80 14.82 20.25 8.17
N GLU D 81 15.46 21.08 9.01
CA GLU D 81 15.02 22.47 9.22
C GLU D 81 15.09 23.32 7.97
N LEU D 82 16.08 23.06 7.14
CA LEU D 82 16.27 23.87 5.92
C LEU D 82 15.31 23.46 4.83
N PHE D 83 15.12 22.14 4.71
CA PHE D 83 14.23 21.58 3.70
C PHE D 83 12.74 21.74 4.07
N ALA D 84 12.46 21.86 5.36
CA ALA D 84 11.12 22.18 5.86
C ALA D 84 10.62 23.54 5.40
N VAL D 85 11.51 24.38 4.91
CA VAL D 85 11.21 25.77 4.58
C VAL D 85 11.48 26.03 3.10
N GLU D 86 12.66 25.68 2.61
CA GLU D 86 13.05 26.00 1.21
C GLU D 86 14.27 25.20 0.78
N PRO D 87 14.13 24.32 -0.24
CA PRO D 87 15.24 23.56 -0.82
C PRO D 87 16.15 24.37 -1.74
N ALA D 88 15.69 25.49 -2.29
CA ALA D 88 16.61 26.43 -2.95
C ALA D 88 17.73 26.81 -1.97
N THR D 89 18.95 26.93 -2.48
CA THR D 89 20.16 27.06 -1.64
C THR D 89 20.47 25.84 -0.78
N SER D 90 19.50 25.41 0.03
CA SER D 90 19.64 24.18 0.80
C SER D 90 20.22 22.99 -0.01
N ILE D 91 19.67 22.76 -1.20
CA ILE D 91 20.18 21.76 -2.14
C ILE D 91 21.67 22.02 -2.53
N THR D 92 22.05 23.29 -2.65
CA THR D 92 23.39 23.68 -3.04
C THR D 92 24.42 23.33 -1.91
N ILE D 93 24.04 23.54 -0.65
CA ILE D 93 24.86 23.18 0.50
C ILE D 93 25.17 21.67 0.52
N VAL D 94 24.14 20.87 0.27
CA VAL D 94 24.26 19.43 0.34
C VAL D 94 24.97 18.83 -0.87
N ALA D 95 24.74 19.37 -2.06
CA ALA D 95 25.48 19.05 -3.28
C ALA D 95 26.97 19.27 -3.07
N THR D 96 27.28 20.40 -2.44
CA THR D 96 28.65 20.80 -2.11
C THR D 96 29.29 19.82 -1.12
N ALA D 97 28.56 19.49 -0.05
CA ALA D 97 28.98 18.46 0.93
C ALA D 97 29.34 17.13 0.27
N LEU D 98 28.50 16.66 -0.66
CA LEU D 98 28.76 15.45 -1.42
C LEU D 98 30.04 15.59 -2.23
N GLY D 99 30.21 16.74 -2.87
CA GLY D 99 31.35 17.01 -3.74
C GLY D 99 32.65 17.13 -2.95
N LEU D 100 32.54 17.56 -1.71
CA LEU D 100 33.68 17.60 -0.80
C LEU D 100 34.06 16.25 -0.23
N MET D 101 33.06 15.34 -0.14
CA MET D 101 33.20 14.05 0.57
C MET D 101 34.34 13.10 0.15
N PRO D 102 34.59 12.93 -1.19
CA PRO D 102 35.72 12.05 -1.54
C PRO D 102 37.04 12.58 -1.00
N VAL D 103 37.18 13.90 -0.94
CA VAL D 103 38.40 14.53 -0.46
C VAL D 103 38.45 14.40 1.07
N ILE D 104 37.31 14.66 1.73
CA ILE D 104 37.16 14.49 3.18
C ILE D 104 37.51 13.06 3.60
N LEU D 105 37.18 12.09 2.74
CA LEU D 105 37.32 10.68 3.08
C LEU D 105 38.67 10.02 2.72
N CYS D 106 39.50 10.67 1.89
CA CYS D 106 40.79 10.07 1.54
C CYS D 106 41.79 10.05 2.73
N ASP D 107 42.85 9.25 2.64
CA ASP D 107 43.91 9.36 3.67
C ASP D 107 45.17 10.07 3.14
N SER D 108 44.98 11.36 2.84
CA SER D 108 45.97 12.17 2.15
C SER D 108 45.96 13.60 2.67
N PRO D 109 46.55 13.83 3.87
CA PRO D 109 46.48 15.14 4.53
C PRO D 109 46.84 16.36 3.66
N SER D 110 47.71 16.20 2.67
CA SER D 110 48.16 17.36 1.88
C SER D 110 47.11 17.83 0.87
N LEU D 111 46.45 16.86 0.24
CA LEU D 111 45.34 17.10 -0.69
C LEU D 111 44.18 17.79 0.06
N GLN D 112 43.86 17.26 1.23
CA GLN D 112 42.82 17.85 2.06
C GLN D 112 43.06 19.32 2.37
N GLU D 113 44.24 19.64 2.95
CA GLU D 113 44.68 21.03 3.15
C GLU D 113 44.49 21.86 1.87
N LYS D 114 44.94 21.36 0.75
CA LYS D 114 44.91 22.13 -0.50
C LYS D 114 43.49 22.38 -1.04
N PHE D 115 42.71 21.31 -1.15
CA PHE D 115 41.43 21.37 -1.88
C PHE D 115 40.21 21.80 -1.07
N LEU D 116 40.30 21.62 0.24
CA LEU D 116 39.25 21.97 1.17
C LEU D 116 39.38 23.38 1.68
N LYS D 117 40.55 23.99 1.54
CA LYS D 117 40.81 25.35 2.04
C LYS D 117 39.66 26.39 1.79
N PRO D 118 39.24 26.59 0.51
CA PRO D 118 38.22 27.61 0.24
C PRO D 118 36.87 27.38 0.94
N PHE D 119 36.61 26.14 1.32
CA PHE D 119 35.32 25.75 1.90
C PHE D 119 35.28 25.91 3.41
N ILE D 120 36.44 26.08 4.02
CA ILE D 120 36.51 26.30 5.46
C ILE D 120 36.81 27.76 5.82
N SER D 121 36.82 28.63 4.81
CA SER D 121 37.26 30.02 4.98
C SER D 121 36.18 31.01 5.36
N GLY D 122 34.90 30.63 5.24
CA GLY D 122 33.79 31.53 5.54
C GLY D 122 33.64 32.68 4.54
N GLU D 123 34.25 32.53 3.36
CA GLU D 123 34.29 33.59 2.33
C GLU D 123 33.80 33.15 0.97
N GLY D 124 33.17 34.07 0.24
CA GLY D 124 32.76 33.81 -1.16
C GLY D 124 31.61 32.83 -1.27
N GLU D 125 31.42 32.27 -2.47
CA GLU D 125 30.40 31.23 -2.69
C GLU D 125 31.04 30.01 -3.37
N PRO D 126 31.97 29.32 -2.68
CA PRO D 126 32.62 28.19 -3.36
C PRO D 126 31.66 26.98 -3.48
N LEU D 127 31.61 26.40 -4.69
CA LEU D 127 30.80 25.26 -5.04
C LEU D 127 31.60 23.95 -5.24
N ALA D 128 31.10 22.86 -4.68
CA ALA D 128 31.62 21.53 -5.00
C ALA D 128 30.55 20.64 -5.66
N SER D 129 31.04 19.62 -6.34
CA SER D 129 30.22 18.69 -7.09
C SER D 129 30.90 17.33 -7.20
N LEU D 130 30.18 16.27 -6.79
CA LEU D 130 30.57 14.90 -7.12
C LEU D 130 29.96 14.52 -8.48
N MET D 131 30.80 14.51 -9.50
CA MET D 131 30.37 14.27 -10.88
C MET D 131 30.46 12.79 -11.25
N HIS D 132 29.37 12.07 -11.02
CA HIS D 132 29.33 10.66 -11.29
C HIS D 132 28.35 10.33 -12.40
N SER D 133 27.12 10.87 -12.32
CA SER D 133 26.00 10.49 -13.23
C SER D 133 26.21 10.86 -14.68
N GLU D 134 25.57 10.14 -15.59
CA GLU D 134 25.88 10.24 -17.02
C GLU D 134 24.63 10.19 -17.90
N PRO D 135 24.71 10.75 -19.11
CA PRO D 135 23.57 10.61 -20.06
C PRO D 135 22.97 9.19 -20.21
N ASN D 136 23.82 8.15 -20.29
CA ASN D 136 23.36 6.80 -20.55
C ASN D 136 22.92 6.02 -19.31
N GLY D 137 23.07 6.62 -18.12
CA GLY D 137 22.69 5.95 -16.89
C GLY D 137 23.90 5.52 -16.10
N THR D 138 23.69 5.25 -14.81
CA THR D 138 24.75 4.73 -13.94
C THR D 138 24.34 3.55 -13.09
N ALA D 139 23.08 3.10 -13.14
CA ALA D 139 22.68 1.98 -12.23
C ALA D 139 23.59 0.74 -12.42
N ASN D 140 24.13 0.58 -13.63
CA ASN D 140 24.92 -0.60 -14.00
C ASN D 140 26.45 -0.31 -14.15
N TRP D 141 26.91 0.84 -13.65
CA TRP D 141 28.30 1.22 -13.84
C TRP D 141 29.33 0.17 -13.43
N LEU D 142 28.98 -0.67 -12.45
CA LEU D 142 29.92 -1.64 -11.88
C LEU D 142 29.69 -3.05 -12.39
N GLN D 143 28.77 -3.22 -13.33
CA GLN D 143 28.46 -4.50 -13.93
C GLN D 143 29.57 -5.05 -14.84
N LYS D 144 30.26 -6.08 -14.33
CA LYS D 144 31.20 -6.87 -15.14
C LYS D 144 30.60 -7.33 -16.49
N GLY D 145 31.29 -7.00 -17.58
CA GLY D 145 30.81 -7.32 -18.91
C GLY D 145 29.87 -6.29 -19.52
N GLY D 146 29.50 -5.26 -18.75
CA GLY D 146 28.73 -4.14 -19.28
C GLY D 146 29.64 -3.03 -19.81
N PRO D 147 29.04 -2.03 -20.47
CA PRO D 147 29.85 -0.94 -21.04
C PRO D 147 30.53 -0.01 -20.03
N GLY D 148 30.01 0.07 -18.81
CA GLY D 148 30.65 0.89 -17.78
C GLY D 148 30.54 2.38 -18.00
N LEU D 149 31.14 3.18 -17.13
CA LEU D 149 31.12 4.62 -17.29
C LEU D 149 31.62 5.02 -18.67
N GLN D 150 30.93 5.98 -19.29
CA GLN D 150 31.34 6.50 -20.60
C GLN D 150 32.27 7.74 -20.50
N THR D 151 32.45 8.27 -19.30
CA THR D 151 33.51 9.22 -19.04
C THR D 151 34.75 8.42 -18.64
N THR D 152 35.75 8.41 -19.52
CA THR D 152 36.97 7.62 -19.36
C THR D 152 38.15 8.57 -19.16
N ALA D 153 39.26 8.02 -18.67
CA ALA D 153 40.48 8.77 -18.44
C ALA D 153 41.66 7.87 -18.80
N ARG D 154 42.71 8.49 -19.37
CA ARG D 154 43.96 7.81 -19.71
C ARG D 154 45.13 8.68 -19.33
N LYS D 155 46.20 8.08 -18.86
CA LYS D 155 47.36 8.85 -18.45
C LYS D 155 48.20 9.08 -19.68
N VAL D 156 48.52 10.36 -19.94
CA VAL D 156 49.44 10.74 -21.03
C VAL D 156 50.49 11.69 -20.47
N GLY D 157 51.75 11.26 -20.47
CA GLY D 157 52.81 12.00 -19.78
C GLY D 157 52.53 12.05 -18.29
N ASN D 158 52.61 13.25 -17.71
CA ASN D 158 52.29 13.48 -16.31
C ASN D 158 50.86 14.05 -16.13
N GLU D 159 49.98 13.70 -17.07
CA GLU D 159 48.61 14.21 -17.07
C GLU D 159 47.61 13.12 -17.43
N TRP D 160 46.38 13.31 -16.93
CA TRP D 160 45.26 12.51 -17.35
C TRP D 160 44.42 13.27 -18.39
N VAL D 161 43.79 12.51 -19.29
CA VAL D 161 42.97 13.09 -20.33
C VAL D 161 41.58 12.45 -20.25
N ILE D 162 40.61 13.29 -19.84
CA ILE D 162 39.19 12.93 -19.70
C ILE D 162 38.42 13.11 -21.00
N SER D 163 37.72 12.04 -21.42
CA SER D 163 36.79 12.03 -22.54
C SER D 163 35.39 11.60 -22.07
N GLY D 164 34.35 12.29 -22.54
CA GLY D 164 32.96 11.86 -22.34
C GLY D 164 32.06 12.85 -21.64
N GLU D 165 30.89 12.38 -21.20
CA GLU D 165 29.79 13.24 -20.76
C GLU D 165 29.28 12.88 -19.38
N LYS D 166 29.05 13.91 -18.56
CA LYS D 166 28.27 13.81 -17.33
C LYS D 166 26.91 14.52 -17.48
N LEU D 167 25.96 14.19 -16.59
CA LEU D 167 24.59 14.71 -16.60
C LEU D 167 24.07 14.57 -15.20
N TRP D 168 23.49 15.64 -14.66
CA TRP D 168 22.81 15.66 -13.35
C TRP D 168 23.61 16.16 -12.15
N PRO D 169 24.97 16.08 -12.16
CA PRO D 169 25.59 16.38 -10.84
C PRO D 169 25.41 17.84 -10.45
N SER D 170 24.75 18.08 -9.32
CA SER D 170 24.47 19.42 -8.83
C SER D 170 25.75 20.25 -8.72
N ASN D 171 25.62 21.55 -9.06
CA ASN D 171 26.70 22.54 -8.90
C ASN D 171 27.86 22.40 -9.90
N SER D 172 27.84 21.38 -10.74
CA SER D 172 29.05 20.97 -11.47
C SER D 172 29.72 22.03 -12.37
N GLY D 173 28.92 22.89 -12.99
CA GLY D 173 29.42 23.98 -13.83
C GLY D 173 29.58 25.26 -13.03
N GLY D 174 29.38 25.20 -11.72
CA GLY D 174 29.51 26.38 -10.90
C GLY D 174 28.46 27.41 -11.25
N TRP D 175 28.63 28.62 -10.72
CA TRP D 175 27.70 29.73 -10.95
C TRP D 175 27.58 30.22 -12.39
N ASP D 176 28.57 29.94 -13.24
CA ASP D 176 28.67 30.60 -14.57
C ASP D 176 29.03 29.68 -15.73
N TYR D 177 29.05 28.37 -15.46
CA TYR D 177 29.49 27.35 -16.46
C TYR D 177 30.98 27.41 -16.76
N LYS D 178 31.73 27.95 -15.80
CA LYS D 178 33.19 27.88 -15.88
C LYS D 178 33.73 26.89 -14.84
N GLY D 179 32.82 26.24 -14.10
CA GLY D 179 33.16 25.10 -13.29
C GLY D 179 32.86 25.33 -11.84
N ALA D 180 32.57 24.26 -11.12
CA ALA D 180 32.53 24.33 -9.67
C ALA D 180 33.95 24.63 -9.22
N ASP D 181 34.10 25.20 -8.03
CA ASP D 181 35.41 25.42 -7.42
C ASP D 181 36.17 24.08 -7.20
N LEU D 182 35.42 23.01 -6.97
CA LEU D 182 35.96 21.65 -6.82
C LEU D 182 34.94 20.62 -7.32
N ALA D 183 35.30 19.88 -8.37
CA ALA D 183 34.46 18.80 -8.85
C ALA D 183 35.24 17.49 -8.76
N CYS D 184 34.63 16.44 -8.22
CA CYS D 184 35.26 15.13 -8.25
C CYS D 184 34.71 14.34 -9.40
N VAL D 185 35.50 14.13 -10.44
CA VAL D 185 34.99 13.51 -11.65
C VAL D 185 35.32 12.02 -11.64
N VAL D 186 34.27 11.21 -11.71
CA VAL D 186 34.42 9.78 -11.63
C VAL D 186 34.55 9.23 -13.03
N CYS D 187 35.69 8.59 -13.29
CA CYS D 187 36.04 8.07 -14.61
C CYS D 187 36.37 6.60 -14.54
N ARG D 188 36.15 5.92 -15.66
CA ARG D 188 36.67 4.60 -15.83
C ARG D 188 37.98 4.73 -16.65
N VAL D 189 39.07 4.23 -16.12
CA VAL D 189 40.36 4.19 -16.82
C VAL D 189 40.25 3.40 -18.15
N SER D 190 40.76 3.99 -19.22
CA SER D 190 40.75 3.40 -20.55
C SER D 190 41.78 4.08 -21.43
N ASP D 191 42.63 3.27 -22.04
CA ASP D 191 43.71 3.80 -22.89
C ASP D 191 43.24 4.15 -24.27
N ASP D 192 42.22 3.44 -24.71
CA ASP D 192 41.57 3.74 -25.96
C ASP D 192 40.03 3.73 -25.76
N PRO D 193 39.45 4.92 -25.52
CA PRO D 193 38.00 5.06 -25.35
C PRO D 193 37.16 4.59 -26.54
N SER D 194 37.80 4.27 -27.67
CA SER D 194 37.08 3.72 -28.82
C SER D 194 36.79 2.24 -28.62
N LYS D 195 37.52 1.64 -27.68
CA LYS D 195 37.39 0.23 -27.32
C LYS D 195 36.40 0.04 -26.17
N PRO D 196 35.57 -1.03 -26.24
CA PRO D 196 34.65 -1.43 -25.19
C PRO D 196 35.40 -1.75 -23.89
N GLN D 197 34.78 -1.50 -22.73
CA GLN D 197 35.36 -1.97 -21.46
C GLN D 197 35.73 -3.46 -21.62
N ASP D 198 36.88 -3.88 -21.09
CA ASP D 198 37.26 -5.30 -21.08
C ASP D 198 36.27 -6.12 -20.22
N PRO D 199 35.55 -7.09 -20.84
CA PRO D 199 34.59 -7.96 -20.08
C PRO D 199 35.17 -8.97 -19.04
N ASN D 200 36.50 -9.07 -18.94
CA ASN D 200 37.14 -9.99 -17.97
C ASN D 200 37.88 -9.21 -16.88
N VAL D 201 37.77 -7.89 -16.96
CA VAL D 201 38.26 -7.07 -15.86
C VAL D 201 37.05 -6.58 -15.05
N ASP D 202 37.14 -6.83 -13.75
CA ASP D 202 36.19 -6.36 -12.78
C ASP D 202 36.16 -4.82 -12.90
N PRO D 203 34.97 -4.24 -13.21
CA PRO D 203 34.85 -2.78 -13.42
C PRO D 203 35.35 -1.89 -12.28
N ALA D 204 35.09 -2.29 -11.04
CA ALA D 204 35.53 -1.53 -9.86
C ALA D 204 37.05 -1.35 -9.76
N THR D 205 37.82 -2.23 -10.41
CA THR D 205 39.28 -2.07 -10.47
C THR D 205 39.74 -0.95 -11.42
N GLN D 206 38.80 -0.44 -12.22
CA GLN D 206 39.13 0.50 -13.28
C GLN D 206 38.67 1.93 -12.96
N ILE D 207 38.25 2.20 -11.72
CA ILE D 207 37.65 3.49 -11.35
C ILE D 207 38.71 4.51 -10.97
N ALA D 208 38.59 5.75 -11.48
CA ALA D 208 39.48 6.83 -11.08
C ALA D 208 38.70 8.10 -10.76
N VAL D 209 39.22 8.88 -9.82
CA VAL D 209 38.60 10.12 -9.39
C VAL D 209 39.60 11.30 -9.51
N LEU D 210 39.28 12.21 -10.43
CA LEU D 210 40.09 13.36 -10.78
C LEU D 210 39.48 14.65 -10.24
N LEU D 211 40.31 15.45 -9.56
CA LEU D 211 39.90 16.75 -9.08
C LEU D 211 40.01 17.77 -10.21
N VAL D 212 38.90 18.47 -10.48
CA VAL D 212 38.82 19.43 -11.58
C VAL D 212 38.29 20.75 -11.00
N THR D 213 39.16 21.77 -11.02
CA THR D 213 38.85 23.09 -10.45
C THR D 213 38.58 24.05 -11.59
N ARG D 214 38.22 25.28 -11.23
CA ARG D 214 38.05 26.37 -12.19
C ARG D 214 39.40 26.66 -12.87
N GLU D 215 40.48 26.62 -12.08
CA GLU D 215 41.85 26.66 -12.62
C GLU D 215 42.13 25.62 -13.71
N THR D 216 41.76 24.37 -13.48
CA THR D 216 41.92 23.27 -14.47
C THR D 216 41.22 23.48 -15.82
N ILE D 217 40.00 24.03 -15.76
CA ILE D 217 39.20 24.31 -16.98
C ILE D 217 39.77 25.51 -17.75
N ALA D 218 40.17 26.56 -17.04
CA ALA D 218 40.91 27.70 -17.63
C ALA D 218 42.21 27.27 -18.35
N ASN D 219 42.91 26.27 -17.79
CA ASN D 219 44.13 25.74 -18.42
C ASN D 219 43.86 24.82 -19.61
N ASN D 220 42.60 24.58 -19.93
CA ASN D 220 42.30 23.79 -21.10
C ASN D 220 41.79 24.66 -22.22
N LYS D 221 41.87 24.15 -23.45
CA LYS D 221 41.36 24.86 -24.60
C LYS D 221 39.86 25.02 -24.41
N LYS D 222 39.28 26.00 -25.10
CA LYS D 222 37.89 26.41 -24.89
C LYS D 222 36.89 25.25 -25.05
N ASP D 223 37.07 24.43 -26.07
CA ASP D 223 36.08 23.41 -26.37
C ASP D 223 36.36 22.03 -25.75
N ALA D 224 37.21 22.00 -24.73
CA ALA D 224 37.59 20.78 -24.04
C ALA D 224 36.56 20.49 -22.96
N TYR D 225 35.96 21.56 -22.45
CA TYR D 225 34.93 21.54 -21.43
C TYR D 225 33.69 22.28 -21.95
N GLN D 226 32.65 21.55 -22.32
CA GLN D 226 31.45 22.26 -22.69
C GLN D 226 30.17 21.79 -22.02
N ILE D 227 29.35 22.78 -21.65
CA ILE D 227 28.00 22.57 -21.15
C ILE D 227 27.10 22.51 -22.37
N LEU D 228 26.37 21.40 -22.51
CA LEU D 228 25.58 21.15 -23.71
C LEU D 228 24.12 21.45 -23.46
N GLY D 229 23.73 21.48 -22.19
CA GLY D 229 22.34 21.69 -21.80
C GLY D 229 22.15 21.72 -20.30
N GLU D 230 20.96 22.18 -19.88
CA GLU D 230 20.56 22.25 -18.49
C GLU D 230 19.14 21.70 -18.34
N PRO D 231 19.01 20.46 -17.82
CA PRO D 231 17.67 19.89 -17.61
C PRO D 231 16.71 20.84 -16.87
N GLU D 232 15.49 20.92 -17.40
CA GLU D 232 14.42 21.68 -16.75
C GLU D 232 13.71 20.71 -15.82
N LEU D 233 13.76 20.94 -14.52
CA LEU D 233 13.31 19.93 -13.56
C LEU D 233 11.83 20.11 -13.13
N ALA D 234 11.15 19.02 -12.83
CA ALA D 234 9.83 19.11 -12.22
C ALA D 234 9.88 19.94 -10.91
N GLY D 235 10.79 19.60 -10.00
CA GLY D 235 10.93 20.31 -8.71
C GLY D 235 12.40 20.65 -8.51
N HIS D 236 12.77 21.26 -7.38
CA HIS D 236 14.14 21.81 -7.22
C HIS D 236 14.57 22.61 -8.46
N ILE D 237 13.74 23.58 -8.80
CA ILE D 237 13.86 24.32 -10.05
C ILE D 237 15.02 25.35 -10.06
N THR D 238 15.58 25.59 -8.90
CA THR D 238 16.67 26.53 -8.78
C THR D 238 18.03 25.81 -8.63
N THR D 239 18.09 24.49 -8.80
CA THR D 239 19.37 23.80 -8.76
C THR D 239 19.96 23.67 -10.14
N SER D 240 21.28 23.57 -10.23
CA SER D 240 21.92 23.36 -11.52
C SER D 240 22.69 22.04 -11.51
N GLY D 241 22.50 21.27 -12.56
CA GLY D 241 23.09 19.93 -12.69
C GLY D 241 23.21 19.62 -14.17
N PRO D 242 24.15 20.28 -14.85
CA PRO D 242 24.11 20.28 -16.31
C PRO D 242 24.60 19.02 -17.01
N HIS D 243 24.47 19.06 -18.33
CA HIS D 243 25.03 18.10 -19.26
C HIS D 243 26.39 18.61 -19.77
N THR D 244 27.45 17.91 -19.38
CA THR D 244 28.82 18.36 -19.59
C THR D 244 29.52 17.42 -20.55
N ARG D 245 30.27 17.97 -21.49
CA ARG D 245 31.12 17.16 -22.33
C ARG D 245 32.59 17.49 -22.06
N PHE D 246 33.39 16.42 -21.94
CA PHE D 246 34.84 16.52 -21.90
C PHE D 246 35.35 15.95 -23.20
N THR D 247 36.14 16.77 -23.92
CA THR D 247 36.81 16.36 -25.16
C THR D 247 38.31 16.66 -24.96
N GLU D 248 39.14 15.63 -24.91
CA GLU D 248 40.58 15.80 -24.66
C GLU D 248 40.90 16.70 -23.48
N PHE D 249 40.23 16.50 -22.35
CA PHE D 249 40.38 17.43 -21.24
C PHE D 249 41.53 16.99 -20.35
N HIS D 250 42.52 17.86 -20.17
CA HIS D 250 43.79 17.55 -19.47
C HIS D 250 43.75 17.91 -18.01
N VAL D 251 44.07 16.94 -17.17
CA VAL D 251 44.12 17.14 -15.72
C VAL D 251 45.50 16.71 -15.21
N PRO D 252 46.13 17.55 -14.37
CA PRO D 252 47.44 17.20 -13.78
C PRO D 252 47.40 15.99 -12.83
N HIS D 253 48.35 15.06 -13.02
CA HIS D 253 48.51 13.89 -12.16
C HIS D 253 48.34 14.19 -10.66
N GLU D 254 48.88 15.32 -10.19
CA GLU D 254 48.75 15.71 -8.80
C GLU D 254 47.26 15.86 -8.33
N ASN D 255 46.34 15.87 -9.29
CA ASN D 255 44.90 16.04 -9.02
C ASN D 255 44.13 14.70 -8.96
N LEU D 256 44.86 13.60 -9.21
CA LEU D 256 44.31 12.27 -9.06
C LEU D 256 44.17 12.06 -7.56
N LEU D 257 42.95 11.70 -7.14
CA LEU D 257 42.63 11.64 -5.71
C LEU D 257 43.34 10.47 -5.04
N CYS D 258 43.48 9.37 -5.75
CA CYS D 258 44.21 8.23 -5.23
C CYS D 258 44.48 7.32 -6.41
N THR D 259 45.13 6.20 -6.13
CA THR D 259 45.43 5.20 -7.15
C THR D 259 44.12 4.70 -7.70
N PRO D 260 44.01 4.67 -9.04
CA PRO D 260 42.82 4.06 -9.70
C PRO D 260 42.53 2.63 -9.24
N GLY D 261 41.25 2.29 -9.09
CA GLY D 261 40.87 0.95 -8.73
C GLY D 261 39.99 0.95 -7.52
N LEU D 262 40.00 -0.17 -6.80
CA LEU D 262 39.05 -0.46 -5.73
C LEU D 262 39.00 0.60 -4.63
N LYS D 263 40.13 1.26 -4.43
CA LYS D 263 40.21 2.34 -3.46
C LYS D 263 39.48 3.60 -3.97
N ALA D 264 39.50 3.83 -5.29
CA ALA D 264 38.72 4.88 -5.91
C ALA D 264 37.21 4.56 -5.80
N GLN D 265 36.85 3.34 -6.18
CA GLN D 265 35.47 2.90 -6.06
C GLN D 265 34.95 3.07 -4.61
N GLY D 266 35.78 2.66 -3.65
CA GLY D 266 35.41 2.66 -2.24
C GLY D 266 35.13 4.05 -1.71
N LEU D 267 35.88 5.02 -2.21
CA LEU D 267 35.66 6.43 -1.92
C LEU D 267 34.29 6.97 -2.39
N VAL D 268 33.91 6.68 -3.65
CA VAL D 268 32.61 7.00 -4.23
C VAL D 268 31.46 6.33 -3.46
N GLU D 269 31.61 5.03 -3.17
CA GLU D 269 30.61 4.24 -2.48
C GLU D 269 30.37 4.78 -1.08
N THR D 270 31.45 5.11 -0.40
CA THR D 270 31.38 5.62 0.96
C THR D 270 30.64 6.94 0.96
N ALA D 271 30.98 7.82 0.02
CA ALA D 271 30.38 9.14 -0.05
C ALA D 271 28.89 9.04 -0.34
N PHE D 272 28.51 8.17 -1.26
CA PHE D 272 27.12 8.00 -1.64
C PHE D 272 26.34 7.24 -0.59
N ALA D 273 27.03 6.50 0.27
CA ALA D 273 26.41 5.79 1.41
C ALA D 273 26.09 6.79 2.50
N MET D 274 27.01 7.72 2.70
CA MET D 274 26.74 8.82 3.62
C MET D 274 25.63 9.72 3.20
N SER D 275 25.65 10.16 1.95
CA SER D 275 24.54 10.95 1.40
C SER D 275 23.22 10.14 1.40
N ALA D 276 23.27 8.82 1.18
CA ALA D 276 22.07 7.99 1.20
C ALA D 276 21.33 8.13 2.53
N ALA D 277 22.08 8.11 3.63
CA ALA D 277 21.52 8.28 4.97
C ALA D 277 21.05 9.72 5.21
N LEU D 278 21.75 10.69 4.66
CA LEU D 278 21.42 12.09 4.93
C LEU D 278 20.31 12.66 4.06
N VAL D 279 20.13 12.05 2.89
CA VAL D 279 19.08 12.40 1.96
C VAL D 279 17.69 12.21 2.62
N GLY D 280 17.63 11.33 3.60
CA GLY D 280 16.43 11.09 4.36
C GLY D 280 15.99 12.29 5.17
N ALA D 281 16.95 13.12 5.58
CA ALA D 281 16.65 14.36 6.32
C ALA D 281 16.05 15.43 5.42
N MET D 282 16.45 15.40 4.16
CA MET D 282 15.88 16.26 3.14
C MET D 282 14.43 15.86 2.80
N ALA D 283 14.18 14.56 2.68
CA ALA D 283 12.82 14.01 2.51
C ALA D 283 11.96 14.33 3.73
N ILE D 284 12.51 14.11 4.93
CA ILE D 284 11.78 14.44 6.16
C ILE D 284 11.31 15.91 6.16
N GLY D 285 12.21 16.83 5.85
CA GLY D 285 11.88 18.26 5.79
C GLY D 285 10.73 18.62 4.84
N THR D 286 10.84 18.19 3.60
CA THR D 286 9.77 18.39 2.62
C THR D 286 8.42 17.84 3.12
N ALA D 287 8.39 16.57 3.53
CA ALA D 287 7.15 15.93 3.94
C ALA D 287 6.57 16.58 5.19
N ARG D 288 7.45 17.05 6.10
CA ARG D 288 7.03 17.66 7.36
C ARG D 288 6.37 19.00 7.10
N ALA D 289 6.88 19.74 6.12
CA ALA D 289 6.23 20.95 5.66
C ALA D 289 4.77 20.64 5.24
N ALA D 290 4.59 19.63 4.37
CA ALA D 290 3.28 19.12 3.93
C ALA D 290 2.45 18.71 5.12
N PHE D 291 2.97 17.84 5.97
CA PHE D 291 2.19 17.39 7.12
C PHE D 291 1.73 18.56 7.99
N GLU D 292 2.58 19.55 8.21
CA GLU D 292 2.24 20.67 9.10
C GLU D 292 1.29 21.67 8.45
N GLU D 293 1.44 21.91 7.15
CA GLU D 293 0.52 22.80 6.48
C GLU D 293 -0.90 22.21 6.54
N ALA D 294 -0.97 20.88 6.49
CA ALA D 294 -2.23 20.17 6.46
C ALA D 294 -2.83 20.06 7.86
N LEU D 295 -1.95 19.90 8.86
CA LEU D 295 -2.37 19.74 10.25
C LEU D 295 -2.98 21.05 10.75
N VAL D 296 -2.27 22.15 10.48
CA VAL D 296 -2.76 23.48 10.79
C VAL D 296 -4.13 23.67 10.17
N PHE D 297 -4.24 23.46 8.86
CA PHE D 297 -5.47 23.65 8.11
C PHE D 297 -6.56 22.78 8.72
N ALA D 298 -6.22 21.56 9.08
CA ALA D 298 -7.21 20.60 9.51
C ALA D 298 -7.80 21.01 10.85
N LYS D 299 -7.03 21.80 11.61
CA LYS D 299 -7.48 22.25 12.93
C LYS D 299 -7.95 23.70 12.93
N SER D 300 -8.02 24.31 11.76
CA SER D 300 -8.52 25.67 11.62
C SER D 300 -9.74 25.74 10.73
N ASP D 301 -9.91 24.75 9.83
CA ASP D 301 -10.97 24.81 8.81
C ASP D 301 -12.04 23.75 9.02
N THR D 302 -13.29 24.14 8.80
CA THR D 302 -14.44 23.22 8.91
C THR D 302 -14.96 22.79 7.51
N ARG D 303 -14.41 23.41 6.47
CA ARG D 303 -14.86 23.18 5.09
C ARG D 303 -16.39 23.20 4.96
N GLY D 304 -17.00 24.32 5.42
CA GLY D 304 -18.44 24.56 5.42
C GLY D 304 -19.26 23.69 6.35
N GLY D 305 -18.58 22.91 7.20
CA GLY D 305 -19.23 22.00 8.16
C GLY D 305 -19.40 22.67 9.52
N SER D 306 -19.70 21.89 10.54
CA SER D 306 -19.86 22.45 11.87
C SER D 306 -18.64 22.20 12.79
N LYS D 307 -17.77 21.26 12.41
CA LYS D 307 -16.57 20.96 13.20
C LYS D 307 -15.29 21.00 12.34
N HIS D 308 -14.15 21.29 12.96
CA HIS D 308 -12.86 21.36 12.25
C HIS D 308 -12.63 20.01 11.59
N ILE D 309 -12.08 20.01 10.38
CA ILE D 309 -12.00 18.74 9.63
C ILE D 309 -11.14 17.66 10.26
N ILE D 310 -10.22 18.01 11.17
CA ILE D 310 -9.46 17.00 11.93
C ILE D 310 -10.37 16.08 12.71
N GLU D 311 -11.60 16.52 12.89
CA GLU D 311 -12.58 15.81 13.70
C GLU D 311 -13.27 14.64 12.91
N HIS D 312 -13.09 14.63 11.59
CA HIS D 312 -13.55 13.51 10.76
C HIS D 312 -12.50 12.40 10.75
N GLN D 313 -12.89 11.17 11.10
CA GLN D 313 -11.94 10.03 11.17
C GLN D 313 -11.05 9.85 9.92
N SER D 314 -11.62 10.01 8.72
CA SER D 314 -10.84 9.86 7.49
C SER D 314 -9.70 10.87 7.38
N VAL D 315 -9.97 12.11 7.79
CA VAL D 315 -8.97 13.19 7.76
C VAL D 315 -7.87 12.87 8.78
N ALA D 316 -8.26 12.40 9.97
CA ALA D 316 -7.32 12.04 11.02
C ALA D 316 -6.44 10.88 10.61
N ASP D 317 -7.02 9.89 9.97
CA ASP D 317 -6.25 8.74 9.54
C ASP D 317 -5.10 9.16 8.61
N LYS D 318 -5.34 10.12 7.70
CA LYS D 318 -4.30 10.62 6.82
C LYS D 318 -3.12 11.24 7.61
N LEU D 319 -3.45 12.17 8.51
CA LEU D 319 -2.50 12.89 9.35
C LEU D 319 -1.74 11.97 10.29
N ILE D 320 -2.44 10.97 10.81
CA ILE D 320 -1.84 9.94 11.64
C ILE D 320 -0.79 9.19 10.80
N ASP D 321 -1.16 8.79 9.59
CA ASP D 321 -0.23 8.13 8.65
C ASP D 321 0.99 8.96 8.26
N CYS D 322 0.79 10.26 8.03
CA CYS D 322 1.88 11.20 7.75
C CYS D 322 2.84 11.28 8.91
N LYS D 323 2.28 11.40 10.12
CA LYS D 323 3.05 11.60 11.32
C LYS D 323 3.88 10.35 11.60
N ILE D 324 3.29 9.18 11.41
CA ILE D 324 3.97 7.91 11.65
C ILE D 324 5.15 7.74 10.68
N ARG D 325 4.92 8.16 9.44
CA ARG D 325 5.94 8.12 8.39
C ARG D 325 7.10 9.07 8.71
N LEU D 326 6.80 10.25 9.24
CA LEU D 326 7.81 11.24 9.58
C LEU D 326 8.64 10.85 10.80
N GLU D 327 7.98 10.26 11.79
CA GLU D 327 8.61 9.80 13.02
C GLU D 327 9.51 8.57 12.82
N THR D 328 8.99 7.55 12.13
CA THR D 328 9.79 6.40 11.80
C THR D 328 10.99 6.75 10.89
N SER D 329 10.77 7.64 9.92
CA SER D 329 11.83 8.14 9.04
C SER D 329 12.97 8.80 9.78
N ARG D 330 12.65 9.81 10.63
CA ARG D 330 13.62 10.53 11.43
C ARG D 330 14.44 9.61 12.32
N LEU D 331 13.76 8.69 13.02
CA LEU D 331 14.45 7.68 13.82
C LEU D 331 15.48 6.88 13.00
N LEU D 332 15.10 6.49 11.79
CA LEU D 332 15.94 5.67 10.92
C LEU D 332 17.17 6.44 10.46
N VAL D 333 16.96 7.71 10.10
CA VAL D 333 18.07 8.59 9.71
C VAL D 333 19.10 8.77 10.83
N TRP D 334 18.62 8.98 12.05
CA TRP D 334 19.51 9.12 13.21
C TRP D 334 20.22 7.82 13.50
N LYS D 335 19.47 6.73 13.41
CA LYS D 335 20.06 5.40 13.54
C LYS D 335 21.15 5.17 12.48
N ALA D 336 20.91 5.62 11.25
CA ALA D 336 21.79 5.27 10.15
C ALA D 336 23.07 6.09 10.22
N VAL D 337 22.97 7.35 10.64
CA VAL D 337 24.13 8.24 10.62
C VAL D 337 25.09 7.94 11.79
N THR D 338 24.46 7.55 12.89
CA THR D 338 25.02 7.02 14.11
C THR D 338 25.74 5.67 13.90
N THR D 339 25.15 4.80 13.07
CA THR D 339 25.75 3.56 12.68
C THR D 339 26.97 3.87 11.81
N LEU D 340 26.84 4.86 10.91
CA LEU D 340 27.93 5.24 10.02
C LEU D 340 29.13 5.77 10.79
N GLU D 341 28.87 6.45 11.91
CA GLU D 341 29.93 6.99 12.74
C GLU D 341 30.56 5.93 13.66
N ASP D 342 30.06 4.69 13.60
CA ASP D 342 30.50 3.68 14.55
C ASP D 342 31.69 2.88 14.04
N GLU D 343 32.85 3.14 14.63
CA GLU D 343 34.13 2.53 14.24
C GLU D 343 34.19 1.04 14.51
N ALA D 344 33.40 0.56 15.45
CA ALA D 344 33.38 -0.87 15.82
C ALA D 344 32.65 -1.74 14.82
N LEU D 345 32.05 -1.14 13.77
CA LEU D 345 31.23 -1.94 12.84
C LEU D 345 31.82 -2.03 11.44
N GLU D 346 31.63 -3.20 10.83
CA GLU D 346 32.08 -3.42 9.45
C GLU D 346 31.35 -2.56 8.45
N TRP D 347 31.99 -2.31 7.30
CA TRP D 347 31.38 -1.54 6.20
C TRP D 347 30.01 -2.08 5.71
N LYS D 348 29.93 -3.36 5.39
CA LYS D 348 28.67 -4.00 5.03
C LYS D 348 27.49 -3.59 5.94
N VAL D 349 27.74 -3.49 7.25
CA VAL D 349 26.69 -3.17 8.19
C VAL D 349 26.24 -1.72 8.02
N LYS D 350 27.21 -0.82 7.88
CA LYS D 350 26.90 0.58 7.63
C LYS D 350 26.19 0.75 6.28
N LEU D 351 26.66 0.05 5.26
CA LEU D 351 26.11 0.21 3.95
C LEU D 351 24.63 -0.20 3.95
N GLU D 352 24.36 -1.40 4.44
CA GLU D 352 22.99 -1.91 4.50
C GLU D 352 22.03 -0.93 5.21
N MET D 353 22.46 -0.42 6.36
CA MET D 353 21.63 0.48 7.13
C MET D 353 21.37 1.75 6.34
N ALA D 354 22.36 2.19 5.57
CA ALA D 354 22.19 3.45 4.80
C ALA D 354 21.28 3.23 3.61
N MET D 355 21.37 2.08 2.96
CA MET D 355 20.51 1.78 1.83
C MET D 355 19.06 1.81 2.26
N GLN D 356 18.73 1.10 3.34
CA GLN D 356 17.38 1.03 3.94
C GLN D 356 16.83 2.38 4.22
N THR D 357 17.71 3.20 4.81
CA THR D 357 17.34 4.54 5.20
C THR D 357 16.92 5.31 3.97
N LYS D 358 17.74 5.26 2.92
CA LYS D 358 17.43 6.02 1.71
C LYS D 358 16.12 5.53 1.10
N ILE D 359 15.98 4.22 0.96
CA ILE D 359 14.82 3.61 0.35
C ILE D 359 13.51 3.99 1.09
N TYR D 360 13.46 3.71 2.40
CA TYR D 360 12.29 3.94 3.22
C TYR D 360 11.88 5.41 3.24
N THR D 361 12.79 6.26 3.69
CA THR D 361 12.51 7.69 3.89
C THR D 361 12.04 8.37 2.62
N THR D 362 12.59 7.97 1.50
CA THR D 362 12.30 8.67 0.25
C THR D 362 10.96 8.22 -0.35
N ASP D 363 10.67 6.91 -0.34
CA ASP D 363 9.36 6.38 -0.77
C ASP D 363 8.19 6.91 0.06
N VAL D 364 8.38 6.86 1.37
CA VAL D 364 7.36 7.19 2.34
C VAL D 364 7.08 8.69 2.37
N ALA D 365 8.10 9.51 2.07
CA ALA D 365 7.87 10.98 2.04
C ALA D 365 6.89 11.38 0.95
N VAL D 366 7.01 10.74 -0.21
CA VAL D 366 6.07 10.92 -1.31
C VAL D 366 4.63 10.68 -0.86
N GLU D 367 4.37 9.52 -0.25
CA GLU D 367 3.06 9.18 0.33
C GLU D 367 2.56 10.23 1.31
N CYS D 368 3.48 10.71 2.15
CA CYS D 368 3.16 11.72 3.17
C CYS D 368 2.64 13.04 2.55
N VAL D 369 3.30 13.50 1.50
CA VAL D 369 2.84 14.68 0.78
C VAL D 369 1.47 14.46 0.06
N ILE D 370 1.27 13.27 -0.52
CA ILE D 370 0.04 13.02 -1.30
C ILE D 370 -1.15 12.94 -0.35
N ASP D 371 -0.94 12.31 0.81
CA ASP D 371 -1.97 12.15 1.85
C ASP D 371 -2.39 13.50 2.45
N ALA D 372 -1.40 14.35 2.71
CA ALA D 372 -1.62 15.71 3.19
C ALA D 372 -2.45 16.48 2.18
N MET D 373 -2.10 16.35 0.91
CA MET D 373 -2.88 16.98 -0.13
C MET D 373 -4.33 16.47 -0.15
N LYS D 374 -4.50 15.15 0.01
CA LYS D 374 -5.83 14.53 0.03
C LYS D 374 -6.66 15.01 1.22
N ALA D 375 -6.04 15.00 2.41
CA ALA D 375 -6.60 15.62 3.61
C ALA D 375 -7.09 17.08 3.42
N VAL D 376 -6.32 17.93 2.74
CA VAL D 376 -6.69 19.35 2.60
C VAL D 376 -7.78 19.51 1.55
N GLY D 377 -7.69 18.69 0.50
CA GLY D 377 -8.71 18.66 -0.53
C GLY D 377 -8.30 19.52 -1.67
N MET D 378 -9.28 20.04 -2.40
CA MET D 378 -9.04 20.79 -3.63
C MET D 378 -8.07 21.95 -3.42
N LYS D 379 -8.16 22.60 -2.25
CA LYS D 379 -7.34 23.80 -1.94
C LYS D 379 -5.83 23.54 -2.03
N SER D 380 -5.43 22.27 -1.88
CA SER D 380 -4.03 21.91 -1.92
C SER D 380 -3.40 21.98 -3.31
N TYR D 381 -4.26 22.10 -4.33
CA TYR D 381 -3.87 22.08 -5.77
C TYR D 381 -3.53 23.44 -6.39
N ALA D 382 -3.78 24.50 -5.64
CA ALA D 382 -3.57 25.88 -6.07
C ALA D 382 -2.28 26.48 -5.46
N LYS D 383 -1.53 27.24 -6.26
CA LYS D 383 -0.21 27.69 -5.84
C LYS D 383 -0.17 28.71 -4.73
N ASP D 384 -1.30 28.94 -4.06
CA ASP D 384 -1.28 29.76 -2.87
C ASP D 384 -1.23 28.88 -1.61
N MET D 385 -1.08 27.57 -1.83
CA MET D 385 -0.63 26.68 -0.76
C MET D 385 0.75 26.15 -1.19
N SER D 386 1.50 25.54 -0.28
CA SER D 386 2.85 25.01 -0.64
C SER D 386 2.83 23.73 -1.47
N PHE D 387 1.72 22.99 -1.37
CA PHE D 387 1.63 21.63 -1.88
C PHE D 387 2.07 21.46 -3.31
N PRO D 388 1.58 22.31 -4.24
CA PRO D 388 2.12 22.05 -5.57
C PRO D 388 3.66 22.00 -5.61
N ARG D 389 4.32 22.93 -4.88
CA ARG D 389 5.81 22.95 -4.78
C ARG D 389 6.33 21.67 -4.10
N LEU D 390 5.74 21.31 -2.97
CA LEU D 390 6.16 20.15 -2.20
C LEU D 390 6.05 18.82 -2.97
N LEU D 391 5.01 18.70 -3.79
CA LEU D 391 4.76 17.48 -4.53
C LEU D 391 5.81 17.27 -5.62
N ASN D 392 6.13 18.32 -6.37
CA ASN D 392 7.23 18.18 -7.34
C ASN D 392 8.59 17.93 -6.66
N GLU D 393 8.86 18.67 -5.57
CA GLU D 393 10.08 18.50 -4.81
C GLU D 393 10.26 17.10 -4.23
N VAL D 394 9.20 16.54 -3.64
CA VAL D 394 9.25 15.23 -3.01
C VAL D 394 9.53 14.07 -3.97
N MET D 395 8.98 14.13 -5.18
CA MET D 395 9.26 13.11 -6.20
C MET D 395 10.74 12.98 -6.68
N CYS D 396 11.56 13.98 -6.35
CA CYS D 396 12.99 13.92 -6.63
C CYS D 396 13.64 12.85 -5.78
N TYR D 397 13.25 12.75 -4.52
CA TYR D 397 14.02 11.98 -3.55
C TYR D 397 14.14 10.47 -3.84
N PRO D 398 13.01 9.77 -4.17
CA PRO D 398 13.19 8.35 -4.55
C PRO D 398 14.02 8.12 -5.80
N LEU D 399 14.02 9.09 -6.71
CA LEU D 399 14.76 8.99 -7.96
C LEU D 399 16.24 9.37 -7.89
N PHE D 400 16.59 10.37 -7.09
CA PHE D 400 17.93 10.95 -7.09
C PHE D 400 18.86 10.35 -6.02
N ASN D 401 20.08 10.91 -5.88
CA ASN D 401 21.16 10.32 -5.07
C ASN D 401 21.20 8.79 -5.15
N GLY D 402 21.13 8.25 -6.37
CA GLY D 402 21.00 6.81 -6.59
C GLY D 402 19.58 6.35 -6.33
N GLY D 403 18.81 6.15 -7.40
CA GLY D 403 17.42 5.71 -7.28
C GLY D 403 17.27 4.40 -6.55
N ASN D 404 16.11 4.25 -5.89
CA ASN D 404 15.82 3.09 -5.06
C ASN D 404 15.73 1.80 -5.87
N ILE D 405 15.15 1.86 -7.06
CA ILE D 405 14.85 0.65 -7.84
C ILE D 405 16.12 0.08 -8.49
N GLY D 406 16.91 0.97 -9.14
CA GLY D 406 18.06 0.53 -9.88
C GLY D 406 19.32 0.39 -9.06
N LEU D 407 19.45 1.23 -8.05
CA LEU D 407 20.71 1.31 -7.33
C LEU D 407 20.60 0.86 -5.88
N ARG D 408 19.85 1.59 -5.07
CA ARG D 408 19.88 1.33 -3.63
C ARG D 408 19.43 -0.09 -3.18
N ARG D 409 18.40 -0.63 -3.83
CA ARG D 409 17.86 -1.94 -3.48
C ARG D 409 18.82 -3.02 -3.95
N ARG D 410 19.48 -2.74 -5.08
CA ARG D 410 20.51 -3.59 -5.63
C ARG D 410 21.73 -3.68 -4.72
N GLN D 411 22.15 -2.54 -4.18
CA GLN D 411 23.23 -2.49 -3.22
C GLN D 411 22.91 -3.25 -1.93
N MET D 412 21.70 -3.04 -1.40
CA MET D 412 21.23 -3.75 -0.20
C MET D 412 21.02 -5.27 -0.41
N GLN D 413 20.42 -5.62 -1.56
CA GLN D 413 20.30 -6.99 -2.03
C GLN D 413 21.63 -7.71 -2.02
N ARG D 414 22.67 -7.04 -2.50
CA ARG D 414 23.99 -7.66 -2.62
C ARG D 414 24.63 -7.97 -1.27
N VAL D 415 24.52 -7.04 -0.33
CA VAL D 415 24.92 -7.22 1.08
C VAL D 415 24.14 -8.39 1.72
N MET D 416 22.81 -8.42 1.52
CA MET D 416 21.96 -9.47 2.09
C MET D 416 22.33 -10.84 1.53
N ALA D 417 22.85 -10.89 0.32
CA ALA D 417 23.19 -12.18 -0.31
C ALA D 417 24.55 -12.73 0.11
N LEU D 418 25.34 -11.95 0.85
CA LEU D 418 26.65 -12.37 1.32
C LEU D 418 26.51 -13.42 2.42
N GLU D 419 27.34 -14.46 2.36
CA GLU D 419 27.23 -15.58 3.29
C GLU D 419 27.36 -15.12 4.74
N ASP D 420 28.16 -14.10 4.98
CA ASP D 420 28.37 -13.62 6.36
C ASP D 420 27.51 -12.40 6.78
N TYR D 421 26.39 -12.20 6.09
CA TYR D 421 25.41 -11.14 6.40
C TYR D 421 24.77 -11.33 7.77
N GLU D 422 24.92 -10.31 8.61
CA GLU D 422 24.29 -10.28 9.92
C GLU D 422 23.23 -9.17 9.95
N PRO D 423 21.95 -9.55 9.81
CA PRO D 423 20.91 -8.52 9.71
C PRO D 423 20.82 -7.49 10.85
N TRP D 424 21.13 -7.87 12.09
CA TRP D 424 20.90 -7.01 13.28
C TRP D 424 22.19 -6.56 13.93
N ALA D 425 23.30 -6.76 13.21
CA ALA D 425 24.63 -6.34 13.64
C ALA D 425 24.70 -4.90 14.18
N ALA D 426 23.89 -3.99 13.64
CA ALA D 426 23.94 -2.55 14.01
C ALA D 426 23.11 -2.27 15.26
N THR D 427 22.39 -3.28 15.71
CA THR D 427 21.53 -3.18 16.87
C THR D 427 22.14 -4.00 18.00
N TYR D 428 22.42 -5.27 17.73
CA TYR D 428 22.83 -6.23 18.76
C TYR D 428 24.32 -6.60 18.72
N GLY D 429 25.07 -5.93 17.83
CA GLY D 429 26.49 -6.21 17.60
C GLY D 429 26.73 -7.47 16.77
N SER D 430 27.99 -7.66 16.35
CA SER D 430 28.41 -8.83 15.53
C SER D 430 28.64 -10.10 16.35
N SER D 431 28.17 -11.24 15.82
CA SER D 431 28.34 -12.55 16.44
C SER D 431 29.70 -13.18 16.09
N LYS D 432 30.77 -12.38 16.18
CA LYS D 432 32.13 -12.75 15.73
C LYS D 432 32.34 -12.30 14.30
PA FAD E . 8.47 -22.31 -6.27
O1A FAD E . 9.35 -23.01 -7.25
O2A FAD E . 8.12 -23.17 -5.07
O5B FAD E . 9.25 -20.98 -5.85
C5B FAD E . 8.96 -20.45 -4.59
C4B FAD E . 9.36 -19.01 -4.49
O4B FAD E . 10.71 -18.85 -4.91
C3B FAD E . 8.56 -18.06 -5.33
O3B FAD E . 7.37 -17.67 -4.71
C2B FAD E . 9.50 -16.89 -5.47
O2B FAD E . 9.47 -16.07 -4.32
C1B FAD E . 10.87 -17.57 -5.53
N9A FAD E . 11.35 -17.74 -6.92
C8A FAD E . 11.72 -18.95 -7.48
N7A FAD E . 12.09 -18.75 -8.75
C5A FAD E . 11.99 -17.44 -9.04
C6A FAD E . 12.27 -16.70 -10.20
N6A FAD E . 12.78 -17.28 -11.30
N1A FAD E . 12.06 -15.33 -10.18
C2A FAD E . 11.58 -14.71 -9.05
N3A FAD E . 11.30 -15.46 -7.92
C4A FAD E . 11.50 -16.79 -7.89
N1 FAD E . 0.50 -28.04 -8.31
C2 FAD E . 0.17 -28.89 -9.36
O2 FAD E . 1.05 -29.29 -10.13
N3 FAD E . -1.13 -29.29 -9.57
C4 FAD E . -2.13 -28.88 -8.70
O4 FAD E . -3.31 -29.23 -8.87
C4X FAD E . -1.79 -28.03 -7.64
N5 FAD E . -2.80 -27.57 -6.80
C5X FAD E . -2.48 -27.10 -5.56
C6 FAD E . -3.49 -26.95 -4.62
C7 FAD E . -3.18 -26.50 -3.35
C7M FAD E . -4.26 -26.38 -2.32
C8 FAD E . -1.86 -26.18 -3.05
C8M FAD E . -1.50 -25.71 -1.69
C9 FAD E . -0.85 -26.31 -4.00
C9A FAD E . -1.16 -26.77 -5.29
N10 FAD E . -0.18 -26.90 -6.28
C10 FAD E . -0.49 -27.61 -7.44
C1' FAD E . 1.12 -26.16 -6.17
C2' FAD E . 0.95 -24.71 -6.63
O2' FAD E . 0.46 -24.66 -7.95
C3' FAD E . 2.25 -23.92 -6.49
O3' FAD E . 2.02 -22.59 -6.92
C4' FAD E . 3.43 -24.59 -7.21
O4' FAD E . 4.01 -25.56 -6.38
C5' FAD E . 4.55 -23.63 -7.55
O5' FAD E . 4.85 -22.90 -6.37
P FAD E . 5.74 -21.56 -6.35
O1P FAD E . 5.00 -20.58 -7.24
O2P FAD E . 5.96 -21.07 -4.93
O3P FAD E . 7.14 -21.90 -7.04
N3 NIE F . -4.24 -25.60 -8.21
C1 NIE F . -6.66 -25.82 -7.99
C2 NIE F . -5.47 -24.86 -7.86
O4 NIE F . -3.13 -25.07 -8.32
O5 NIE F . -4.38 -26.80 -8.41
C1 GOL G . 2.87 -23.13 -13.69
O1 GOL G . 2.05 -22.53 -12.72
C2 GOL G . 2.54 -22.48 -15.02
O2 GOL G . 3.27 -21.27 -15.09
C3 GOL G . 2.95 -23.37 -16.19
O3 GOL G . 2.34 -22.84 -17.35
C1 GOL H . -20.95 -14.42 -22.17
O1 GOL H . -22.27 -14.49 -21.67
C2 GOL H . -20.26 -15.76 -22.00
O2 GOL H . -20.79 -16.44 -20.88
C3 GOL H . -18.77 -15.49 -21.77
O3 GOL H . -18.12 -16.64 -21.31
PA FAD I . -14.41 -3.16 19.85
O1A FAD I . -15.16 -2.36 20.87
O2A FAD I . -14.66 -4.64 19.93
O5B FAD I . -14.80 -2.56 18.40
C5B FAD I . -14.74 -3.45 17.28
C4B FAD I . -14.54 -2.68 15.97
O4B FAD I . -15.58 -1.76 15.79
C3B FAD I . -13.26 -1.84 15.95
O3B FAD I . -12.19 -2.59 15.44
C2B FAD I . -13.61 -0.72 15.01
O2B FAD I . -13.36 -1.09 13.68
C1B FAD I . -15.12 -0.57 15.18
N9A FAD I . -15.41 0.60 16.01
C8A FAD I . -16.09 0.62 17.21
N7A FAD I . -16.14 1.91 17.66
C5A FAD I . -15.49 2.70 16.81
C6A FAD I . -15.25 4.07 16.79
N6A FAD I . -15.63 4.82 17.79
N1A FAD I . -14.55 4.63 15.72
C2A FAD I . -14.08 3.80 14.72
N3A FAD I . -14.33 2.44 14.73
C4A FAD I . -15.02 1.89 15.75
N1 FAD I . -8.55 -7.23 26.87
C2 FAD I . -8.35 -6.87 28.20
O2 FAD I . -9.11 -6.06 28.75
N3 FAD I . -7.29 -7.38 28.94
C4 FAD I . -6.42 -8.27 28.35
O4 FAD I . -5.48 -8.73 29.03
C4X FAD I . -6.63 -8.65 26.99
N5 FAD I . -5.75 -9.54 26.34
C5X FAD I . -6.10 -10.16 25.16
C6 FAD I . -5.29 -11.19 24.67
C7 FAD I . -5.63 -11.84 23.49
C7M FAD I . -4.77 -12.98 22.98
C8 FAD I . -6.77 -11.44 22.79
C8M FAD I . -7.14 -12.13 21.50
C9 FAD I . -7.57 -10.39 23.27
C9A FAD I . -7.23 -9.73 24.47
N10 FAD I . -7.98 -8.65 25.00
C10 FAD I . -7.69 -8.12 26.25
C1' FAD I . -8.89 -7.88 24.09
C2' FAD I . -8.18 -6.75 23.35
O2' FAD I . -7.67 -5.77 24.21
C3' FAD I . -9.14 -6.06 22.41
O3' FAD I . -8.35 -5.08 21.76
C4' FAD I . -10.39 -5.44 23.09
O4' FAD I . -11.41 -6.43 23.16
C5' FAD I . -10.96 -4.27 22.32
O5' FAD I . -11.27 -4.70 21.01
P FAD I . -11.52 -3.72 19.74
O1P FAD I . -10.42 -2.71 19.69
O2P FAD I . -11.64 -4.60 18.51
O3P FAD I . -12.82 -2.79 19.97
N3 NIE J . -3.97 -7.22 25.75
C1 NIE J . -2.28 -8.94 26.49
C2 NIE J . -2.52 -7.54 25.88
O4 NIE J . -4.74 -7.98 25.21
O5 NIE J . -4.45 -6.16 26.14
C1 GOL K . -7.57 2.23 27.35
O1 GOL K . -7.35 3.62 27.55
C2 GOL K . -7.38 1.82 25.89
O2 GOL K . -7.76 2.82 24.99
C3 GOL K . -8.28 0.62 25.59
O3 GOL K . -7.51 -0.46 25.11
PA FAD L . -13.88 20.51 0.52
O1A FAD L . -15.27 20.92 1.01
O2A FAD L . -13.13 21.65 -0.15
O5B FAD L . -13.05 19.75 1.65
C5B FAD L . -11.66 19.55 1.51
C4B FAD L . -11.17 18.44 2.44
O4B FAD L . -11.79 18.54 3.71
C3B FAD L . -11.55 17.03 1.95
O3B FAD L . -10.69 16.45 1.02
C2B FAD L . -11.57 16.23 3.22
O2B FAD L . -10.28 15.69 3.45
C1B FAD L . -11.97 17.25 4.28
N9A FAD L . -13.39 17.06 4.64
C8A FAD L . -14.37 18.04 4.56
N7A FAD L . -15.54 17.49 4.98
C5A FAD L . -15.34 16.18 5.31
C6A FAD L . -16.19 15.16 5.75
N6A FAD L . -17.45 15.41 6.10
N1A FAD L . -15.67 13.92 5.99
C2A FAD L . -14.34 13.64 5.78
N3A FAD L . -13.53 14.65 5.33
C4A FAD L . -14.00 15.89 5.09
N1 FAD L . -16.36 22.44 -9.06
C2 FAD L . -17.59 22.77 -9.62
O2 FAD L . -18.54 23.10 -8.88
N3 FAD L . -17.77 22.71 -11.00
C4 FAD L . -16.72 22.35 -11.85
O4 FAD L . -16.87 22.30 -13.10
C4X FAD L . -15.47 22.05 -11.26
N5 FAD L . -14.39 21.66 -12.07
C5X FAD L . -13.11 21.70 -11.57
C6 FAD L . -12.03 21.66 -12.46
C7 FAD L . -10.71 21.69 -11.98
C7M FAD L . -9.58 21.64 -12.96
C8 FAD L . -10.51 21.80 -10.59
C8M FAD L . -9.13 21.88 -10.02
C9 FAD L . -11.60 21.84 -9.72
C9A FAD L . -12.92 21.78 -10.19
N10 FAD L . -14.02 21.82 -9.33
C10 FAD L . -15.28 22.09 -9.88
C1' FAD L . -13.84 21.65 -7.82
C2' FAD L . -13.92 20.18 -7.44
O2' FAD L . -15.17 19.64 -7.83
C3' FAD L . -13.70 19.87 -5.95
O3' FAD L . -13.67 18.48 -5.74
C4' FAD L . -14.73 20.51 -5.03
O4' FAD L . -14.39 21.84 -4.76
C5' FAD L . -14.79 19.75 -3.71
O5' FAD L . -13.59 19.87 -2.98
P FAD L . -13.26 18.85 -1.81
O1P FAD L . -13.71 17.43 -2.12
O2P FAD L . -11.81 18.90 -1.47
O3P FAD L . -14.14 19.30 -0.52
N3 NIE M . -15.19 18.96 -12.08
C1 NIE M . -15.10 18.32 -14.53
C2 NIE M . -14.42 19.01 -13.34
O4 NIE M . -14.63 18.98 -10.99
O5 NIE M . -16.41 18.94 -12.03
C1 GOL N . -22.78 16.31 -5.53
O1 GOL N . -23.61 15.17 -5.54
C2 GOL N . -21.33 15.88 -5.40
O2 GOL N . -21.05 15.03 -4.30
C3 GOL N . -20.42 17.10 -5.34
O3 GOL N . -19.14 16.63 -5.71
C1 GOL O . -23.22 1.08 -23.68
O1 GOL O . -22.68 2.23 -23.05
C2 GOL O . -22.34 0.65 -24.86
O2 GOL O . -22.29 1.64 -25.87
C3 GOL O . -22.85 -0.61 -25.52
O3 GOL O . -22.01 -0.88 -26.62
PA FAD P . 19.71 5.00 -14.02
O1A FAD P . 21.02 4.34 -14.38
O2A FAD P . 19.42 6.23 -14.86
O5B FAD P . 18.55 3.91 -14.32
C5B FAD P . 17.21 4.33 -14.43
C4B FAD P . 16.24 3.24 -14.04
O4B FAD P . 16.54 2.04 -14.75
C3B FAD P . 16.29 2.82 -12.58
O3B FAD P . 15.55 3.65 -11.73
C2B FAD P . 15.69 1.45 -12.64
O2B FAD P . 14.29 1.58 -12.68
C1B FAD P . 16.18 0.91 -13.96
N9A FAD P . 17.37 0.07 -13.79
C8A FAD P . 18.62 0.23 -14.36
N7A FAD P . 19.45 -0.76 -13.96
C5A FAD P . 18.75 -1.56 -13.13
C6A FAD P . 19.11 -2.73 -12.44
N6A FAD P . 20.33 -3.30 -12.55
N1A FAD P . 18.12 -3.34 -11.68
C2A FAD P . 16.85 -2.79 -11.58
N3A FAD P . 16.50 -1.65 -12.26
C4A FAD P . 17.44 -1.05 -13.01
N1 FAD P . 24.37 12.77 -9.82
C2 FAD P . 25.70 12.90 -9.48
O2 FAD P . 26.54 12.19 -10.04
N3 FAD P . 26.08 13.78 -8.51
C4 FAD P . 25.16 14.61 -7.88
O4 FAD P . 25.56 15.42 -7.02
C4X FAD P . 23.80 14.48 -8.23
N5 FAD P . 22.82 15.25 -7.61
C5X FAD P . 21.57 15.36 -8.18
C6 FAD P . 20.70 16.38 -7.79
C7 FAD P . 19.43 16.51 -8.36
C7M FAD P . 18.54 17.65 -7.91
C8 FAD P . 19.04 15.60 -9.34
C8M FAD P . 17.68 15.72 -9.97
C9 FAD P . 19.87 14.57 -9.73
C9A FAD P . 21.16 14.42 -9.15
N10 FAD P . 22.04 13.41 -9.52
C10 FAD P . 23.40 13.55 -9.20
C1' FAD P . 21.57 12.18 -10.25
C2' FAD P . 21.02 11.13 -9.28
O2' FAD P . 21.96 10.77 -8.29
C3' FAD P . 20.48 9.88 -9.97
O3' FAD P . 20.02 9.00 -8.98
C4' FAD P . 21.51 9.20 -10.89
O4' FAD P . 21.46 9.84 -12.17
C5' FAD P . 21.18 7.73 -11.11
O5' FAD P . 19.81 7.65 -11.49
P FAD P . 18.98 6.29 -11.46
O1P FAD P . 19.09 5.78 -10.05
O2P FAD P . 17.56 6.48 -11.93
O3P FAD P . 19.78 5.25 -12.41
N3 NIE Q . 22.55 13.42 -5.39
C1 NIE Q . 22.38 15.69 -4.22
C2 NIE Q . 22.75 14.20 -4.14
O4 NIE Q . 23.30 12.53 -5.76
O5 NIE Q . 21.58 13.62 -6.08
C1 GOL R . 27.45 4.75 -5.47
O1 GOL R . 27.91 3.86 -4.47
C2 GOL R . 25.90 4.77 -5.52
O2 GOL R . 25.41 3.45 -5.63
C3 GOL R . 25.44 5.62 -6.71
O3 GOL R . 24.22 6.28 -6.42
#